data_6B3N
#
_entry.id   6B3N
#
_entity_poly.entity_id   1
_entity_poly.type   'polypeptide(L)'
_entity_poly.pdbx_seq_one_letter_code
;MGSSHHHHHHSSGRENLYFQGMPVDLTPYILPGVSFLSDIPQETLSEIRNQTIRGEAQIRLGELMVSIRPMQVNGYFMGS
LNQDGLSNDNIQIGLQYIEHIERTLNHGSLTSREVTVLREIEMLENMDLLSNYQLEE
;
_entity_poly.pdbx_strand_id   A
#
# COMPACT_ATOMS: atom_id res chain seq x y z
N MET A 22 -14.05 5.85 -1.40
CA MET A 22 -14.42 4.75 -0.48
C MET A 22 -13.16 3.95 -0.09
N PRO A 23 -13.00 3.54 1.22
CA PRO A 23 -11.87 2.71 1.66
C PRO A 23 -12.11 1.23 1.29
N VAL A 24 -11.64 0.87 0.09
CA VAL A 24 -11.72 -0.51 -0.43
C VAL A 24 -10.87 -1.46 0.44
N ASP A 25 -11.54 -2.27 1.29
CA ASP A 25 -10.87 -3.25 2.15
C ASP A 25 -10.34 -4.42 1.30
N LEU A 26 -9.07 -4.78 1.53
CA LEU A 26 -8.41 -5.90 0.86
C LEU A 26 -7.86 -6.80 1.98
N THR A 27 -8.71 -7.72 2.49
CA THR A 27 -8.33 -8.69 3.52
C THR A 27 -8.95 -10.11 3.31
N PRO A 28 -9.15 -10.63 2.03
CA PRO A 28 -9.82 -11.93 1.83
C PRO A 28 -8.90 -13.13 2.16
N TYR A 29 -7.56 -12.94 1.97
CA TYR A 29 -6.56 -14.01 2.16
C TYR A 29 -5.37 -13.54 3.04
N ILE A 30 -5.61 -12.59 3.98
CA ILE A 30 -4.52 -12.03 4.83
C ILE A 30 -4.10 -13.00 5.96
N LEU A 31 -2.78 -13.23 6.04
CA LEU A 31 -2.13 -13.97 7.13
C LEU A 31 -1.45 -12.92 8.05
N PRO A 32 -2.14 -12.39 9.12
CA PRO A 32 -1.67 -11.21 9.87
C PRO A 32 -0.44 -11.56 10.76
N GLY A 33 0.75 -11.47 10.15
CA GLY A 33 1.99 -11.86 10.82
C GLY A 33 3.14 -12.14 9.85
N VAL A 34 2.83 -12.27 8.55
CA VAL A 34 3.84 -12.55 7.49
C VAL A 34 3.88 -11.42 6.44
N SER A 35 5.02 -11.31 5.73
CA SER A 35 5.23 -10.29 4.70
C SER A 35 4.44 -10.61 3.41
N PHE A 36 4.37 -11.92 3.07
CA PHE A 36 3.68 -12.39 1.85
C PHE A 36 2.17 -12.47 2.06
N LEU A 37 1.44 -12.53 0.94
CA LEU A 37 0.00 -12.79 0.93
C LEU A 37 -0.21 -14.17 0.27
N SER A 38 -1.31 -14.85 0.63
CA SER A 38 -1.67 -16.16 0.08
C SER A 38 -1.81 -16.09 -1.46
N ASP A 39 -2.73 -15.22 -1.93
CA ASP A 39 -2.91 -14.93 -3.37
C ASP A 39 -3.95 -13.80 -3.52
N ILE A 40 -3.57 -12.64 -4.07
CA ILE A 40 -4.49 -11.48 -4.23
C ILE A 40 -5.22 -11.55 -5.59
N PRO A 41 -6.55 -11.26 -5.65
CA PRO A 41 -7.25 -10.98 -6.92
C PRO A 41 -6.59 -9.76 -7.64
N GLN A 42 -6.03 -10.02 -8.84
CA GLN A 42 -5.33 -8.99 -9.65
C GLN A 42 -6.31 -7.89 -10.12
N GLU A 43 -7.59 -8.27 -10.23
CA GLU A 43 -8.70 -7.36 -10.57
C GLU A 43 -8.86 -6.25 -9.51
N THR A 44 -8.44 -6.54 -8.27
CA THR A 44 -8.41 -5.55 -7.19
C THR A 44 -7.30 -4.53 -7.45
N LEU A 45 -6.07 -5.00 -7.78
CA LEU A 45 -4.92 -4.09 -8.11
C LEU A 45 -5.29 -3.16 -9.27
N SER A 46 -6.11 -3.67 -10.21
CA SER A 46 -6.65 -2.90 -11.32
C SER A 46 -7.52 -1.72 -10.82
N GLU A 47 -8.50 -2.02 -9.92
CA GLU A 47 -9.43 -1.00 -9.40
C GLU A 47 -8.67 0.04 -8.54
N ILE A 48 -7.63 -0.43 -7.78
CA ILE A 48 -6.75 0.44 -6.95
C ILE A 48 -6.08 1.50 -7.83
N ARG A 49 -5.45 1.02 -8.93
CA ARG A 49 -4.72 1.88 -9.89
C ARG A 49 -5.64 2.93 -10.54
N ASN A 50 -6.94 2.63 -10.65
CA ASN A 50 -7.94 3.54 -11.26
C ASN A 50 -8.37 4.65 -10.27
N GLN A 51 -8.59 4.27 -8.99
CA GLN A 51 -9.04 5.21 -7.93
C GLN A 51 -7.87 6.08 -7.39
N THR A 52 -6.61 5.62 -7.52
CA THR A 52 -5.43 6.47 -7.21
C THR A 52 -5.38 7.74 -8.11
N ILE A 53 -5.94 7.61 -9.33
CA ILE A 53 -6.04 8.72 -10.31
C ILE A 53 -7.01 9.83 -9.82
N ARG A 54 -7.96 9.43 -8.94
CA ARG A 54 -8.90 10.37 -8.26
C ARG A 54 -8.12 11.29 -7.27
N GLY A 55 -6.90 10.85 -6.91
CA GLY A 55 -5.99 11.59 -6.04
C GLY A 55 -5.76 10.92 -4.69
N GLU A 56 -6.70 10.06 -4.26
CA GLU A 56 -6.51 9.17 -3.10
C GLU A 56 -7.21 7.82 -3.33
N ALA A 57 -6.59 6.74 -2.83
CA ALA A 57 -7.20 5.40 -2.77
C ALA A 57 -6.86 4.75 -1.42
N GLN A 58 -7.85 4.67 -0.53
CA GLN A 58 -7.67 4.06 0.81
C GLN A 58 -7.95 2.55 0.74
N ILE A 59 -6.95 1.74 1.12
CA ILE A 59 -7.08 0.28 1.21
C ILE A 59 -7.00 -0.11 2.70
N ARG A 60 -7.96 -0.90 3.18
CA ARG A 60 -7.94 -1.42 4.55
C ARG A 60 -7.50 -2.89 4.53
N LEU A 61 -6.25 -3.15 4.95
CA LEU A 61 -5.77 -4.53 5.17
C LEU A 61 -6.34 -5.05 6.50
N GLY A 62 -7.66 -5.26 6.52
CA GLY A 62 -8.40 -5.54 7.74
C GLY A 62 -8.44 -4.31 8.66
N GLU A 63 -7.59 -4.32 9.68
CA GLU A 63 -7.46 -3.25 10.67
C GLU A 63 -6.33 -2.26 10.30
N LEU A 64 -5.43 -2.69 9.39
CA LEU A 64 -4.27 -1.89 8.96
C LEU A 64 -4.75 -0.87 7.90
N MET A 65 -4.76 0.43 8.23
CA MET A 65 -5.22 1.46 7.30
C MET A 65 -4.06 1.88 6.38
N VAL A 66 -4.28 1.78 5.06
CA VAL A 66 -3.29 2.08 4.01
C VAL A 66 -3.88 3.13 3.06
N SER A 67 -3.02 3.94 2.42
CA SER A 67 -3.43 5.00 1.49
C SER A 67 -2.47 5.03 0.27
N ILE A 68 -2.91 4.42 -0.85
CA ILE A 68 -2.16 4.43 -2.13
C ILE A 68 -2.58 5.68 -2.94
N ARG A 69 -1.63 6.58 -3.26
CA ARG A 69 -1.90 7.76 -4.12
C ARG A 69 -0.58 8.34 -4.69
N PRO A 70 -0.55 8.74 -6.01
CA PRO A 70 0.64 9.36 -6.62
C PRO A 70 0.73 10.86 -6.29
N MET A 71 1.36 11.14 -5.14
CA MET A 71 1.59 12.51 -4.69
C MET A 71 2.67 13.16 -5.59
N GLN A 72 2.22 14.01 -6.54
CA GLN A 72 3.07 14.56 -7.60
C GLN A 72 3.95 15.71 -7.08
N VAL A 73 5.00 15.31 -6.34
CA VAL A 73 6.08 16.18 -5.83
C VAL A 73 7.40 15.38 -5.86
N ASN A 74 7.28 14.09 -5.44
CA ASN A 74 8.35 13.08 -5.41
C ASN A 74 7.74 11.79 -4.82
N GLY A 75 7.47 10.81 -5.69
CA GLY A 75 6.94 9.51 -5.24
C GLY A 75 5.82 9.00 -6.14
N TYR A 76 5.91 7.71 -6.49
CA TYR A 76 4.86 6.99 -7.28
C TYR A 76 3.79 6.41 -6.32
N PHE A 77 2.69 5.86 -6.89
CA PHE A 77 1.59 5.27 -6.10
C PHE A 77 1.90 3.79 -5.78
N MET A 78 2.07 3.53 -4.48
CA MET A 78 2.46 2.23 -3.92
C MET A 78 2.13 2.22 -2.40
N GLY A 79 2.48 1.12 -1.72
CA GLY A 79 2.12 0.90 -0.30
C GLY A 79 2.59 2.01 0.66
N SER A 80 1.65 2.80 1.20
CA SER A 80 1.92 3.84 2.21
C SER A 80 1.00 3.59 3.43
N LEU A 81 1.60 3.09 4.53
CA LEU A 81 0.88 2.70 5.77
C LEU A 81 0.50 3.98 6.56
N ASN A 82 -0.82 4.17 6.74
CA ASN A 82 -1.37 5.28 7.55
C ASN A 82 -1.21 4.93 9.05
N GLN A 83 -0.08 5.38 9.62
CA GLN A 83 0.34 5.12 11.02
C GLN A 83 -0.50 5.91 12.04
N ASP A 84 -1.29 6.88 11.54
CA ASP A 84 -2.18 7.72 12.37
C ASP A 84 -3.24 6.86 13.09
N GLY A 85 -3.21 6.87 14.44
CA GLY A 85 -4.22 6.18 15.26
C GLY A 85 -3.92 4.71 15.51
N LEU A 86 -2.86 4.17 14.88
CA LEU A 86 -2.51 2.74 14.99
C LEU A 86 -1.74 2.40 16.28
N SER A 87 -1.48 1.09 16.45
CA SER A 87 -0.69 0.53 17.55
C SER A 87 0.60 -0.09 16.96
N ASN A 88 1.56 -0.49 17.84
CA ASN A 88 2.92 -0.95 17.42
C ASN A 88 2.85 -2.12 16.43
N ASP A 89 1.98 -3.11 16.73
CA ASP A 89 1.78 -4.30 15.88
C ASP A 89 1.16 -3.95 14.53
N ASN A 90 0.28 -2.94 14.52
CA ASN A 90 -0.38 -2.46 13.28
C ASN A 90 0.64 -1.80 12.33
N ILE A 91 1.65 -1.15 12.92
CA ILE A 91 2.77 -0.58 12.19
C ILE A 91 3.61 -1.69 11.51
N GLN A 92 3.89 -2.77 12.29
CA GLN A 92 4.79 -3.86 11.86
C GLN A 92 4.15 -4.74 10.77
N ILE A 93 2.94 -5.28 11.07
CA ILE A 93 2.15 -6.07 10.10
C ILE A 93 1.78 -5.18 8.88
N GLY A 94 1.63 -3.87 9.15
CA GLY A 94 1.44 -2.88 8.11
C GLY A 94 2.61 -2.81 7.13
N LEU A 95 3.84 -2.56 7.63
CA LEU A 95 5.01 -2.25 6.78
C LEU A 95 5.52 -3.49 6.01
N GLN A 96 5.28 -4.71 6.54
CA GLN A 96 5.64 -5.98 5.85
C GLN A 96 4.66 -6.24 4.68
N TYR A 97 3.38 -5.90 4.91
CA TYR A 97 2.35 -5.98 3.86
C TYR A 97 2.44 -4.79 2.89
N ILE A 98 2.99 -3.66 3.35
CA ILE A 98 3.19 -2.48 2.52
C ILE A 98 4.31 -2.74 1.50
N GLU A 99 5.44 -3.31 1.97
CA GLU A 99 6.59 -3.63 1.08
C GLU A 99 6.20 -4.68 0.05
N HIS A 100 5.25 -5.57 0.44
CA HIS A 100 4.58 -6.49 -0.49
C HIS A 100 3.78 -5.69 -1.56
N ILE A 101 2.89 -4.80 -1.08
CA ILE A 101 1.98 -3.99 -1.93
C ILE A 101 2.75 -3.05 -2.90
N GLU A 102 3.92 -2.56 -2.47
CA GLU A 102 4.75 -1.63 -3.29
C GLU A 102 5.23 -2.33 -4.59
N ARG A 103 5.58 -3.60 -4.45
CA ARG A 103 5.96 -4.47 -5.59
C ARG A 103 4.72 -4.96 -6.37
N THR A 104 3.59 -5.16 -5.67
CA THR A 104 2.35 -5.73 -6.26
C THR A 104 1.56 -4.66 -7.08
N LEU A 105 1.75 -3.38 -6.72
CA LEU A 105 1.08 -2.22 -7.38
C LEU A 105 1.74 -1.94 -8.75
N ASN A 106 3.04 -2.28 -8.84
CA ASN A 106 3.85 -2.15 -10.07
C ASN A 106 4.73 -3.41 -10.21
N HIS A 107 4.18 -4.45 -10.86
CA HIS A 107 4.77 -5.81 -10.90
C HIS A 107 6.18 -5.81 -11.56
N GLY A 108 7.22 -5.99 -10.73
CA GLY A 108 8.61 -6.12 -11.20
C GLY A 108 9.23 -4.81 -11.71
N SER A 109 8.54 -3.68 -11.46
CA SER A 109 8.95 -2.37 -11.96
C SER A 109 10.05 -1.78 -11.06
N LEU A 110 9.68 -1.45 -9.80
CA LEU A 110 10.60 -0.81 -8.84
C LEU A 110 10.26 -1.22 -7.40
N THR A 111 11.22 -1.02 -6.50
CA THR A 111 11.06 -1.26 -5.06
C THR A 111 10.84 0.08 -4.31
N SER A 112 10.66 -0.02 -2.97
CA SER A 112 10.44 1.13 -2.09
C SER A 112 11.62 2.13 -2.17
N ARG A 113 12.82 1.58 -1.96
CA ARG A 113 14.08 2.34 -1.88
C ARG A 113 14.45 2.94 -3.26
N GLU A 114 14.00 2.27 -4.34
CA GLU A 114 14.25 2.70 -5.74
C GLU A 114 13.66 4.10 -5.99
N VAL A 115 12.53 4.37 -5.32
CA VAL A 115 11.85 5.68 -5.36
C VAL A 115 12.37 6.61 -4.26
N THR A 116 12.63 6.03 -3.06
CA THR A 116 13.02 6.80 -1.86
C THR A 116 14.34 7.56 -2.06
N VAL A 117 15.29 6.93 -2.79
CA VAL A 117 16.62 7.51 -3.07
C VAL A 117 16.51 8.84 -3.84
N LEU A 118 15.43 9.01 -4.65
CA LEU A 118 15.15 10.27 -5.37
C LEU A 118 15.00 11.44 -4.36
N ARG A 119 14.33 11.15 -3.24
CA ARG A 119 14.14 12.12 -2.13
C ARG A 119 15.37 12.17 -1.19
N GLU A 120 16.01 11.00 -1.01
CA GLU A 120 17.01 10.78 0.07
C GLU A 120 18.37 11.45 -0.24
N ILE A 121 18.78 11.39 -1.52
CA ILE A 121 20.09 11.91 -1.99
C ILE A 121 20.23 13.45 -1.80
N MET A 22 -13.87 6.67 -0.07
CA MET A 22 -14.41 5.44 0.56
C MET A 22 -13.31 4.35 0.61
N PRO A 23 -13.09 3.68 1.79
CA PRO A 23 -12.03 2.68 1.95
C PRO A 23 -12.43 1.28 1.43
N VAL A 24 -11.72 0.81 0.39
CA VAL A 24 -11.92 -0.52 -0.22
C VAL A 24 -11.32 -1.63 0.69
N ASP A 25 -12.20 -2.47 1.25
CA ASP A 25 -11.79 -3.63 2.08
C ASP A 25 -11.15 -4.72 1.18
N LEU A 26 -10.01 -5.25 1.65
CA LEU A 26 -9.18 -6.23 0.93
C LEU A 26 -8.70 -7.23 1.99
N THR A 27 -9.44 -8.34 2.17
CA THR A 27 -9.08 -9.43 3.10
C THR A 27 -9.59 -10.83 2.63
N PRO A 28 -9.27 -11.28 1.38
CA PRO A 28 -9.67 -12.62 0.89
C PRO A 28 -8.70 -13.74 1.33
N TYR A 29 -7.39 -13.41 1.46
CA TYR A 29 -6.32 -14.40 1.69
C TYR A 29 -5.44 -14.05 2.90
N ILE A 30 -5.79 -12.97 3.66
CA ILE A 30 -4.84 -12.34 4.62
C ILE A 30 -4.23 -13.30 5.66
N LEU A 31 -2.90 -13.34 5.65
CA LEU A 31 -2.06 -14.07 6.60
C LEU A 31 -1.58 -13.03 7.66
N PRO A 32 -2.27 -12.90 8.83
CA PRO A 32 -2.16 -11.71 9.72
C PRO A 32 -0.92 -11.70 10.65
N GLY A 33 0.24 -12.13 10.12
CA GLY A 33 1.50 -12.07 10.86
C GLY A 33 2.73 -12.26 9.97
N VAL A 34 2.59 -11.98 8.66
CA VAL A 34 3.70 -12.09 7.68
C VAL A 34 3.81 -10.81 6.83
N SER A 35 4.81 -10.79 5.92
CA SER A 35 5.04 -9.67 4.99
C SER A 35 4.31 -9.89 3.67
N PHE A 36 4.49 -11.10 3.13
CA PHE A 36 3.94 -11.50 1.83
C PHE A 36 2.45 -11.89 1.95
N LEU A 37 1.88 -12.36 0.83
CA LEU A 37 0.55 -12.98 0.82
C LEU A 37 0.56 -14.15 -0.17
N SER A 38 -0.51 -14.97 -0.15
CA SER A 38 -0.70 -16.06 -1.12
C SER A 38 -0.65 -15.49 -2.55
N ASP A 39 -1.62 -14.61 -2.89
CA ASP A 39 -1.67 -13.90 -4.17
C ASP A 39 -2.87 -12.94 -4.15
N ILE A 40 -2.61 -11.63 -4.00
CA ILE A 40 -3.65 -10.57 -4.00
C ILE A 40 -4.37 -10.54 -5.37
N PRO A 41 -5.75 -10.58 -5.42
CA PRO A 41 -6.51 -10.59 -6.69
C PRO A 41 -6.14 -9.38 -7.60
N GLN A 42 -5.64 -9.66 -8.83
CA GLN A 42 -5.16 -8.63 -9.78
C GLN A 42 -6.28 -7.65 -10.18
N GLU A 43 -7.54 -8.14 -10.09
CA GLU A 43 -8.75 -7.32 -10.30
C GLU A 43 -8.83 -6.18 -9.27
N THR A 44 -8.40 -6.47 -8.03
CA THR A 44 -8.36 -5.46 -6.95
C THR A 44 -7.22 -4.45 -7.17
N LEU A 45 -6.05 -4.89 -7.68
CA LEU A 45 -4.94 -3.95 -8.03
C LEU A 45 -5.37 -3.01 -9.18
N SER A 46 -6.26 -3.51 -10.05
CA SER A 46 -6.86 -2.72 -11.13
C SER A 46 -7.89 -1.70 -10.56
N GLU A 47 -8.60 -2.13 -9.49
CA GLU A 47 -9.53 -1.25 -8.73
C GLU A 47 -8.74 -0.08 -8.11
N ILE A 48 -7.64 -0.40 -7.41
CA ILE A 48 -6.74 0.58 -6.76
C ILE A 48 -6.17 1.57 -7.80
N ARG A 49 -5.88 1.02 -9.00
CA ARG A 49 -5.33 1.79 -10.14
C ARG A 49 -6.30 2.92 -10.56
N ASN A 50 -7.62 2.66 -10.44
CA ASN A 50 -8.68 3.64 -10.77
C ASN A 50 -8.80 4.73 -9.66
N GLN A 51 -8.67 4.31 -8.39
CA GLN A 51 -8.84 5.20 -7.21
C GLN A 51 -7.64 6.15 -7.07
N THR A 52 -6.47 5.68 -7.51
CA THR A 52 -5.24 6.50 -7.54
C THR A 52 -5.34 7.62 -8.61
N ILE A 53 -6.13 7.37 -9.68
CA ILE A 53 -6.45 8.41 -10.68
C ILE A 53 -7.34 9.50 -10.04
N ARG A 54 -8.23 9.08 -9.12
CA ARG A 54 -9.08 10.00 -8.32
C ARG A 54 -8.18 10.82 -7.33
N GLY A 55 -6.97 10.29 -7.07
CA GLY A 55 -5.94 10.98 -6.28
C GLY A 55 -5.68 10.32 -4.94
N GLU A 56 -6.66 9.53 -4.46
CA GLU A 56 -6.57 8.83 -3.17
C GLU A 56 -7.20 7.44 -3.26
N ALA A 57 -6.40 6.40 -3.02
CA ALA A 57 -6.88 5.02 -2.84
C ALA A 57 -6.64 4.60 -1.39
N GLN A 58 -7.72 4.43 -0.61
CA GLN A 58 -7.63 3.98 0.80
C GLN A 58 -8.03 2.51 0.87
N ILE A 59 -7.05 1.65 1.21
CA ILE A 59 -7.23 0.20 1.31
C ILE A 59 -7.36 -0.18 2.78
N ARG A 60 -8.12 -1.24 3.03
CA ARG A 60 -8.35 -1.79 4.36
C ARG A 60 -8.00 -3.27 4.36
N LEU A 61 -6.72 -3.56 4.63
CA LEU A 61 -6.24 -4.93 4.85
C LEU A 61 -6.78 -5.41 6.21
N GLY A 62 -8.07 -5.79 6.22
CA GLY A 62 -8.81 -6.02 7.45
C GLY A 62 -8.97 -4.71 8.24
N GLU A 63 -8.14 -4.56 9.28
CA GLU A 63 -8.13 -3.36 10.14
C GLU A 63 -6.96 -2.43 9.76
N LEU A 64 -5.95 -2.96 9.03
CA LEU A 64 -4.77 -2.18 8.60
C LEU A 64 -5.21 -1.16 7.53
N MET A 65 -5.18 0.15 7.87
CA MET A 65 -5.57 1.20 6.92
C MET A 65 -4.35 1.64 6.09
N VAL A 66 -4.35 1.27 4.82
CA VAL A 66 -3.33 1.66 3.83
C VAL A 66 -3.88 2.85 3.00
N SER A 67 -2.97 3.67 2.44
CA SER A 67 -3.33 4.80 1.56
C SER A 67 -2.33 4.88 0.39
N ILE A 68 -2.74 4.33 -0.75
CA ILE A 68 -1.97 4.38 -2.00
C ILE A 68 -2.36 5.65 -2.78
N ARG A 69 -1.47 6.66 -2.77
CA ARG A 69 -1.75 7.98 -3.38
C ARG A 69 -0.58 8.39 -4.30
N PRO A 70 -0.85 8.78 -5.60
CA PRO A 70 0.22 9.16 -6.56
C PRO A 70 0.96 10.45 -6.13
N MET A 71 2.24 10.28 -5.74
CA MET A 71 3.10 11.40 -5.32
C MET A 71 3.45 12.24 -6.56
N GLN A 72 2.81 13.42 -6.69
CA GLN A 72 2.82 14.26 -7.90
C GLN A 72 4.24 14.77 -8.25
N VAL A 73 4.91 15.40 -7.26
CA VAL A 73 6.24 15.99 -7.44
C VAL A 73 7.32 14.90 -7.21
N ASN A 74 7.55 14.09 -8.28
CA ASN A 74 8.55 12.99 -8.31
C ASN A 74 8.09 11.79 -7.43
N GLY A 75 8.43 10.57 -7.88
CA GLY A 75 8.07 9.32 -7.19
C GLY A 75 6.95 8.57 -7.88
N TYR A 76 6.07 7.96 -7.07
CA TYR A 76 4.93 7.12 -7.54
C TYR A 76 3.96 6.85 -6.39
N PHE A 77 2.86 6.10 -6.66
CA PHE A 77 1.97 5.61 -5.60
C PHE A 77 2.50 4.28 -5.07
N MET A 78 2.61 4.19 -3.74
CA MET A 78 3.19 3.04 -3.04
C MET A 78 2.60 2.92 -1.63
N GLY A 79 3.05 1.88 -0.91
CA GLY A 79 2.54 1.56 0.42
C GLY A 79 2.78 2.67 1.43
N SER A 80 1.70 3.34 1.87
CA SER A 80 1.71 4.31 2.98
C SER A 80 0.70 3.84 4.05
N LEU A 81 1.22 3.17 5.09
CA LEU A 81 0.41 2.68 6.22
C LEU A 81 0.06 3.87 7.12
N ASN A 82 -1.25 4.13 7.31
CA ASN A 82 -1.76 5.20 8.20
C ASN A 82 -1.48 4.81 9.66
N GLN A 83 -0.26 5.14 10.11
CA GLN A 83 0.30 4.73 11.42
C GLN A 83 0.26 5.88 12.43
N ASP A 84 -0.62 6.88 12.16
CA ASP A 84 -0.83 8.04 13.03
C ASP A 84 -1.49 7.58 14.36
N GLY A 85 -0.64 7.35 15.38
CA GLY A 85 -1.08 6.92 16.71
C GLY A 85 -1.67 5.51 16.76
N LEU A 86 -1.41 4.71 15.71
CA LEU A 86 -1.95 3.35 15.57
C LEU A 86 -1.21 2.38 16.52
N SER A 87 -1.84 1.25 16.86
CA SER A 87 -1.21 0.18 17.67
C SER A 87 0.04 -0.37 16.96
N ASN A 88 1.17 -0.49 17.71
CA ASN A 88 2.48 -0.94 17.16
C ASN A 88 2.38 -2.32 16.48
N ASP A 89 1.41 -3.12 16.94
CA ASP A 89 1.04 -4.42 16.34
C ASP A 89 0.62 -4.23 14.86
N ASN A 90 -0.36 -3.33 14.65
CA ASN A 90 -0.93 -3.04 13.32
C ASN A 90 0.05 -2.25 12.44
N ILE A 91 0.96 -1.50 13.09
CA ILE A 91 2.04 -0.79 12.39
C ILE A 91 3.07 -1.80 11.85
N GLN A 92 3.38 -2.85 12.65
CA GLN A 92 4.32 -3.91 12.26
C GLN A 92 3.76 -4.70 11.07
N ILE A 93 2.57 -5.30 11.26
CA ILE A 93 1.88 -6.12 10.23
C ILE A 93 1.60 -5.27 8.97
N GLY A 94 1.32 -3.98 9.21
CA GLY A 94 1.07 -3.00 8.16
C GLY A 94 2.30 -2.74 7.29
N LEU A 95 3.45 -2.37 7.89
CA LEU A 95 4.68 -1.97 7.14
C LEU A 95 5.27 -3.17 6.37
N GLN A 96 5.02 -4.40 6.90
CA GLN A 96 5.37 -5.66 6.24
C GLN A 96 4.57 -5.79 4.93
N TYR A 97 3.24 -5.61 5.04
CA TYR A 97 2.33 -5.65 3.90
C TYR A 97 2.52 -4.43 2.98
N ILE A 98 3.04 -3.32 3.51
CA ILE A 98 3.24 -2.06 2.74
C ILE A 98 4.37 -2.22 1.72
N GLU A 99 5.47 -2.87 2.15
CA GLU A 99 6.59 -3.16 1.25
C GLU A 99 6.15 -4.21 0.22
N HIS A 100 5.17 -5.05 0.63
CA HIS A 100 4.54 -6.05 -0.24
C HIS A 100 3.59 -5.40 -1.28
N ILE A 101 2.87 -4.33 -0.91
CA ILE A 101 1.90 -3.67 -1.82
C ILE A 101 2.65 -2.85 -2.91
N GLU A 102 3.70 -2.13 -2.50
CA GLU A 102 4.43 -1.21 -3.41
C GLU A 102 5.15 -1.99 -4.54
N ARG A 103 5.72 -3.17 -4.19
CA ARG A 103 6.43 -4.05 -5.15
C ARG A 103 5.44 -4.70 -6.14
N THR A 104 4.17 -4.84 -5.69
CA THR A 104 3.07 -5.39 -6.50
C THR A 104 2.53 -4.33 -7.51
N LEU A 105 2.58 -3.05 -7.11
CA LEU A 105 2.07 -1.93 -7.93
C LEU A 105 3.15 -1.36 -8.87
N ASN A 106 4.42 -1.58 -8.52
CA ASN A 106 5.57 -1.05 -9.28
C ASN A 106 5.93 -2.01 -10.43
N HIS A 107 5.36 -1.76 -11.62
CA HIS A 107 5.73 -2.46 -12.88
C HIS A 107 6.25 -1.44 -13.92
N GLY A 108 6.56 -0.21 -13.47
CA GLY A 108 7.08 0.84 -14.35
C GLY A 108 8.61 0.83 -14.42
N SER A 109 9.17 1.80 -15.17
CA SER A 109 10.63 2.00 -15.25
C SER A 109 11.09 2.84 -14.03
N LEU A 110 10.97 2.22 -12.86
CA LEU A 110 11.14 2.87 -11.54
C LEU A 110 11.49 1.78 -10.51
N THR A 111 12.31 2.15 -9.53
CA THR A 111 12.71 1.28 -8.40
C THR A 111 12.34 1.98 -7.07
N SER A 112 12.00 1.17 -6.05
CA SER A 112 11.55 1.65 -4.73
C SER A 112 12.59 2.59 -4.07
N ARG A 113 13.88 2.15 -4.04
CA ARG A 113 14.97 2.95 -3.44
C ARG A 113 15.26 4.21 -4.27
N GLU A 114 14.99 4.15 -5.58
CA GLU A 114 15.19 5.30 -6.50
C GLU A 114 14.29 6.50 -6.08
N VAL A 115 13.18 6.20 -5.39
CA VAL A 115 12.32 7.22 -4.76
C VAL A 115 12.78 7.53 -3.30
N THR A 116 13.25 6.49 -2.59
CA THR A 116 13.70 6.61 -1.18
C THR A 116 14.93 7.57 -1.04
N VAL A 117 15.76 7.63 -2.11
CA VAL A 117 16.98 8.48 -2.13
C VAL A 117 16.64 9.98 -2.10
N LEU A 118 15.38 10.33 -2.48
CA LEU A 118 14.86 11.71 -2.39
C LEU A 118 14.91 12.20 -0.93
N ARG A 119 14.52 11.31 -0.01
CA ARG A 119 14.51 11.57 1.45
C ARG A 119 15.93 11.41 2.03
N GLU A 120 16.71 10.50 1.43
CA GLU A 120 18.02 10.07 1.96
C GLU A 120 19.10 11.16 1.82
N ILE A 121 19.17 11.81 0.64
CA ILE A 121 20.25 12.76 0.30
C ILE A 121 20.09 14.11 1.07
N MET A 22 -13.19 7.39 -1.67
CA MET A 22 -13.69 6.25 -0.86
C MET A 22 -12.58 5.21 -0.68
N PRO A 23 -12.55 4.46 0.46
CA PRO A 23 -11.63 3.33 0.64
C PRO A 23 -12.12 2.04 -0.08
N VAL A 24 -11.16 1.18 -0.40
CA VAL A 24 -11.39 -0.21 -0.85
C VAL A 24 -10.78 -1.17 0.18
N ASP A 25 -11.63 -1.98 0.82
CA ASP A 25 -11.18 -3.04 1.76
C ASP A 25 -10.48 -4.18 0.97
N LEU A 26 -9.43 -4.72 1.57
CA LEU A 26 -8.64 -5.82 0.99
C LEU A 26 -8.18 -6.68 2.16
N THR A 27 -9.01 -7.67 2.53
CA THR A 27 -8.72 -8.61 3.63
C THR A 27 -9.30 -10.03 3.38
N PRO A 28 -9.22 -10.61 2.13
CA PRO A 28 -9.87 -11.90 1.83
C PRO A 28 -9.02 -13.10 2.34
N TYR A 29 -7.68 -13.01 2.21
CA TYR A 29 -6.76 -14.12 2.56
C TYR A 29 -5.62 -13.62 3.47
N ILE A 30 -5.87 -12.60 4.33
CA ILE A 30 -4.81 -12.06 5.22
C ILE A 30 -4.33 -13.12 6.23
N LEU A 31 -3.08 -13.61 6.02
CA LEU A 31 -2.39 -14.52 6.95
C LEU A 31 -1.57 -13.65 7.92
N PRO A 32 -2.07 -13.37 9.17
CA PRO A 32 -1.39 -12.43 10.11
C PRO A 32 -0.03 -12.96 10.61
N GLY A 33 0.18 -14.28 10.45
CA GLY A 33 1.40 -14.96 10.89
C GLY A 33 2.61 -14.76 9.97
N VAL A 34 2.37 -14.24 8.75
CA VAL A 34 3.45 -14.00 7.74
C VAL A 34 3.40 -12.57 7.18
N SER A 35 4.44 -12.23 6.42
CA SER A 35 4.58 -10.92 5.77
C SER A 35 3.81 -10.86 4.44
N PHE A 36 3.76 -12.00 3.73
CA PHE A 36 3.16 -12.10 2.39
C PHE A 36 1.64 -12.32 2.46
N LEU A 37 1.05 -12.35 1.26
CA LEU A 37 -0.35 -12.72 1.03
C LEU A 37 -0.33 -13.93 0.09
N SER A 38 -1.25 -14.91 0.30
CA SER A 38 -1.32 -16.16 -0.50
C SER A 38 -1.38 -15.86 -2.00
N ASP A 39 -2.29 -14.93 -2.37
CA ASP A 39 -2.45 -14.39 -3.73
C ASP A 39 -3.60 -13.36 -3.70
N ILE A 40 -3.32 -12.09 -4.06
CA ILE A 40 -4.39 -11.07 -4.14
C ILE A 40 -5.02 -11.12 -5.56
N PRO A 41 -6.38 -11.08 -5.67
CA PRO A 41 -7.08 -10.92 -6.96
C PRO A 41 -6.66 -9.61 -7.68
N GLN A 42 -6.13 -9.74 -8.91
CA GLN A 42 -5.72 -8.58 -9.74
C GLN A 42 -6.92 -7.70 -10.13
N GLU A 43 -8.14 -8.29 -10.00
CA GLU A 43 -9.42 -7.56 -10.10
C GLU A 43 -9.47 -6.41 -9.08
N THR A 44 -9.08 -6.72 -7.84
CA THR A 44 -9.02 -5.73 -6.75
C THR A 44 -7.94 -4.68 -7.02
N LEU A 45 -6.81 -5.08 -7.64
CA LEU A 45 -5.73 -4.15 -8.05
C LEU A 45 -6.22 -3.20 -9.17
N SER A 46 -7.10 -3.70 -10.06
CA SER A 46 -7.58 -2.93 -11.23
C SER A 46 -8.35 -1.66 -10.81
N GLU A 47 -9.15 -1.76 -9.73
CA GLU A 47 -9.89 -0.61 -9.17
C GLU A 47 -8.92 0.34 -8.45
N ILE A 48 -7.95 -0.25 -7.68
CA ILE A 48 -6.89 0.51 -6.97
C ILE A 48 -6.09 1.41 -7.95
N ARG A 49 -5.88 0.89 -9.17
CA ARG A 49 -5.21 1.61 -10.26
C ARG A 49 -6.02 2.87 -10.66
N ASN A 50 -7.34 2.72 -10.79
CA ASN A 50 -8.26 3.83 -11.15
C ASN A 50 -8.32 4.88 -10.02
N GLN A 51 -8.29 4.40 -8.76
CA GLN A 51 -8.39 5.24 -7.56
C GLN A 51 -7.15 6.12 -7.39
N THR A 52 -5.97 5.53 -7.70
CA THR A 52 -4.68 6.27 -7.66
C THR A 52 -4.59 7.34 -8.78
N ILE A 53 -5.31 7.11 -9.90
CA ILE A 53 -5.48 8.11 -10.97
C ILE A 53 -6.40 9.25 -10.49
N ARG A 54 -7.42 8.86 -9.69
CA ARG A 54 -8.35 9.80 -9.02
C ARG A 54 -7.66 10.47 -7.80
N GLY A 55 -6.48 9.94 -7.40
CA GLY A 55 -5.62 10.57 -6.41
C GLY A 55 -5.73 9.98 -5.00
N GLU A 56 -6.73 9.11 -4.76
CA GLU A 56 -6.95 8.48 -3.43
C GLU A 56 -7.33 6.99 -3.59
N ALA A 57 -6.43 6.08 -3.16
CA ALA A 57 -6.71 4.65 -3.02
C ALA A 57 -6.37 4.20 -1.60
N GLN A 58 -7.39 4.10 -0.74
CA GLN A 58 -7.19 3.68 0.66
C GLN A 58 -7.53 2.19 0.82
N ILE A 59 -6.49 1.37 0.97
CA ILE A 59 -6.60 -0.10 1.03
C ILE A 59 -6.65 -0.52 2.51
N ARG A 60 -7.83 -0.99 2.93
CA ARG A 60 -8.07 -1.41 4.31
C ARG A 60 -7.69 -2.89 4.48
N LEU A 61 -6.42 -3.15 4.84
CA LEU A 61 -5.92 -4.50 5.13
C LEU A 61 -6.41 -4.96 6.53
N GLY A 62 -7.73 -5.23 6.62
CA GLY A 62 -8.37 -5.59 7.87
C GLY A 62 -8.35 -4.44 8.88
N GLU A 63 -7.42 -4.52 9.82
CA GLU A 63 -7.21 -3.50 10.88
C GLU A 63 -6.22 -2.40 10.44
N LEU A 64 -5.47 -2.69 9.36
CA LEU A 64 -4.41 -1.80 8.82
C LEU A 64 -5.01 -0.87 7.76
N MET A 65 -4.54 0.39 7.72
CA MET A 65 -5.03 1.40 6.75
C MET A 65 -3.84 1.88 5.89
N VAL A 66 -3.81 1.43 4.63
CA VAL A 66 -2.69 1.64 3.69
C VAL A 66 -3.13 2.60 2.56
N SER A 67 -2.71 3.86 2.65
CA SER A 67 -3.14 4.90 1.70
C SER A 67 -2.17 4.94 0.50
N ILE A 68 -2.56 4.30 -0.60
CA ILE A 68 -1.83 4.34 -1.87
C ILE A 68 -2.26 5.60 -2.65
N ARG A 69 -1.41 6.64 -2.66
CA ARG A 69 -1.70 7.88 -3.40
C ARG A 69 -0.40 8.55 -3.90
N PRO A 70 -0.38 9.09 -5.16
CA PRO A 70 0.79 9.84 -5.69
C PRO A 70 0.84 11.29 -5.17
N MET A 71 2.05 11.87 -5.11
CA MET A 71 2.28 13.25 -4.65
C MET A 71 2.41 14.20 -5.87
N GLN A 72 1.77 15.39 -5.75
CA GLN A 72 1.69 16.40 -6.84
C GLN A 72 3.08 16.90 -7.28
N VAL A 73 3.97 17.14 -6.31
CA VAL A 73 5.33 17.68 -6.54
C VAL A 73 6.34 16.54 -6.84
N ASN A 74 5.92 15.61 -7.74
CA ASN A 74 6.66 14.40 -8.14
C ASN A 74 6.80 13.42 -6.95
N GLY A 75 5.92 12.41 -6.94
CA GLY A 75 5.95 11.33 -5.96
C GLY A 75 5.16 10.14 -6.45
N TYR A 76 5.80 8.95 -6.51
CA TYR A 76 5.17 7.72 -7.00
C TYR A 76 4.32 7.06 -5.90
N PHE A 77 3.21 6.41 -6.31
CA PHE A 77 2.31 5.71 -5.38
C PHE A 77 2.78 4.26 -5.16
N MET A 78 2.81 3.87 -3.88
CA MET A 78 3.17 2.52 -3.41
C MET A 78 2.62 2.33 -1.99
N GLY A 79 2.93 1.16 -1.37
CA GLY A 79 2.48 0.84 -0.02
C GLY A 79 2.86 1.89 1.03
N SER A 80 1.87 2.63 1.55
CA SER A 80 2.07 3.64 2.61
C SER A 80 1.09 3.39 3.77
N LEU A 81 1.58 2.70 4.81
CA LEU A 81 0.82 2.40 6.02
C LEU A 81 0.80 3.65 6.92
N ASN A 82 -0.38 4.26 7.10
CA ASN A 82 -0.54 5.43 7.99
C ASN A 82 -0.62 4.95 9.45
N GLN A 83 -0.01 5.72 10.37
CA GLN A 83 0.09 5.35 11.79
C GLN A 83 -0.83 6.19 12.68
N ASP A 84 -1.60 7.10 12.04
CA ASP A 84 -2.61 7.93 12.74
C ASP A 84 -3.82 7.04 13.09
N GLY A 85 -3.98 6.72 14.37
CA GLY A 85 -5.07 5.87 14.87
C GLY A 85 -4.70 4.39 14.93
N LEU A 86 -3.39 4.07 14.81
CA LEU A 86 -2.86 2.70 14.95
C LEU A 86 -1.89 2.61 16.14
N SER A 87 -1.62 1.38 16.60
CA SER A 87 -0.57 1.07 17.59
C SER A 87 0.67 0.51 16.85
N ASN A 88 1.83 0.54 17.56
CA ASN A 88 3.16 0.14 16.99
C ASN A 88 3.14 -1.30 16.42
N ASP A 89 2.31 -2.16 17.04
CA ASP A 89 2.09 -3.56 16.63
C ASP A 89 1.54 -3.61 15.21
N ASN A 90 0.45 -2.84 15.00
CA ASN A 90 -0.24 -2.72 13.69
C ASN A 90 0.72 -2.21 12.61
N ILE A 91 1.57 -1.24 12.98
CA ILE A 91 2.53 -0.61 12.07
C ILE A 91 3.48 -1.66 11.48
N GLN A 92 4.09 -2.47 12.36
CA GLN A 92 5.07 -3.52 12.00
C GLN A 92 4.45 -4.53 11.02
N ILE A 93 3.22 -4.99 11.33
CA ILE A 93 2.43 -5.89 10.47
C ILE A 93 2.20 -5.26 9.08
N GLY A 94 1.91 -3.94 9.12
CA GLY A 94 1.69 -3.15 7.92
C GLY A 94 2.91 -3.12 7.03
N LEU A 95 4.09 -2.84 7.61
CA LEU A 95 5.37 -2.69 6.87
C LEU A 95 5.71 -3.97 6.09
N GLN A 96 5.38 -5.12 6.71
CA GLN A 96 5.51 -6.45 6.08
C GLN A 96 4.68 -6.52 4.78
N TYR A 97 3.40 -6.14 4.89
CA TYR A 97 2.48 -6.12 3.73
C TYR A 97 2.87 -5.03 2.72
N ILE A 98 3.45 -3.93 3.20
CA ILE A 98 3.80 -2.74 2.39
C ILE A 98 4.91 -3.07 1.37
N GLU A 99 5.93 -3.82 1.83
CA GLU A 99 7.05 -4.23 0.97
C GLU A 99 6.59 -5.31 -0.04
N HIS A 100 5.59 -6.13 0.34
CA HIS A 100 4.97 -7.13 -0.57
C HIS A 100 3.94 -6.46 -1.55
N ILE A 101 3.33 -5.32 -1.14
CA ILE A 101 2.42 -4.52 -2.02
C ILE A 101 3.24 -3.83 -3.13
N GLU A 102 4.49 -3.46 -2.79
CA GLU A 102 5.48 -2.90 -3.75
C GLU A 102 5.69 -3.87 -4.94
N ARG A 103 5.78 -5.18 -4.61
CA ARG A 103 5.98 -6.25 -5.62
C ARG A 103 4.71 -6.44 -6.47
N THR A 104 3.54 -6.34 -5.81
CA THR A 104 2.22 -6.47 -6.46
C THR A 104 1.95 -5.30 -7.44
N LEU A 105 2.46 -4.10 -7.09
CA LEU A 105 2.37 -2.88 -7.91
C LEU A 105 3.73 -2.58 -8.58
N ASN A 106 4.33 -3.65 -9.16
CA ASN A 106 5.66 -3.61 -9.81
C ASN A 106 5.73 -2.51 -10.90
N HIS A 107 6.60 -1.51 -10.66
CA HIS A 107 6.82 -0.37 -11.58
C HIS A 107 8.09 -0.63 -12.43
N GLY A 108 8.40 0.30 -13.36
CA GLY A 108 9.68 0.31 -14.09
C GLY A 108 10.85 0.70 -13.19
N SER A 109 12.00 1.03 -13.80
CA SER A 109 13.29 1.22 -13.08
C SER A 109 13.22 2.36 -12.03
N LEU A 110 12.94 1.98 -10.77
CA LEU A 110 13.05 2.85 -9.59
C LEU A 110 13.23 1.99 -8.33
N THR A 111 13.38 2.66 -7.18
CA THR A 111 13.47 2.01 -5.87
C THR A 111 12.57 2.80 -4.88
N SER A 112 12.11 2.14 -3.79
CA SER A 112 11.31 2.81 -2.74
C SER A 112 12.17 3.85 -1.98
N ARG A 113 13.49 3.68 -2.03
CA ARG A 113 14.47 4.65 -1.51
C ARG A 113 14.49 5.95 -2.34
N GLU A 114 14.25 5.84 -3.69
CA GLU A 114 14.27 7.04 -4.58
C GLU A 114 13.06 7.94 -4.26
N VAL A 115 11.90 7.31 -3.95
CA VAL A 115 10.66 8.05 -3.60
C VAL A 115 10.78 8.62 -2.16
N THR A 116 11.68 8.03 -1.36
CA THR A 116 12.02 8.53 -0.01
C THR A 116 12.95 9.75 -0.08
N VAL A 117 13.93 9.73 -1.03
CA VAL A 117 14.93 10.82 -1.13
C VAL A 117 14.34 12.08 -1.78
N LEU A 118 13.18 11.95 -2.49
CA LEU A 118 12.51 13.09 -3.17
C LEU A 118 12.32 14.30 -2.22
N ARG A 119 11.68 14.05 -1.05
CA ARG A 119 11.48 15.10 -0.01
C ARG A 119 12.71 15.23 0.92
N GLU A 120 13.52 14.15 1.02
CA GLU A 120 14.59 14.02 2.05
C GLU A 120 15.86 14.84 1.72
N ILE A 121 16.15 15.00 0.41
CA ILE A 121 17.35 15.70 -0.08
C ILE A 121 17.34 17.22 0.27
N MET A 22 -13.74 6.41 -0.92
CA MET A 22 -13.98 4.99 -1.21
C MET A 22 -12.80 4.15 -0.69
N PRO A 23 -12.89 3.60 0.58
CA PRO A 23 -11.84 2.78 1.16
C PRO A 23 -11.99 1.28 0.80
N VAL A 24 -11.56 0.93 -0.43
CA VAL A 24 -11.62 -0.45 -0.95
C VAL A 24 -10.79 -1.42 -0.07
N ASP A 25 -11.49 -2.06 0.89
CA ASP A 25 -10.89 -3.02 1.83
C ASP A 25 -10.45 -4.30 1.11
N LEU A 26 -9.39 -4.92 1.62
CA LEU A 26 -8.79 -6.12 1.03
C LEU A 26 -8.26 -6.99 2.17
N THR A 27 -9.00 -8.07 2.49
CA THR A 27 -8.55 -9.08 3.48
C THR A 27 -9.11 -10.51 3.19
N PRO A 28 -9.21 -10.99 1.90
CA PRO A 28 -9.69 -12.37 1.63
C PRO A 28 -8.57 -13.43 1.75
N TYR A 29 -7.30 -13.00 1.51
CA TYR A 29 -6.13 -13.89 1.49
C TYR A 29 -5.02 -13.38 2.42
N ILE A 30 -5.36 -12.52 3.42
CA ILE A 30 -4.36 -12.01 4.38
C ILE A 30 -3.98 -13.11 5.40
N LEU A 31 -2.66 -13.34 5.51
CA LEU A 31 -2.08 -14.20 6.57
C LEU A 31 -1.36 -13.26 7.56
N PRO A 32 -2.05 -12.77 8.63
CA PRO A 32 -1.52 -11.67 9.49
C PRO A 32 -0.27 -12.08 10.32
N GLY A 33 -0.04 -13.40 10.44
CA GLY A 33 1.10 -13.95 11.16
C GLY A 33 2.42 -13.92 10.39
N VAL A 34 2.36 -13.67 9.06
CA VAL A 34 3.56 -13.56 8.20
C VAL A 34 3.69 -12.14 7.62
N SER A 35 4.83 -11.89 6.94
CA SER A 35 5.22 -10.57 6.41
C SER A 35 4.67 -10.31 5.00
N PHE A 36 3.78 -11.20 4.51
CA PHE A 36 3.27 -11.17 3.14
C PHE A 36 1.81 -11.64 3.08
N LEU A 37 1.25 -11.58 1.86
CA LEU A 37 -0.14 -11.97 1.55
C LEU A 37 -0.07 -13.05 0.44
N SER A 38 -1.05 -13.98 0.42
CA SER A 38 -1.07 -15.10 -0.54
C SER A 38 -1.05 -14.58 -2.00
N ASP A 39 -2.12 -13.87 -2.36
CA ASP A 39 -2.26 -13.19 -3.66
C ASP A 39 -3.39 -12.18 -3.55
N ILE A 40 -3.28 -11.03 -4.20
CA ILE A 40 -4.39 -10.05 -4.26
C ILE A 40 -5.14 -10.21 -5.58
N PRO A 41 -6.53 -10.31 -5.55
CA PRO A 41 -7.35 -10.46 -6.77
C PRO A 41 -7.13 -9.31 -7.77
N GLN A 42 -7.11 -9.67 -9.08
CA GLN A 42 -6.79 -8.72 -10.17
C GLN A 42 -7.82 -7.59 -10.26
N GLU A 43 -9.06 -7.85 -9.78
CA GLU A 43 -10.13 -6.84 -9.74
C GLU A 43 -9.79 -5.70 -8.76
N THR A 44 -9.20 -6.07 -7.59
CA THR A 44 -8.78 -5.11 -6.56
C THR A 44 -7.55 -4.31 -7.02
N LEU A 45 -6.58 -5.01 -7.62
CA LEU A 45 -5.34 -4.38 -8.14
C LEU A 45 -5.68 -3.35 -9.25
N SER A 46 -6.56 -3.77 -10.18
CA SER A 46 -7.07 -2.91 -11.27
C SER A 46 -7.90 -1.74 -10.72
N GLU A 47 -8.63 -2.01 -9.60
CA GLU A 47 -9.42 -0.99 -8.90
C GLU A 47 -8.51 0.14 -8.39
N ILE A 48 -7.47 -0.26 -7.63
CA ILE A 48 -6.46 0.68 -7.07
C ILE A 48 -5.84 1.54 -8.20
N ARG A 49 -5.52 0.89 -9.33
CA ARG A 49 -4.92 1.55 -10.51
C ARG A 49 -5.89 2.56 -11.17
N ASN A 50 -7.20 2.28 -11.09
CA ASN A 50 -8.26 3.17 -11.60
C ASN A 50 -8.42 4.40 -10.68
N GLN A 51 -8.43 4.13 -9.37
CA GLN A 51 -8.76 5.12 -8.32
C GLN A 51 -7.59 6.07 -8.04
N THR A 52 -6.37 5.59 -8.28
CA THR A 52 -5.14 6.43 -8.23
C THR A 52 -5.18 7.54 -9.32
N ILE A 53 -5.91 7.29 -10.43
CA ILE A 53 -6.12 8.29 -11.51
C ILE A 53 -7.17 9.33 -11.06
N ARG A 54 -8.06 8.91 -10.15
CA ARG A 54 -8.98 9.83 -9.44
C ARG A 54 -8.21 10.57 -8.31
N GLY A 55 -7.13 9.93 -7.80
CA GLY A 55 -6.28 10.50 -6.74
C GLY A 55 -6.66 10.01 -5.34
N GLU A 56 -7.61 9.08 -5.26
CA GLU A 56 -8.11 8.50 -3.98
C GLU A 56 -8.11 6.97 -4.07
N ALA A 57 -7.30 6.31 -3.23
CA ALA A 57 -7.33 4.85 -3.07
C ALA A 57 -6.80 4.47 -1.69
N GLN A 58 -7.73 4.27 -0.74
CA GLN A 58 -7.42 3.80 0.61
C GLN A 58 -7.78 2.32 0.69
N ILE A 59 -6.77 1.46 0.84
CA ILE A 59 -6.96 0.01 0.97
C ILE A 59 -6.88 -0.38 2.44
N ARG A 60 -8.02 -0.82 3.01
CA ARG A 60 -8.07 -1.29 4.39
C ARG A 60 -7.73 -2.78 4.40
N LEU A 61 -6.44 -3.08 4.60
CA LEU A 61 -5.94 -4.47 4.74
C LEU A 61 -6.41 -5.05 6.08
N GLY A 62 -7.71 -5.42 6.13
CA GLY A 62 -8.35 -5.78 7.38
C GLY A 62 -8.42 -4.60 8.34
N GLU A 63 -7.48 -4.59 9.29
CA GLU A 63 -7.36 -3.53 10.33
C GLU A 63 -6.19 -2.57 10.01
N LEU A 64 -5.38 -2.90 8.99
CA LEU A 64 -4.24 -2.06 8.55
C LEU A 64 -4.74 -1.04 7.51
N MET A 65 -4.78 0.26 7.87
CA MET A 65 -5.22 1.33 6.94
C MET A 65 -4.02 1.77 6.08
N VAL A 66 -4.09 1.53 4.75
CA VAL A 66 -2.96 1.78 3.83
C VAL A 66 -3.44 2.59 2.61
N SER A 67 -3.00 3.86 2.50
CA SER A 67 -3.37 4.76 1.38
C SER A 67 -2.36 4.60 0.22
N ILE A 68 -2.83 4.07 -0.92
CA ILE A 68 -2.02 3.99 -2.15
C ILE A 68 -2.50 5.09 -3.12
N ARG A 69 -1.96 6.31 -2.94
CA ARG A 69 -2.34 7.49 -3.76
C ARG A 69 -1.06 8.17 -4.28
N PRO A 70 -1.06 8.76 -5.54
CA PRO A 70 0.10 9.54 -6.05
C PRO A 70 0.34 10.80 -5.19
N MET A 71 1.60 11.30 -5.20
CA MET A 71 1.97 12.55 -4.49
C MET A 71 2.08 13.71 -5.52
N GLN A 72 2.57 14.88 -5.07
CA GLN A 72 2.61 16.11 -5.91
C GLN A 72 3.62 15.94 -7.07
N VAL A 73 4.89 15.71 -6.72
CA VAL A 73 5.97 15.51 -7.71
C VAL A 73 7.03 14.53 -7.13
N ASN A 74 7.62 13.69 -8.02
CA ASN A 74 8.60 12.63 -7.65
C ASN A 74 7.95 11.57 -6.72
N GLY A 75 6.61 11.50 -6.75
CA GLY A 75 5.83 10.73 -5.80
C GLY A 75 5.11 9.55 -6.43
N TYR A 76 5.88 8.47 -6.65
CA TYR A 76 5.33 7.14 -7.03
C TYR A 76 4.51 6.58 -5.86
N PHE A 77 3.39 5.89 -6.16
CA PHE A 77 2.51 5.34 -5.11
C PHE A 77 2.88 3.87 -4.83
N MET A 78 3.49 3.66 -3.64
CA MET A 78 3.83 2.33 -3.09
C MET A 78 3.86 2.46 -1.55
N GLY A 79 2.84 1.87 -0.91
CA GLY A 79 2.73 1.77 0.54
C GLY A 79 2.77 3.09 1.32
N SER A 80 1.64 3.52 1.87
CA SER A 80 1.58 4.60 2.89
C SER A 80 0.71 4.11 4.05
N LEU A 81 1.39 3.59 5.10
CA LEU A 81 0.73 3.01 6.28
C LEU A 81 0.28 4.14 7.22
N ASN A 82 -1.04 4.27 7.45
CA ASN A 82 -1.63 5.22 8.40
C ASN A 82 -1.22 4.82 9.83
N GLN A 83 -0.08 5.34 10.25
CA GLN A 83 0.55 5.03 11.56
C GLN A 83 0.02 5.92 12.69
N ASP A 84 -0.78 6.94 12.32
CA ASP A 84 -1.29 7.93 13.27
C ASP A 84 -2.24 7.28 14.28
N GLY A 85 -1.70 7.02 15.49
CA GLY A 85 -2.47 6.40 16.58
C GLY A 85 -2.65 4.89 16.41
N LEU A 86 -1.95 4.29 15.43
CA LEU A 86 -2.02 2.85 15.15
C LEU A 86 -1.12 2.08 16.12
N SER A 87 -1.57 0.90 16.54
CA SER A 87 -0.85 0.06 17.54
C SER A 87 0.42 -0.56 16.94
N ASN A 88 1.45 -0.78 17.78
CA ASN A 88 2.81 -1.18 17.35
C ASN A 88 2.87 -2.53 16.64
N ASP A 89 1.92 -3.43 16.96
CA ASP A 89 1.78 -4.72 16.26
C ASP A 89 1.26 -4.49 14.83
N ASN A 90 0.29 -3.58 14.69
CA ASN A 90 -0.28 -3.18 13.37
C ASN A 90 0.69 -2.27 12.59
N ILE A 91 1.64 -1.62 13.29
CA ILE A 91 2.76 -0.90 12.65
C ILE A 91 3.66 -1.93 11.95
N GLN A 92 4.04 -2.99 12.70
CA GLN A 92 4.95 -4.04 12.20
C GLN A 92 4.32 -4.77 11.00
N ILE A 93 3.11 -5.34 11.21
CA ILE A 93 2.37 -6.09 10.16
C ILE A 93 2.05 -5.16 8.98
N GLY A 94 1.75 -3.88 9.31
CA GLY A 94 1.48 -2.85 8.32
C GLY A 94 2.63 -2.67 7.34
N LEU A 95 3.83 -2.34 7.86
CA LEU A 95 5.02 -2.01 7.03
C LEU A 95 5.52 -3.24 6.24
N GLN A 96 5.26 -4.45 6.79
CA GLN A 96 5.55 -5.73 6.10
C GLN A 96 4.68 -5.87 4.83
N TYR A 97 3.39 -5.51 5.00
CA TYR A 97 2.40 -5.48 3.91
C TYR A 97 2.61 -4.28 2.96
N ILE A 98 3.28 -3.22 3.45
CA ILE A 98 3.71 -2.08 2.60
C ILE A 98 4.79 -2.56 1.60
N GLU A 99 5.68 -3.44 2.08
CA GLU A 99 6.72 -4.08 1.25
C GLU A 99 6.07 -5.07 0.26
N HIS A 100 4.98 -5.73 0.70
CA HIS A 100 4.17 -6.60 -0.17
C HIS A 100 3.54 -5.80 -1.33
N ILE A 101 2.84 -4.70 -0.98
CA ILE A 101 2.14 -3.84 -1.96
C ILE A 101 3.14 -3.17 -2.90
N GLU A 102 4.35 -2.85 -2.39
CA GLU A 102 5.46 -2.31 -3.20
C GLU A 102 5.73 -3.23 -4.41
N ARG A 103 5.85 -4.53 -4.10
CA ARG A 103 6.20 -5.58 -5.07
C ARG A 103 5.01 -5.95 -6.00
N THR A 104 3.79 -5.90 -5.43
CA THR A 104 2.56 -6.36 -6.11
C THR A 104 1.96 -5.26 -7.03
N LEU A 105 2.15 -3.99 -6.65
CA LEU A 105 1.52 -2.83 -7.35
C LEU A 105 2.51 -2.29 -8.42
N ASN A 106 3.80 -2.23 -8.06
CA ASN A 106 4.85 -1.64 -8.91
C ASN A 106 6.01 -2.64 -9.06
N HIS A 107 6.80 -2.50 -10.14
CA HIS A 107 7.94 -3.40 -10.44
C HIS A 107 9.12 -2.62 -11.05
N GLY A 108 9.11 -1.29 -10.83
CA GLY A 108 10.12 -0.38 -11.39
C GLY A 108 11.48 -0.44 -10.70
N SER A 109 12.39 0.45 -11.12
CA SER A 109 13.80 0.47 -10.66
C SER A 109 13.97 1.08 -9.25
N LEU A 110 12.85 1.43 -8.58
CA LEU A 110 12.87 2.09 -7.26
C LEU A 110 11.83 1.44 -6.32
N THR A 111 12.22 1.26 -5.04
CA THR A 111 11.37 0.65 -4.00
C THR A 111 10.40 1.68 -3.40
N SER A 112 9.59 1.23 -2.42
CA SER A 112 8.74 2.11 -1.62
C SER A 112 9.61 3.11 -0.85
N ARG A 113 10.77 2.64 -0.34
CA ARG A 113 11.75 3.47 0.40
C ARG A 113 12.31 4.61 -0.46
N GLU A 114 12.61 4.30 -1.74
CA GLU A 114 13.22 5.29 -2.66
C GLU A 114 12.29 6.48 -2.92
N VAL A 115 10.96 6.24 -2.91
CA VAL A 115 9.95 7.32 -3.01
C VAL A 115 9.53 7.85 -1.60
N THR A 116 9.71 7.04 -0.55
CA THR A 116 9.38 7.44 0.84
C THR A 116 10.28 8.59 1.32
N VAL A 117 11.55 8.58 0.88
CA VAL A 117 12.52 9.64 1.21
C VAL A 117 12.14 10.99 0.54
N LEU A 118 11.32 10.94 -0.54
CA LEU A 118 10.79 12.17 -1.20
C LEU A 118 9.70 12.84 -0.33
N ARG A 119 8.73 12.03 0.16
CA ARG A 119 7.64 12.53 1.03
C ARG A 119 8.19 12.89 2.43
N GLU A 120 9.32 12.24 2.79
CA GLU A 120 9.99 12.42 4.10
C GLU A 120 10.62 13.82 4.21
N ILE A 121 11.48 14.16 3.22
CA ILE A 121 12.25 15.41 3.21
C ILE A 121 11.34 16.66 3.02
N MET A 22 -15.52 4.58 0.52
CA MET A 22 -14.26 5.09 -0.05
C MET A 22 -13.07 4.11 0.22
N PRO A 23 -12.75 3.71 1.52
CA PRO A 23 -11.62 2.80 1.79
C PRO A 23 -11.93 1.32 1.37
N VAL A 24 -11.21 0.85 0.33
CA VAL A 24 -11.36 -0.52 -0.22
C VAL A 24 -10.76 -1.55 0.76
N ASP A 25 -11.65 -2.19 1.54
CA ASP A 25 -11.26 -3.31 2.44
C ASP A 25 -10.84 -4.55 1.63
N LEU A 26 -9.53 -4.61 1.33
CA LEU A 26 -8.89 -5.73 0.64
C LEU A 26 -8.45 -6.73 1.71
N THR A 27 -9.22 -7.83 1.86
CA THR A 27 -8.87 -8.93 2.78
C THR A 27 -9.50 -10.29 2.34
N PRO A 28 -9.29 -10.75 1.05
CA PRO A 28 -9.81 -12.05 0.57
C PRO A 28 -8.89 -13.23 0.98
N TYR A 29 -7.56 -12.99 0.97
CA TYR A 29 -6.54 -14.05 1.18
C TYR A 29 -5.52 -13.66 2.25
N ILE A 30 -5.82 -12.65 3.11
CA ILE A 30 -4.85 -12.15 4.10
C ILE A 30 -4.54 -13.22 5.18
N LEU A 31 -3.25 -13.55 5.32
CA LEU A 31 -2.74 -14.43 6.38
C LEU A 31 -2.10 -13.52 7.46
N PRO A 32 -2.90 -13.00 8.46
CA PRO A 32 -2.45 -11.86 9.31
C PRO A 32 -1.38 -12.25 10.36
N GLY A 33 -1.08 -13.55 10.45
CA GLY A 33 -0.03 -14.08 11.32
C GLY A 33 1.35 -14.10 10.66
N VAL A 34 1.40 -13.86 9.33
CA VAL A 34 2.66 -13.78 8.57
C VAL A 34 2.79 -12.43 7.85
N SER A 35 4.00 -12.17 7.32
CA SER A 35 4.36 -10.91 6.65
C SER A 35 3.88 -10.87 5.19
N PHE A 36 3.92 -12.05 4.52
CA PHE A 36 3.60 -12.17 3.09
C PHE A 36 2.09 -12.41 2.85
N LEU A 37 1.72 -12.34 1.57
CA LEU A 37 0.36 -12.58 1.08
C LEU A 37 0.47 -13.65 -0.02
N SER A 38 -0.41 -14.70 0.03
CA SER A 38 -0.41 -15.81 -0.95
C SER A 38 -0.55 -15.24 -2.38
N ASP A 39 -1.72 -14.66 -2.66
CA ASP A 39 -2.03 -13.98 -3.93
C ASP A 39 -2.96 -12.82 -3.61
N ILE A 40 -2.70 -11.63 -4.17
CA ILE A 40 -3.65 -10.50 -4.12
C ILE A 40 -4.39 -10.46 -5.48
N PRO A 41 -5.76 -10.48 -5.47
CA PRO A 41 -6.56 -10.61 -6.71
C PRO A 41 -6.34 -9.42 -7.66
N GLN A 42 -5.88 -9.72 -8.89
CA GLN A 42 -5.54 -8.71 -9.92
C GLN A 42 -6.76 -7.86 -10.34
N GLU A 43 -7.97 -8.44 -10.15
CA GLU A 43 -9.24 -7.72 -10.34
C GLU A 43 -9.39 -6.55 -9.33
N THR A 44 -8.90 -6.76 -8.10
CA THR A 44 -8.89 -5.73 -7.06
C THR A 44 -7.76 -4.72 -7.32
N LEU A 45 -6.65 -5.16 -7.94
CA LEU A 45 -5.59 -4.22 -8.39
C LEU A 45 -6.16 -3.22 -9.42
N SER A 46 -7.01 -3.73 -10.33
CA SER A 46 -7.58 -2.96 -11.46
C SER A 46 -8.31 -1.68 -10.97
N GLU A 47 -9.10 -1.79 -9.89
CA GLU A 47 -9.87 -0.67 -9.34
C GLU A 47 -8.94 0.34 -8.61
N ILE A 48 -7.95 -0.19 -7.86
CA ILE A 48 -6.95 0.66 -7.11
C ILE A 48 -6.13 1.50 -8.11
N ARG A 49 -5.78 0.87 -9.25
CA ARG A 49 -5.00 1.49 -10.33
C ARG A 49 -5.72 2.71 -10.94
N ASN A 50 -7.06 2.75 -10.84
CA ASN A 50 -7.87 3.89 -11.33
C ASN A 50 -8.02 5.00 -10.25
N GLN A 51 -8.24 4.59 -8.99
CA GLN A 51 -8.49 5.52 -7.85
C GLN A 51 -7.27 6.42 -7.57
N THR A 52 -6.10 5.86 -7.83
CA THR A 52 -4.80 6.56 -7.71
C THR A 52 -4.76 7.87 -8.56
N ILE A 53 -5.45 7.86 -9.72
CA ILE A 53 -5.54 9.04 -10.62
C ILE A 53 -6.34 10.17 -9.95
N ARG A 54 -7.41 9.79 -9.21
CA ARG A 54 -8.25 10.72 -8.42
C ARG A 54 -7.41 11.43 -7.32
N GLY A 55 -6.30 10.77 -6.92
CA GLY A 55 -5.44 11.25 -5.85
C GLY A 55 -5.82 10.67 -4.49
N GLU A 56 -6.83 9.78 -4.48
CA GLU A 56 -7.36 9.16 -3.26
C GLU A 56 -7.63 7.66 -3.49
N ALA A 57 -6.98 6.82 -2.67
CA ALA A 57 -7.13 5.36 -2.68
C ALA A 57 -6.55 4.81 -1.37
N GLN A 58 -7.43 4.58 -0.40
CA GLN A 58 -7.07 3.97 0.90
C GLN A 58 -7.56 2.51 0.91
N ILE A 59 -6.64 1.59 1.18
CA ILE A 59 -6.89 0.15 1.19
C ILE A 59 -6.86 -0.34 2.65
N ARG A 60 -8.00 -0.85 3.16
CA ARG A 60 -8.02 -1.46 4.49
C ARG A 60 -7.63 -2.93 4.38
N LEU A 61 -6.37 -3.25 4.73
CA LEU A 61 -5.92 -4.64 4.85
C LEU A 61 -6.46 -5.23 6.16
N GLY A 62 -7.76 -5.58 6.14
CA GLY A 62 -8.48 -5.98 7.34
C GLY A 62 -8.65 -4.79 8.29
N GLU A 63 -7.80 -4.77 9.33
CA GLU A 63 -7.79 -3.71 10.35
C GLU A 63 -6.78 -2.59 10.01
N LEU A 64 -5.74 -2.96 9.22
CA LEU A 64 -4.65 -2.03 8.82
C LEU A 64 -5.15 -1.00 7.80
N MET A 65 -4.85 0.29 8.04
CA MET A 65 -5.22 1.37 7.12
C MET A 65 -4.03 1.74 6.22
N VAL A 66 -4.04 1.23 4.99
CA VAL A 66 -3.03 1.54 3.96
C VAL A 66 -3.55 2.71 3.09
N SER A 67 -2.62 3.50 2.50
CA SER A 67 -2.96 4.64 1.63
C SER A 67 -2.08 4.59 0.36
N ILE A 68 -2.63 4.05 -0.74
CA ILE A 68 -1.95 4.01 -2.04
C ILE A 68 -2.33 5.25 -2.86
N ARG A 69 -1.63 6.35 -2.61
CA ARG A 69 -1.91 7.65 -3.26
C ARG A 69 -0.58 8.19 -3.83
N PRO A 70 -0.45 8.37 -5.19
CA PRO A 70 0.81 8.82 -5.82
C PRO A 70 1.22 10.23 -5.36
N MET A 71 0.29 11.20 -5.53
CA MET A 71 0.54 12.65 -5.35
C MET A 71 1.50 13.18 -6.45
N GLN A 72 1.22 14.40 -6.94
CA GLN A 72 2.10 15.07 -7.93
C GLN A 72 3.34 15.67 -7.25
N VAL A 73 4.32 16.09 -8.07
CA VAL A 73 5.62 16.62 -7.61
C VAL A 73 6.46 15.50 -6.93
N ASN A 74 7.02 14.62 -7.79
CA ASN A 74 7.97 13.54 -7.42
C ASN A 74 7.31 12.40 -6.59
N GLY A 75 5.96 12.34 -6.60
CA GLY A 75 5.22 11.34 -5.85
C GLY A 75 4.91 10.08 -6.67
N TYR A 76 5.08 8.89 -6.05
CA TYR A 76 4.81 7.57 -6.68
C TYR A 76 3.85 6.77 -5.77
N PHE A 77 2.97 5.94 -6.38
CA PHE A 77 2.04 5.08 -5.63
C PHE A 77 2.59 3.65 -5.50
N MET A 78 2.65 3.21 -4.24
CA MET A 78 3.03 1.87 -3.79
C MET A 78 2.80 1.82 -2.27
N GLY A 79 3.20 0.69 -1.62
CA GLY A 79 2.96 0.48 -0.19
C GLY A 79 3.33 1.68 0.70
N SER A 80 2.30 2.36 1.26
CA SER A 80 2.44 3.40 2.28
C SER A 80 1.39 3.14 3.38
N LEU A 81 1.83 2.97 4.64
CA LEU A 81 0.95 2.60 5.77
C LEU A 81 0.61 3.86 6.58
N ASN A 82 -0.71 4.13 6.75
CA ASN A 82 -1.20 5.21 7.63
C ASN A 82 -0.96 4.81 9.10
N GLN A 83 0.04 5.45 9.72
CA GLN A 83 0.44 5.19 11.11
C GLN A 83 -0.35 6.05 12.12
N ASP A 84 -1.14 7.01 11.59
CA ASP A 84 -1.94 7.93 12.41
C ASP A 84 -3.03 7.16 13.20
N GLY A 85 -2.93 7.19 14.54
CA GLY A 85 -3.91 6.56 15.45
C GLY A 85 -3.57 5.11 15.79
N LEU A 86 -2.51 4.56 15.16
CA LEU A 86 -2.09 3.16 15.34
C LEU A 86 -1.11 3.00 16.52
N SER A 87 -0.87 1.73 16.85
CA SER A 87 0.15 1.28 17.82
C SER A 87 1.34 0.73 17.04
N ASN A 88 2.53 0.68 17.67
CA ASN A 88 3.77 0.18 17.03
C ASN A 88 3.65 -1.31 16.64
N ASP A 89 2.78 -2.05 17.35
CA ASP A 89 2.41 -3.43 17.00
C ASP A 89 1.69 -3.45 15.64
N ASN A 90 0.70 -2.56 15.49
CA ASN A 90 -0.11 -2.42 14.26
C ASN A 90 0.76 -2.00 13.07
N ILE A 91 1.76 -1.14 13.37
CA ILE A 91 2.75 -0.66 12.39
C ILE A 91 3.58 -1.83 11.82
N GLN A 92 3.95 -2.79 12.70
CA GLN A 92 4.76 -3.97 12.31
C GLN A 92 4.13 -4.75 11.15
N ILE A 93 2.89 -5.23 11.35
CA ILE A 93 2.19 -6.06 10.34
C ILE A 93 1.92 -5.21 9.07
N GLY A 94 1.64 -3.90 9.32
CA GLY A 94 1.42 -2.93 8.26
C GLY A 94 2.61 -2.80 7.30
N LEU A 95 3.81 -2.47 7.85
CA LEU A 95 5.01 -2.17 7.04
C LEU A 95 5.51 -3.42 6.29
N GLN A 96 5.29 -4.62 6.89
CA GLN A 96 5.63 -5.91 6.25
C GLN A 96 4.84 -6.07 4.94
N TYR A 97 3.51 -5.94 5.06
CA TYR A 97 2.61 -6.00 3.90
C TYR A 97 2.91 -4.88 2.89
N ILE A 98 3.29 -3.70 3.40
CA ILE A 98 3.61 -2.51 2.58
C ILE A 98 4.81 -2.76 1.65
N GLU A 99 5.79 -3.53 2.14
CA GLU A 99 6.97 -3.91 1.36
C GLU A 99 6.59 -4.94 0.28
N HIS A 100 5.58 -5.77 0.59
CA HIS A 100 4.98 -6.71 -0.38
C HIS A 100 4.07 -5.99 -1.41
N ILE A 101 3.40 -4.90 -0.99
CA ILE A 101 2.54 -4.06 -1.85
C ILE A 101 3.41 -3.21 -2.79
N GLU A 102 4.61 -2.86 -2.32
CA GLU A 102 5.64 -2.17 -3.11
C GLU A 102 6.00 -2.98 -4.38
N ARG A 103 6.00 -4.32 -4.23
CA ARG A 103 6.24 -5.26 -5.35
C ARG A 103 5.00 -5.34 -6.26
N THR A 104 3.82 -5.45 -5.62
CA THR A 104 2.52 -5.59 -6.30
C THR A 104 2.17 -4.31 -7.10
N LEU A 105 2.74 -3.16 -6.68
CA LEU A 105 2.53 -1.83 -7.28
C LEU A 105 3.88 -1.17 -7.55
N ASN A 106 4.83 -1.96 -8.08
CA ASN A 106 6.16 -1.48 -8.49
C ASN A 106 6.03 -0.54 -9.71
N HIS A 107 6.01 0.77 -9.44
CA HIS A 107 5.84 1.81 -10.45
C HIS A 107 6.82 2.96 -10.16
N GLY A 108 7.86 3.08 -11.01
CA GLY A 108 8.90 4.10 -10.86
C GLY A 108 10.30 3.53 -11.02
N SER A 109 11.22 3.91 -10.12
CA SER A 109 12.62 3.46 -10.12
C SER A 109 13.27 3.76 -8.74
N LEU A 110 12.51 3.53 -7.65
CA LEU A 110 12.93 3.93 -6.28
C LEU A 110 12.26 3.06 -5.20
N THR A 111 12.82 3.13 -3.97
CA THR A 111 12.38 2.32 -2.80
C THR A 111 11.14 2.94 -2.10
N SER A 112 10.43 2.13 -1.28
CA SER A 112 9.30 2.58 -0.45
C SER A 112 9.76 3.68 0.54
N ARG A 113 10.96 3.50 1.13
CA ARG A 113 11.60 4.52 1.99
C ARG A 113 11.78 5.85 1.21
N GLU A 114 12.15 5.74 -0.08
CA GLU A 114 12.50 6.90 -0.91
C GLU A 114 11.28 7.81 -1.18
N VAL A 115 10.06 7.23 -1.33
CA VAL A 115 8.82 8.04 -1.46
C VAL A 115 8.34 8.55 -0.09
N THR A 116 8.64 7.78 0.96
CA THR A 116 8.22 8.13 2.34
C THR A 116 8.98 9.37 2.84
N VAL A 117 10.30 9.43 2.57
CA VAL A 117 11.17 10.54 3.04
C VAL A 117 10.77 11.89 2.41
N LEU A 118 10.18 11.84 1.19
CA LEU A 118 9.66 13.03 0.48
C LEU A 118 8.51 13.66 1.30
N ARG A 119 7.67 12.77 1.87
CA ARG A 119 6.52 13.14 2.71
C ARG A 119 6.99 13.44 4.15
N GLU A 120 8.06 12.74 4.58
CA GLU A 120 8.50 12.68 6.00
C GLU A 120 9.33 13.92 6.40
N ILE A 121 9.81 14.68 5.41
CA ILE A 121 10.55 15.93 5.65
C ILE A 121 9.56 17.14 5.79
N MET A 22 -13.93 7.14 0.12
CA MET A 22 -14.31 5.81 -0.39
C MET A 22 -13.12 4.83 -0.22
N PRO A 23 -13.16 3.95 0.84
CA PRO A 23 -12.07 2.97 1.12
C PRO A 23 -12.20 1.66 0.28
N VAL A 24 -11.05 1.19 -0.22
CA VAL A 24 -10.94 -0.10 -0.95
C VAL A 24 -10.67 -1.24 0.06
N ASP A 25 -11.74 -1.89 0.50
CA ASP A 25 -11.70 -3.05 1.42
C ASP A 25 -11.02 -4.25 0.73
N LEU A 26 -9.72 -4.46 1.03
CA LEU A 26 -8.93 -5.58 0.48
C LEU A 26 -8.46 -6.48 1.62
N THR A 27 -9.21 -7.59 1.83
CA THR A 27 -8.84 -8.65 2.80
C THR A 27 -9.53 -10.00 2.45
N PRO A 28 -9.24 -10.56 1.22
CA PRO A 28 -9.89 -11.82 0.77
C PRO A 28 -9.19 -13.07 1.36
N TYR A 29 -7.85 -13.00 1.50
CA TYR A 29 -7.02 -14.16 1.91
C TYR A 29 -6.10 -13.79 3.10
N ILE A 30 -6.10 -12.49 3.51
CA ILE A 30 -5.03 -11.88 4.33
C ILE A 30 -4.61 -12.71 5.55
N LEU A 31 -3.30 -13.01 5.60
CA LEU A 31 -2.64 -13.74 6.68
C LEU A 31 -1.80 -12.73 7.49
N PRO A 32 -2.37 -12.08 8.56
CA PRO A 32 -1.66 -11.04 9.33
C PRO A 32 -0.49 -11.59 10.16
N GLY A 33 -0.50 -12.92 10.41
CA GLY A 33 0.54 -13.60 11.17
C GLY A 33 1.81 -13.85 10.38
N VAL A 34 1.83 -13.48 9.08
CA VAL A 34 3.04 -13.56 8.23
C VAL A 34 3.31 -12.20 7.55
N SER A 35 4.46 -12.11 6.86
CA SER A 35 4.94 -10.89 6.18
C SER A 35 4.47 -10.83 4.72
N PHE A 36 3.97 -11.97 4.21
CA PHE A 36 3.53 -12.12 2.81
C PHE A 36 2.01 -12.38 2.75
N LEU A 37 1.51 -12.68 1.54
CA LEU A 37 0.17 -13.21 1.35
C LEU A 37 0.20 -14.23 0.20
N SER A 38 -0.56 -15.34 0.38
CA SER A 38 -0.68 -16.44 -0.60
C SER A 38 -1.01 -15.93 -2.02
N ASP A 39 -1.93 -14.94 -2.07
CA ASP A 39 -2.33 -14.28 -3.33
C ASP A 39 -3.13 -13.00 -3.02
N ILE A 40 -2.99 -11.99 -3.89
CA ILE A 40 -3.85 -10.79 -3.89
C ILE A 40 -4.51 -10.73 -5.29
N PRO A 41 -5.88 -10.55 -5.38
CA PRO A 41 -6.59 -10.37 -6.67
C PRO A 41 -5.95 -9.25 -7.52
N GLN A 42 -5.43 -9.64 -8.69
CA GLN A 42 -4.69 -8.75 -9.62
C GLN A 42 -5.62 -7.64 -10.15
N GLU A 43 -6.93 -7.97 -10.19
CA GLU A 43 -7.98 -7.04 -10.60
C GLU A 43 -8.10 -5.87 -9.61
N THR A 44 -7.90 -6.17 -8.30
CA THR A 44 -7.92 -5.15 -7.25
C THR A 44 -6.73 -4.17 -7.41
N LEU A 45 -5.55 -4.67 -7.85
CA LEU A 45 -4.37 -3.79 -8.12
C LEU A 45 -4.69 -2.81 -9.27
N SER A 46 -5.33 -3.33 -10.32
CA SER A 46 -5.79 -2.51 -11.47
C SER A 46 -6.80 -1.45 -11.01
N GLU A 47 -7.68 -1.86 -10.09
CA GLU A 47 -8.72 -1.01 -9.49
C GLU A 47 -8.09 0.11 -8.66
N ILE A 48 -7.06 -0.23 -7.84
CA ILE A 48 -6.34 0.71 -6.96
C ILE A 48 -5.66 1.81 -7.81
N ARG A 49 -5.07 1.39 -8.94
CA ARG A 49 -4.42 2.27 -9.92
C ARG A 49 -5.45 3.25 -10.56
N ASN A 50 -6.72 2.83 -10.58
CA ASN A 50 -7.85 3.66 -11.08
C ASN A 50 -8.36 4.64 -10.00
N GLN A 51 -8.35 4.22 -8.72
CA GLN A 51 -8.85 5.05 -7.58
C GLN A 51 -7.86 6.19 -7.28
N THR A 52 -6.58 5.90 -7.52
CA THR A 52 -5.49 6.89 -7.41
C THR A 52 -5.57 7.99 -8.49
N ILE A 53 -6.31 7.71 -9.59
CA ILE A 53 -6.62 8.73 -10.62
C ILE A 53 -7.56 9.82 -10.01
N ARG A 54 -8.44 9.39 -9.09
CA ARG A 54 -9.23 10.32 -8.24
C ARG A 54 -8.32 11.01 -7.21
N GLY A 55 -7.26 10.30 -6.80
CA GLY A 55 -6.30 10.78 -5.80
C GLY A 55 -6.53 10.16 -4.43
N GLU A 56 -7.51 9.24 -4.35
CA GLU A 56 -7.94 8.60 -3.10
C GLU A 56 -8.10 7.10 -3.33
N ALA A 57 -7.17 6.32 -2.78
CA ALA A 57 -7.29 4.87 -2.67
C ALA A 57 -6.82 4.47 -1.28
N GLN A 58 -7.77 4.31 -0.35
CA GLN A 58 -7.47 3.93 1.04
C GLN A 58 -7.77 2.44 1.22
N ILE A 59 -6.72 1.61 1.13
CA ILE A 59 -6.85 0.15 1.10
C ILE A 59 -6.68 -0.35 2.54
N ARG A 60 -7.74 -0.99 3.04
CA ARG A 60 -7.76 -1.55 4.40
C ARG A 60 -7.25 -3.00 4.33
N LEU A 61 -6.00 -3.24 4.77
CA LEU A 61 -5.42 -4.60 4.86
C LEU A 61 -6.02 -5.29 6.11
N GLY A 62 -7.30 -5.71 5.99
CA GLY A 62 -8.07 -6.25 7.10
C GLY A 62 -8.39 -5.16 8.13
N GLU A 63 -7.68 -5.20 9.25
CA GLU A 63 -7.81 -4.20 10.34
C GLU A 63 -6.84 -3.02 10.11
N LEU A 64 -5.80 -3.24 9.29
CA LEU A 64 -4.76 -2.23 9.00
C LEU A 64 -5.28 -1.19 7.99
N MET A 65 -4.84 0.07 8.13
CA MET A 65 -5.26 1.17 7.24
C MET A 65 -4.03 1.70 6.47
N VAL A 66 -4.09 1.64 5.13
CA VAL A 66 -3.00 2.03 4.23
C VAL A 66 -3.53 3.00 3.14
N SER A 67 -2.93 4.18 3.04
CA SER A 67 -3.36 5.23 2.11
C SER A 67 -2.49 5.21 0.84
N ILE A 68 -3.00 4.56 -0.22
CA ILE A 68 -2.37 4.56 -1.54
C ILE A 68 -2.83 5.81 -2.30
N ARG A 69 -1.97 6.83 -2.35
CA ARG A 69 -2.24 8.09 -3.07
C ARG A 69 -1.06 8.39 -4.01
N PRO A 70 -1.30 8.93 -5.27
CA PRO A 70 -0.22 9.19 -6.25
C PRO A 70 0.76 10.27 -5.78
N MET A 71 0.27 11.16 -4.88
CA MET A 71 1.03 12.24 -4.21
C MET A 71 1.30 13.45 -5.14
N GLN A 72 1.26 13.22 -6.49
CA GLN A 72 1.49 14.26 -7.53
C GLN A 72 2.91 14.85 -7.38
N VAL A 73 3.84 14.35 -8.22
CA VAL A 73 5.31 14.58 -8.11
C VAL A 73 5.86 13.77 -6.89
N ASN A 74 7.18 13.44 -6.93
CA ASN A 74 7.87 12.63 -5.90
C ASN A 74 7.45 11.15 -6.03
N GLY A 75 7.95 10.51 -7.11
CA GLY A 75 7.70 9.10 -7.39
C GLY A 75 6.26 8.79 -7.80
N TYR A 76 5.65 7.81 -7.10
CA TYR A 76 4.29 7.31 -7.40
C TYR A 76 3.71 6.52 -6.20
N PHE A 77 2.49 6.01 -6.40
CA PHE A 77 1.70 5.31 -5.36
C PHE A 77 2.10 3.81 -5.27
N MET A 78 2.46 3.37 -4.04
CA MET A 78 2.78 1.98 -3.72
C MET A 78 3.10 1.86 -2.20
N GLY A 79 2.21 1.17 -1.46
CA GLY A 79 2.29 0.98 0.01
C GLY A 79 2.66 2.24 0.84
N SER A 80 1.66 2.87 1.49
CA SER A 80 1.90 3.96 2.46
C SER A 80 1.01 3.76 3.70
N LEU A 81 1.57 3.19 4.78
CA LEU A 81 0.84 2.88 6.02
C LEU A 81 0.32 4.19 6.65
N ASN A 82 -0.99 4.23 6.92
CA ASN A 82 -1.66 5.38 7.57
C ASN A 82 -1.78 5.07 9.07
N GLN A 83 -0.78 5.53 9.85
CA GLN A 83 -0.73 5.25 11.29
C GLN A 83 -1.61 6.22 12.09
N ASP A 84 -1.36 7.54 11.92
CA ASP A 84 -2.02 8.66 12.68
C ASP A 84 -2.19 8.36 14.20
N GLY A 85 -1.23 7.62 14.79
CA GLY A 85 -1.31 7.15 16.18
C GLY A 85 -1.78 5.71 16.29
N LEU A 86 -1.20 4.84 15.46
CA LEU A 86 -1.52 3.39 15.41
C LEU A 86 -0.58 2.61 16.34
N SER A 87 -1.02 1.42 16.78
CA SER A 87 -0.22 0.53 17.65
C SER A 87 0.99 -0.03 16.88
N ASN A 88 2.14 -0.20 17.58
CA ASN A 88 3.42 -0.66 16.97
C ASN A 88 3.31 -2.09 16.37
N ASP A 89 2.34 -2.86 16.88
CA ASP A 89 1.97 -4.18 16.32
C ASP A 89 1.38 -3.99 14.92
N ASN A 90 0.44 -3.05 14.80
CA ASN A 90 -0.26 -2.76 13.55
C ASN A 90 0.68 -2.06 12.53
N ILE A 91 1.71 -1.36 13.06
CA ILE A 91 2.81 -0.80 12.25
C ILE A 91 3.65 -1.94 11.66
N GLN A 92 3.94 -2.96 12.50
CA GLN A 92 4.80 -4.10 12.16
C GLN A 92 4.24 -4.89 10.95
N ILE A 93 3.01 -5.41 11.08
CA ILE A 93 2.35 -6.20 10.01
C ILE A 93 2.00 -5.26 8.83
N GLY A 94 1.75 -3.97 9.19
CA GLY A 94 1.49 -2.91 8.21
C GLY A 94 2.62 -2.78 7.20
N LEU A 95 3.86 -2.52 7.68
CA LEU A 95 5.03 -2.27 6.82
C LEU A 95 5.43 -3.53 6.02
N GLN A 96 5.11 -4.72 6.57
CA GLN A 96 5.29 -6.00 5.84
C GLN A 96 4.36 -6.08 4.61
N TYR A 97 3.11 -5.61 4.79
CA TYR A 97 2.14 -5.52 3.71
C TYR A 97 2.39 -4.29 2.82
N ILE A 98 3.08 -3.25 3.33
CA ILE A 98 3.48 -2.05 2.53
C ILE A 98 4.48 -2.46 1.43
N GLU A 99 5.52 -3.24 1.82
CA GLU A 99 6.54 -3.73 0.88
C GLU A 99 5.96 -4.82 -0.05
N HIS A 100 4.94 -5.57 0.46
CA HIS A 100 4.23 -6.57 -0.35
C HIS A 100 3.41 -5.89 -1.46
N ILE A 101 2.59 -4.88 -1.07
CA ILE A 101 1.80 -4.05 -2.00
C ILE A 101 2.73 -3.31 -2.97
N GLU A 102 3.86 -2.81 -2.46
CA GLU A 102 4.88 -2.09 -3.24
C GLU A 102 5.41 -2.95 -4.40
N ARG A 103 5.65 -4.22 -4.10
CA ARG A 103 6.16 -5.21 -5.07
C ARG A 103 5.07 -5.61 -6.10
N THR A 104 3.79 -5.51 -5.69
CA THR A 104 2.62 -5.98 -6.48
C THR A 104 1.95 -4.82 -7.28
N LEU A 105 2.15 -3.57 -6.83
CA LEU A 105 1.44 -2.36 -7.34
C LEU A 105 2.40 -1.45 -8.14
N ASN A 106 3.70 -1.79 -8.13
CA ASN A 106 4.75 -1.07 -8.89
C ASN A 106 4.37 -0.86 -10.37
N HIS A 107 4.65 0.34 -10.89
CA HIS A 107 4.30 0.74 -12.26
C HIS A 107 5.30 0.14 -13.27
N GLY A 108 6.57 0.02 -12.83
CA GLY A 108 7.68 -0.35 -13.69
C GLY A 108 8.32 0.89 -14.31
N SER A 109 9.46 0.66 -15.01
CA SER A 109 10.35 1.74 -15.55
C SER A 109 11.10 2.47 -14.40
N LEU A 110 10.32 3.11 -13.50
CA LEU A 110 10.83 3.69 -12.24
C LEU A 110 11.01 2.53 -11.23
N THR A 111 12.12 2.56 -10.45
CA THR A 111 12.47 1.50 -9.49
C THR A 111 11.91 1.86 -8.09
N SER A 112 11.64 0.82 -7.27
CA SER A 112 10.96 0.95 -5.97
C SER A 112 11.76 1.81 -4.98
N ARG A 113 13.05 1.47 -4.78
CA ARG A 113 13.93 2.12 -3.77
C ARG A 113 14.04 3.64 -4.01
N GLU A 114 14.01 4.05 -5.28
CA GLU A 114 14.14 5.47 -5.69
C GLU A 114 13.00 6.35 -5.12
N VAL A 115 11.80 5.76 -4.97
CA VAL A 115 10.64 6.45 -4.37
C VAL A 115 10.65 6.26 -2.84
N THR A 116 11.08 5.05 -2.40
CA THR A 116 11.07 4.64 -1.00
C THR A 116 12.03 5.51 -0.15
N VAL A 117 13.20 5.85 -0.72
CA VAL A 117 14.23 6.68 -0.04
C VAL A 117 13.72 8.11 0.21
N LEU A 118 12.88 8.61 -0.71
CA LEU A 118 12.27 9.96 -0.60
C LEU A 118 11.26 9.99 0.58
N ARG A 119 10.57 8.86 0.77
CA ARG A 119 9.59 8.64 1.84
C ARG A 119 10.29 8.27 3.17
N GLU A 120 11.50 7.68 3.07
CA GLU A 120 12.27 7.16 4.22
C GLU A 120 13.03 8.28 4.96
N ILE A 121 13.62 9.22 4.18
CA ILE A 121 14.42 10.34 4.72
C ILE A 121 13.48 11.43 5.32
N MET A 22 -11.54 6.61 -1.16
CA MET A 22 -12.50 5.58 -0.67
C MET A 22 -11.73 4.33 -0.18
N PRO A 23 -12.10 3.76 1.02
CA PRO A 23 -11.41 2.60 1.61
C PRO A 23 -11.99 1.24 1.14
N VAL A 24 -11.30 0.59 0.17
CA VAL A 24 -11.63 -0.79 -0.21
C VAL A 24 -11.13 -1.76 0.89
N ASP A 25 -12.09 -2.18 1.74
CA ASP A 25 -11.84 -3.14 2.83
C ASP A 25 -11.50 -4.52 2.23
N LEU A 26 -10.23 -4.93 2.39
CA LEU A 26 -9.64 -6.07 1.70
C LEU A 26 -8.97 -7.02 2.72
N THR A 27 -9.54 -8.24 2.87
CA THR A 27 -8.97 -9.29 3.73
C THR A 27 -9.39 -10.74 3.29
N PRO A 28 -9.43 -11.07 1.94
CA PRO A 28 -9.92 -12.40 1.48
C PRO A 28 -8.85 -13.52 1.58
N TYR A 29 -7.57 -13.14 1.39
CA TYR A 29 -6.43 -14.08 1.39
C TYR A 29 -5.32 -13.63 2.36
N ILE A 30 -5.67 -12.78 3.36
CA ILE A 30 -4.70 -12.34 4.38
C ILE A 30 -4.35 -13.51 5.32
N LEU A 31 -3.04 -13.74 5.48
CA LEU A 31 -2.50 -14.71 6.43
C LEU A 31 -2.07 -13.92 7.69
N PRO A 32 -2.94 -13.83 8.76
CA PRO A 32 -2.71 -12.95 9.91
C PRO A 32 -1.62 -13.52 10.82
N GLY A 33 -0.39 -13.05 10.63
CA GLY A 33 0.77 -13.54 11.37
C GLY A 33 2.05 -13.37 10.59
N VAL A 34 1.98 -13.53 9.25
CA VAL A 34 3.13 -13.37 8.35
C VAL A 34 3.22 -11.94 7.79
N SER A 35 4.30 -11.69 7.04
CA SER A 35 4.59 -10.41 6.40
C SER A 35 3.89 -10.26 5.04
N PHE A 36 3.73 -11.39 4.35
CA PHE A 36 3.33 -11.43 2.93
C PHE A 36 1.86 -11.81 2.72
N LEU A 37 1.44 -11.69 1.45
CA LEU A 37 0.12 -12.09 0.96
C LEU A 37 0.34 -13.20 -0.10
N SER A 38 -0.55 -14.20 -0.12
CA SER A 38 -0.52 -15.31 -1.09
C SER A 38 -0.77 -14.76 -2.52
N ASP A 39 -1.96 -14.19 -2.73
CA ASP A 39 -2.32 -13.49 -3.99
C ASP A 39 -3.61 -12.69 -3.77
N ILE A 40 -3.56 -11.39 -4.08
CA ILE A 40 -4.75 -10.52 -4.11
C ILE A 40 -5.38 -10.63 -5.52
N PRO A 41 -6.74 -10.74 -5.64
CA PRO A 41 -7.43 -10.75 -6.96
C PRO A 41 -7.06 -9.51 -7.80
N GLN A 42 -6.65 -9.74 -9.07
CA GLN A 42 -6.14 -8.67 -9.96
C GLN A 42 -7.17 -7.54 -10.22
N GLU A 43 -8.46 -7.89 -10.03
CA GLU A 43 -9.59 -6.94 -10.13
C GLU A 43 -9.51 -5.85 -9.06
N THR A 44 -8.97 -6.22 -7.88
CA THR A 44 -8.74 -5.30 -6.78
C THR A 44 -7.60 -4.33 -7.11
N LEU A 45 -6.46 -4.85 -7.63
CA LEU A 45 -5.29 -4.01 -7.98
C LEU A 45 -5.63 -3.06 -9.13
N SER A 46 -6.60 -3.45 -9.99
CA SER A 46 -7.08 -2.63 -11.11
C SER A 46 -7.95 -1.46 -10.61
N GLU A 47 -8.87 -1.76 -9.66
CA GLU A 47 -9.78 -0.73 -9.10
C GLU A 47 -9.02 0.24 -8.18
N ILE A 48 -7.93 -0.27 -7.54
CA ILE A 48 -6.96 0.57 -6.79
C ILE A 48 -6.18 1.45 -7.77
N ARG A 49 -5.77 0.85 -8.91
CA ARG A 49 -5.00 1.54 -9.96
C ARG A 49 -5.83 2.68 -10.60
N ASN A 50 -7.17 2.54 -10.53
CA ASN A 50 -8.13 3.55 -10.99
C ASN A 50 -8.21 4.74 -10.01
N GLN A 51 -8.49 4.44 -8.72
CA GLN A 51 -8.69 5.46 -7.66
C GLN A 51 -7.38 6.21 -7.32
N THR A 52 -6.20 5.58 -7.57
CA THR A 52 -4.90 6.27 -7.42
C THR A 52 -4.74 7.41 -8.45
N ILE A 53 -5.34 7.23 -9.65
CA ILE A 53 -5.34 8.27 -10.71
C ILE A 53 -6.18 9.49 -10.24
N ARG A 54 -7.23 9.22 -9.45
CA ARG A 54 -8.04 10.25 -8.78
C ARG A 54 -7.21 10.92 -7.65
N GLY A 55 -6.25 10.15 -7.11
CA GLY A 55 -5.33 10.63 -6.06
C GLY A 55 -5.83 10.32 -4.65
N GLU A 56 -6.87 9.46 -4.55
CA GLU A 56 -7.48 9.08 -3.27
C GLU A 56 -7.78 7.57 -3.27
N ALA A 57 -6.97 6.81 -2.52
CA ALA A 57 -7.09 5.34 -2.43
C ALA A 57 -6.68 4.86 -1.04
N GLN A 58 -7.57 4.09 -0.39
CA GLN A 58 -7.29 3.47 0.92
C GLN A 58 -7.65 1.98 0.85
N ILE A 59 -6.80 1.13 1.43
CA ILE A 59 -6.98 -0.32 1.47
C ILE A 59 -6.91 -0.76 2.94
N ARG A 60 -8.03 -1.22 3.50
CA ARG A 60 -8.06 -1.69 4.89
C ARG A 60 -7.69 -3.19 4.93
N LEU A 61 -6.41 -3.46 5.18
CA LEU A 61 -5.90 -4.83 5.37
C LEU A 61 -6.19 -5.29 6.82
N GLY A 62 -7.48 -5.49 7.10
CA GLY A 62 -7.97 -5.84 8.44
C GLY A 62 -7.90 -4.65 9.39
N GLU A 63 -6.89 -4.66 10.28
CA GLU A 63 -6.62 -3.57 11.23
C GLU A 63 -5.59 -2.58 10.65
N LEU A 64 -4.84 -3.05 9.62
CA LEU A 64 -3.83 -2.22 8.93
C LEU A 64 -4.55 -1.26 7.98
N MET A 65 -4.53 0.03 8.32
CA MET A 65 -5.08 1.06 7.44
C MET A 65 -3.97 1.51 6.48
N VAL A 66 -4.14 1.18 5.20
CA VAL A 66 -3.18 1.54 4.13
C VAL A 66 -3.81 2.61 3.23
N SER A 67 -2.97 3.42 2.59
CA SER A 67 -3.37 4.39 1.55
C SER A 67 -2.34 4.32 0.42
N ILE A 68 -2.80 4.40 -0.84
CA ILE A 68 -1.91 4.43 -2.02
C ILE A 68 -2.25 5.71 -2.83
N ARG A 69 -1.44 6.77 -2.69
CA ARG A 69 -1.67 8.05 -3.38
C ARG A 69 -0.37 8.50 -4.08
N PRO A 70 -0.41 8.85 -5.40
CA PRO A 70 0.73 9.48 -6.09
C PRO A 70 0.92 10.94 -5.67
N MET A 71 2.16 11.42 -5.73
CA MET A 71 2.48 12.83 -5.54
C MET A 71 2.42 13.56 -6.90
N GLN A 72 2.07 14.85 -6.85
CA GLN A 72 1.85 15.71 -8.03
C GLN A 72 3.08 15.76 -8.96
N VAL A 73 4.28 15.74 -8.35
CA VAL A 73 5.57 15.74 -9.10
C VAL A 73 6.71 15.30 -8.14
N ASN A 74 7.76 14.63 -8.70
CA ASN A 74 8.95 14.15 -7.93
C ASN A 74 8.55 13.16 -6.84
N GLY A 75 7.47 12.41 -7.09
CA GLY A 75 6.92 11.49 -6.13
C GLY A 75 5.96 10.51 -6.75
N TYR A 76 5.96 9.30 -6.20
CA TYR A 76 5.27 8.12 -6.75
C TYR A 76 4.29 7.52 -5.73
N PHE A 77 3.62 6.41 -6.11
CA PHE A 77 2.74 5.64 -5.23
C PHE A 77 3.19 4.16 -5.17
N MET A 78 3.58 3.70 -3.97
CA MET A 78 3.78 2.28 -3.67
C MET A 78 3.90 2.10 -2.14
N GLY A 79 2.84 1.53 -1.54
CA GLY A 79 2.75 1.29 -0.10
C GLY A 79 2.94 2.54 0.78
N SER A 80 1.84 3.04 1.38
CA SER A 80 1.89 4.13 2.37
C SER A 80 1.00 3.73 3.56
N LEU A 81 1.63 3.20 4.61
CA LEU A 81 0.94 2.71 5.81
C LEU A 81 0.40 3.92 6.61
N ASN A 82 -0.93 4.09 6.57
CA ASN A 82 -1.64 5.12 7.35
C ASN A 82 -1.63 4.69 8.84
N GLN A 83 -0.66 5.24 9.60
CA GLN A 83 -0.44 4.89 11.03
C GLN A 83 -1.52 5.50 11.95
N ASP A 84 -2.38 6.35 11.35
CA ASP A 84 -3.50 6.98 12.06
C ASP A 84 -4.55 5.90 12.44
N GLY A 85 -4.74 5.70 13.76
CA GLY A 85 -5.67 4.70 14.30
C GLY A 85 -5.00 3.38 14.64
N LEU A 86 -3.70 3.23 14.29
CA LEU A 86 -2.92 2.01 14.53
C LEU A 86 -2.05 2.13 15.80
N SER A 87 -1.58 0.97 16.28
CA SER A 87 -0.63 0.86 17.40
C SER A 87 0.68 0.25 16.87
N ASN A 88 1.74 0.23 17.73
CA ASN A 88 3.13 -0.13 17.34
C ASN A 88 3.22 -1.50 16.61
N ASP A 89 2.44 -2.47 17.10
CA ASP A 89 2.37 -3.83 16.52
C ASP A 89 1.75 -3.82 15.11
N ASN A 90 0.69 -3.00 14.96
CA ASN A 90 -0.03 -2.84 13.68
C ASN A 90 0.85 -2.13 12.63
N ILE A 91 1.75 -1.26 13.11
CA ILE A 91 2.74 -0.56 12.26
C ILE A 91 3.71 -1.57 11.65
N GLN A 92 4.22 -2.49 12.50
CA GLN A 92 5.17 -3.55 12.09
C GLN A 92 4.57 -4.43 10.98
N ILE A 93 3.37 -4.99 11.25
CA ILE A 93 2.66 -5.86 10.29
C ILE A 93 2.34 -5.06 9.00
N GLY A 94 1.96 -3.78 9.21
CA GLY A 94 1.59 -2.87 8.14
C GLY A 94 2.70 -2.66 7.11
N LEU A 95 3.88 -2.20 7.58
CA LEU A 95 5.02 -1.87 6.70
C LEU A 95 5.56 -3.13 5.98
N GLN A 96 5.37 -4.30 6.60
CA GLN A 96 5.67 -5.61 5.98
C GLN A 96 4.77 -5.84 4.76
N TYR A 97 3.45 -5.63 4.94
CA TYR A 97 2.48 -5.74 3.84
C TYR A 97 2.69 -4.63 2.79
N ILE A 98 3.21 -3.46 3.23
CA ILE A 98 3.49 -2.31 2.33
C ILE A 98 4.59 -2.65 1.30
N GLU A 99 5.67 -3.31 1.78
CA GLU A 99 6.79 -3.72 0.91
C GLU A 99 6.39 -4.91 0.00
N HIS A 100 5.34 -5.65 0.40
CA HIS A 100 4.68 -6.63 -0.48
C HIS A 100 3.66 -5.98 -1.45
N ILE A 101 3.07 -4.82 -1.08
CA ILE A 101 2.12 -4.08 -1.95
C ILE A 101 2.85 -3.44 -3.15
N GLU A 102 4.11 -2.98 -2.94
CA GLU A 102 4.95 -2.43 -4.04
C GLU A 102 5.31 -3.54 -5.05
N ARG A 103 5.43 -4.78 -4.54
CA ARG A 103 5.74 -5.97 -5.35
C ARG A 103 4.50 -6.43 -6.15
N THR A 104 3.31 -6.24 -5.56
CA THR A 104 2.02 -6.63 -6.17
C THR A 104 1.59 -5.59 -7.24
N LEU A 105 1.85 -4.31 -6.92
CA LEU A 105 1.71 -3.17 -7.84
C LEU A 105 3.09 -2.87 -8.47
N ASN A 106 3.75 -3.94 -8.95
CA ASN A 106 5.16 -3.91 -9.42
C ASN A 106 5.37 -2.82 -10.50
N HIS A 107 6.07 -1.76 -10.09
CA HIS A 107 6.37 -0.59 -10.94
C HIS A 107 7.50 -0.90 -11.94
N GLY A 108 7.83 0.11 -12.78
CA GLY A 108 8.95 0.03 -13.71
C GLY A 108 10.23 0.56 -13.10
N SER A 109 10.87 1.52 -13.78
CA SER A 109 12.08 2.19 -13.32
C SER A 109 11.74 3.17 -12.18
N LEU A 110 12.07 2.77 -10.94
CA LEU A 110 11.71 3.53 -9.72
C LEU A 110 12.62 3.03 -8.57
N THR A 111 13.11 3.95 -7.73
CA THR A 111 13.94 3.64 -6.55
C THR A 111 13.14 3.94 -5.28
N SER A 112 13.39 3.16 -4.22
CA SER A 112 12.73 3.29 -2.90
C SER A 112 12.75 4.74 -2.38
N ARG A 113 13.95 5.36 -2.39
CA ARG A 113 14.19 6.70 -1.87
C ARG A 113 13.41 7.78 -2.65
N GLU A 114 13.13 7.56 -3.95
CA GLU A 114 12.41 8.55 -4.79
C GLU A 114 11.00 8.90 -4.24
N VAL A 115 10.28 7.89 -3.71
CA VAL A 115 8.96 8.08 -3.06
C VAL A 115 9.12 8.31 -1.52
N THR A 116 10.14 7.66 -0.91
CA THR A 116 10.38 7.73 0.56
C THR A 116 10.86 9.14 0.99
N VAL A 117 11.54 9.84 0.06
CA VAL A 117 12.15 11.15 0.30
C VAL A 117 11.09 12.22 0.58
N LEU A 118 9.86 11.98 0.12
CA LEU A 118 8.73 12.92 0.32
C LEU A 118 8.43 13.08 1.84
N ARG A 119 8.62 11.98 2.58
CA ARG A 119 8.48 11.95 4.06
C ARG A 119 9.78 12.44 4.74
N GLU A 120 10.93 12.19 4.09
CA GLU A 120 12.27 12.52 4.63
C GLU A 120 12.52 14.05 4.63
N ILE A 121 12.45 14.68 3.45
CA ILE A 121 12.59 16.14 3.31
C ILE A 121 11.25 16.85 3.66
N MET A 22 -13.25 6.91 -1.28
CA MET A 22 -13.74 5.52 -1.23
C MET A 22 -12.60 4.60 -0.76
N PRO A 23 -12.61 4.15 0.54
CA PRO A 23 -11.66 3.15 1.04
C PRO A 23 -12.10 1.72 0.66
N VAL A 24 -11.38 1.11 -0.31
CA VAL A 24 -11.62 -0.28 -0.73
C VAL A 24 -10.94 -1.25 0.27
N ASP A 25 -11.73 -1.71 1.26
CA ASP A 25 -11.27 -2.71 2.24
C ASP A 25 -10.96 -4.04 1.53
N LEU A 26 -9.72 -4.52 1.72
CA LEU A 26 -9.22 -5.72 1.04
C LEU A 26 -8.56 -6.65 2.07
N THR A 27 -9.25 -7.77 2.38
CA THR A 27 -8.70 -8.86 3.17
C THR A 27 -9.34 -10.21 2.75
N PRO A 28 -9.01 -10.73 1.53
CA PRO A 28 -9.48 -12.05 1.05
C PRO A 28 -8.50 -13.21 1.38
N TYR A 29 -7.17 -12.97 1.24
CA TYR A 29 -6.12 -14.00 1.42
C TYR A 29 -5.02 -13.50 2.39
N ILE A 30 -5.33 -12.49 3.23
CA ILE A 30 -4.35 -11.93 4.19
C ILE A 30 -4.12 -12.93 5.33
N LEU A 31 -2.85 -13.21 5.62
CA LEU A 31 -2.43 -14.05 6.76
C LEU A 31 -1.82 -13.09 7.81
N PRO A 32 -2.65 -12.49 8.73
CA PRO A 32 -2.23 -11.31 9.53
C PRO A 32 -1.15 -11.62 10.60
N GLY A 33 -0.78 -12.91 10.74
CA GLY A 33 0.29 -13.33 11.64
C GLY A 33 1.67 -13.31 10.99
N VAL A 34 1.72 -13.08 9.66
CA VAL A 34 2.99 -13.04 8.88
C VAL A 34 3.11 -11.73 8.07
N SER A 35 4.26 -11.58 7.40
CA SER A 35 4.58 -10.40 6.58
C SER A 35 4.10 -10.54 5.13
N PHE A 36 4.03 -11.79 4.62
CA PHE A 36 3.70 -12.07 3.21
C PHE A 36 2.19 -12.27 3.00
N LEU A 37 1.80 -12.24 1.72
CA LEU A 37 0.42 -12.47 1.25
C LEU A 37 0.41 -13.81 0.46
N SER A 38 -0.74 -14.53 0.48
CA SER A 38 -0.94 -15.73 -0.36
C SER A 38 -1.01 -15.32 -1.84
N ASP A 39 -1.98 -14.46 -2.14
CA ASP A 39 -2.21 -13.89 -3.48
C ASP A 39 -3.27 -12.79 -3.39
N ILE A 40 -3.19 -11.77 -4.26
CA ILE A 40 -4.24 -10.75 -4.39
C ILE A 40 -4.88 -10.85 -5.79
N PRO A 41 -6.25 -10.81 -5.90
CA PRO A 41 -6.93 -10.72 -7.20
C PRO A 41 -6.44 -9.51 -8.03
N GLN A 42 -6.01 -9.80 -9.29
CA GLN A 42 -5.58 -8.77 -10.27
C GLN A 42 -6.70 -7.75 -10.54
N GLU A 43 -7.96 -8.23 -10.40
CA GLU A 43 -9.17 -7.41 -10.56
C GLU A 43 -9.19 -6.25 -9.54
N THR A 44 -8.85 -6.55 -8.26
CA THR A 44 -8.77 -5.52 -7.21
C THR A 44 -7.55 -4.61 -7.42
N LEU A 45 -6.43 -5.16 -7.93
CA LEU A 45 -5.22 -4.36 -8.22
C LEU A 45 -5.51 -3.28 -9.28
N SER A 46 -6.29 -3.66 -10.31
CA SER A 46 -6.72 -2.75 -11.38
C SER A 46 -7.67 -1.68 -10.83
N GLU A 47 -8.52 -2.10 -9.87
CA GLU A 47 -9.46 -1.22 -9.14
C GLU A 47 -8.68 -0.14 -8.37
N ILE A 48 -7.60 -0.57 -7.68
CA ILE A 48 -6.65 0.31 -6.96
C ILE A 48 -5.98 1.30 -7.94
N ARG A 49 -5.46 0.77 -9.05
CA ARG A 49 -4.66 1.55 -10.02
C ARG A 49 -5.50 2.59 -10.77
N ASN A 50 -6.83 2.39 -10.90
CA ASN A 50 -7.73 3.39 -11.55
C ASN A 50 -8.20 4.47 -10.55
N GLN A 51 -8.42 4.07 -9.29
CA GLN A 51 -8.97 4.97 -8.24
C GLN A 51 -7.89 5.95 -7.71
N THR A 52 -6.59 5.60 -7.87
CA THR A 52 -5.45 6.50 -7.51
C THR A 52 -5.49 7.86 -8.25
N ILE A 53 -6.15 7.87 -9.43
CA ILE A 53 -6.32 9.08 -10.28
C ILE A 53 -7.24 10.12 -9.60
N ARG A 54 -8.03 9.66 -8.62
CA ARG A 54 -8.92 10.49 -7.78
C ARG A 54 -8.10 11.28 -6.72
N GLY A 55 -6.80 10.97 -6.60
CA GLY A 55 -5.87 11.67 -5.71
C GLY A 55 -5.69 10.98 -4.37
N GLU A 56 -6.69 10.17 -3.98
CA GLU A 56 -6.63 9.33 -2.77
C GLU A 56 -7.24 7.95 -3.10
N ALA A 57 -6.54 6.88 -2.67
CA ALA A 57 -6.99 5.50 -2.85
C ALA A 57 -6.56 4.69 -1.64
N GLN A 58 -7.49 4.51 -0.69
CA GLN A 58 -7.21 3.86 0.60
C GLN A 58 -7.67 2.40 0.57
N ILE A 59 -6.72 1.49 0.85
CA ILE A 59 -6.97 0.05 0.94
C ILE A 59 -6.86 -0.37 2.41
N ARG A 60 -7.98 -0.80 3.01
CA ARG A 60 -8.00 -1.29 4.39
C ARG A 60 -7.62 -2.77 4.41
N LEU A 61 -6.32 -3.06 4.59
CA LEU A 61 -5.82 -4.44 4.74
C LEU A 61 -6.20 -4.99 6.13
N GLY A 62 -7.49 -5.38 6.25
CA GLY A 62 -8.07 -5.77 7.53
C GLY A 62 -8.16 -4.59 8.49
N GLU A 63 -7.22 -4.54 9.45
CA GLU A 63 -7.13 -3.44 10.44
C GLU A 63 -6.11 -2.36 9.99
N LEU A 64 -5.23 -2.73 9.04
CA LEU A 64 -4.10 -1.89 8.58
C LEU A 64 -4.58 -0.92 7.49
N MET A 65 -4.57 0.39 7.80
CA MET A 65 -5.00 1.43 6.85
C MET A 65 -3.84 1.81 5.93
N VAL A 66 -3.95 1.46 4.66
CA VAL A 66 -2.96 1.81 3.62
C VAL A 66 -3.59 2.83 2.67
N SER A 67 -2.78 3.73 2.09
CA SER A 67 -3.23 4.68 1.05
C SER A 67 -2.23 4.71 -0.09
N ILE A 68 -2.64 4.15 -1.24
CA ILE A 68 -1.91 4.20 -2.50
C ILE A 68 -2.29 5.50 -3.24
N ARG A 69 -1.40 6.50 -3.28
CA ARG A 69 -1.73 7.80 -3.92
C ARG A 69 -0.45 8.51 -4.42
N PRO A 70 -0.42 8.96 -5.74
CA PRO A 70 0.76 9.62 -6.36
C PRO A 70 1.18 10.92 -5.63
N MET A 71 0.20 11.81 -5.39
CA MET A 71 0.45 13.17 -4.81
C MET A 71 0.49 13.10 -3.26
N GLN A 72 1.51 12.38 -2.75
CA GLN A 72 1.77 12.21 -1.30
C GLN A 72 3.06 11.38 -1.16
N VAL A 73 3.07 10.22 -1.85
CA VAL A 73 4.26 9.34 -1.93
C VAL A 73 5.35 10.00 -2.79
N ASN A 74 4.88 10.73 -3.84
CA ASN A 74 5.69 11.44 -4.85
C ASN A 74 6.36 10.46 -5.83
N GLY A 75 6.45 10.87 -7.10
CA GLY A 75 6.94 10.02 -8.17
C GLY A 75 5.84 9.12 -8.72
N TYR A 76 5.51 8.09 -7.94
CA TYR A 76 4.48 7.08 -8.30
C TYR A 76 3.55 6.82 -7.10
N PHE A 77 2.54 5.96 -7.32
CA PHE A 77 1.67 5.45 -6.27
C PHE A 77 2.10 4.02 -5.88
N MET A 78 2.53 3.86 -4.63
CA MET A 78 2.88 2.54 -4.05
C MET A 78 2.50 2.52 -2.56
N GLY A 79 2.84 1.40 -1.88
CA GLY A 79 2.49 1.15 -0.49
C GLY A 79 2.93 2.26 0.49
N SER A 80 1.94 2.95 1.07
CA SER A 80 2.16 3.94 2.14
C SER A 80 1.22 3.63 3.31
N LEU A 81 1.79 3.21 4.46
CA LEU A 81 1.01 2.84 5.66
C LEU A 81 0.55 4.10 6.42
N ASN A 82 -0.78 4.32 6.41
CA ASN A 82 -1.42 5.42 7.15
C ASN A 82 -1.54 5.04 8.64
N GLN A 83 -0.83 5.80 9.48
CA GLN A 83 -0.84 5.60 10.94
C GLN A 83 -2.11 6.20 11.57
N ASP A 84 -2.28 7.55 11.52
CA ASP A 84 -3.38 8.27 12.21
C ASP A 84 -3.32 8.04 13.76
N GLY A 85 -2.13 7.61 14.25
CA GLY A 85 -1.95 7.15 15.63
C GLY A 85 -2.18 5.65 15.77
N LEU A 86 -1.62 4.89 14.81
CA LEU A 86 -1.72 3.41 14.77
C LEU A 86 -0.71 2.78 15.74
N SER A 87 -1.09 1.65 16.35
CA SER A 87 -0.25 0.92 17.31
C SER A 87 1.02 0.38 16.66
N ASN A 88 2.12 0.30 17.44
CA ASN A 88 3.49 0.00 16.95
C ASN A 88 3.58 -1.38 16.24
N ASP A 89 2.79 -2.37 16.71
CA ASP A 89 2.76 -3.71 16.11
C ASP A 89 2.06 -3.66 14.74
N ASN A 90 0.96 -2.90 14.67
CA ASN A 90 0.21 -2.65 13.42
C ASN A 90 1.06 -1.87 12.39
N ILE A 91 1.92 -0.96 12.89
CA ILE A 91 2.92 -0.24 12.06
C ILE A 91 3.84 -1.26 11.37
N GLN A 92 4.26 -2.28 12.14
CA GLN A 92 5.14 -3.36 11.64
C GLN A 92 4.42 -4.19 10.56
N ILE A 93 3.23 -4.76 10.90
CA ILE A 93 2.45 -5.63 9.97
C ILE A 93 2.14 -4.87 8.68
N GLY A 94 1.86 -3.56 8.87
CA GLY A 94 1.57 -2.64 7.81
C GLY A 94 2.73 -2.47 6.84
N LEU A 95 3.92 -2.05 7.36
CA LEU A 95 5.10 -1.75 6.50
C LEU A 95 5.64 -3.02 5.81
N GLN A 96 5.35 -4.19 6.40
CA GLN A 96 5.67 -5.51 5.82
C GLN A 96 4.77 -5.78 4.60
N TYR A 97 3.46 -5.53 4.75
CA TYR A 97 2.53 -5.64 3.62
C TYR A 97 2.76 -4.53 2.60
N ILE A 98 3.28 -3.37 3.05
CA ILE A 98 3.60 -2.23 2.18
C ILE A 98 4.66 -2.62 1.15
N GLU A 99 5.78 -3.22 1.61
CA GLU A 99 6.89 -3.62 0.72
C GLU A 99 6.43 -4.71 -0.25
N HIS A 100 5.53 -5.61 0.22
CA HIS A 100 4.92 -6.65 -0.63
C HIS A 100 3.91 -6.06 -1.63
N ILE A 101 3.22 -4.96 -1.27
CA ILE A 101 2.29 -4.25 -2.18
C ILE A 101 3.09 -3.56 -3.30
N GLU A 102 4.20 -2.90 -2.91
CA GLU A 102 5.03 -2.09 -3.85
C GLU A 102 5.60 -2.95 -4.99
N ARG A 103 5.96 -4.20 -4.65
CA ARG A 103 6.46 -5.20 -5.62
C ARG A 103 5.31 -5.72 -6.50
N THR A 104 4.14 -5.93 -5.87
CA THR A 104 2.92 -6.45 -6.55
C THR A 104 2.27 -5.36 -7.44
N LEU A 105 2.56 -4.09 -7.12
CA LEU A 105 1.98 -2.90 -7.78
C LEU A 105 3.05 -2.18 -8.63
N ASN A 106 4.22 -2.85 -8.79
CA ASN A 106 5.37 -2.32 -9.53
C ASN A 106 4.98 -2.06 -11.00
N HIS A 107 5.21 -0.81 -11.45
CA HIS A 107 4.76 -0.33 -12.76
C HIS A 107 5.59 -0.94 -13.92
N GLY A 108 6.86 -1.26 -13.62
CA GLY A 108 7.78 -1.85 -14.61
C GLY A 108 8.99 -2.45 -13.94
N SER A 109 9.91 -1.59 -13.48
CA SER A 109 11.16 -1.98 -12.80
C SER A 109 11.40 -1.06 -11.58
N LEU A 110 10.31 -0.41 -11.14
CA LEU A 110 10.32 0.61 -10.09
C LEU A 110 10.80 0.08 -8.73
N THR A 111 11.59 0.89 -8.02
CA THR A 111 12.11 0.59 -6.69
C THR A 111 11.30 1.34 -5.62
N SER A 112 11.19 0.75 -4.42
CA SER A 112 10.54 1.39 -3.26
C SER A 112 11.32 2.64 -2.83
N ARG A 113 12.65 2.47 -2.73
CA ARG A 113 13.59 3.53 -2.34
C ARG A 113 13.59 4.71 -3.35
N GLU A 114 13.22 4.43 -4.62
CA GLU A 114 13.16 5.43 -5.72
C GLU A 114 12.21 6.60 -5.34
N VAL A 115 11.01 6.25 -4.86
CA VAL A 115 9.99 7.25 -4.48
C VAL A 115 10.22 7.78 -3.05
N THR A 116 10.85 6.95 -2.20
CA THR A 116 11.13 7.31 -0.79
C THR A 116 12.13 8.49 -0.73
N VAL A 117 13.20 8.41 -1.54
CA VAL A 117 14.26 9.44 -1.59
C VAL A 117 13.73 10.77 -2.19
N LEU A 118 12.70 10.65 -3.06
CA LEU A 118 12.01 11.82 -3.67
C LEU A 118 11.18 12.58 -2.63
N ARG A 119 10.55 11.82 -1.72
CA ARG A 119 9.73 12.40 -0.63
C ARG A 119 10.62 12.86 0.54
N GLU A 120 11.80 12.20 0.67
CA GLU A 120 12.76 12.45 1.77
C GLU A 120 13.46 13.82 1.61
N ILE A 121 13.73 14.21 0.36
CA ILE A 121 14.27 15.54 0.03
C ILE A 121 13.12 16.57 -0.19
N MET A 22 -13.98 6.03 -1.99
CA MET A 22 -14.34 5.45 -0.67
C MET A 22 -13.27 4.39 -0.27
N PRO A 23 -13.02 4.19 1.07
CA PRO A 23 -11.98 3.27 1.55
C PRO A 23 -12.31 1.78 1.28
N VAL A 24 -11.84 1.32 0.11
CA VAL A 24 -12.03 -0.05 -0.41
C VAL A 24 -11.32 -1.10 0.49
N ASP A 25 -12.10 -1.99 1.11
CA ASP A 25 -11.58 -3.09 1.94
C ASP A 25 -10.96 -4.18 1.06
N LEU A 26 -9.80 -4.68 1.49
CA LEU A 26 -9.05 -5.72 0.79
C LEU A 26 -8.39 -6.59 1.87
N THR A 27 -9.07 -7.69 2.25
CA THR A 27 -8.54 -8.66 3.22
C THR A 27 -9.01 -10.13 2.92
N PRO A 28 -8.94 -10.63 1.63
CA PRO A 28 -9.44 -11.98 1.29
C PRO A 28 -8.40 -13.11 1.55
N TYR A 29 -7.09 -12.83 1.42
CA TYR A 29 -6.01 -13.84 1.60
C TYR A 29 -4.93 -13.35 2.59
N ILE A 30 -5.26 -12.35 3.44
CA ILE A 30 -4.31 -11.77 4.41
C ILE A 30 -4.01 -12.76 5.55
N LEU A 31 -2.71 -12.87 5.92
CA LEU A 31 -2.25 -13.73 7.03
C LEU A 31 -1.60 -12.80 8.10
N PRO A 32 -2.39 -12.19 9.07
CA PRO A 32 -1.85 -11.23 10.07
C PRO A 32 -0.66 -11.78 10.91
N GLY A 33 -0.54 -13.12 10.94
CA GLY A 33 0.54 -13.80 11.66
C GLY A 33 1.92 -13.57 11.04
N VAL A 34 2.00 -13.57 9.69
CA VAL A 34 3.28 -13.46 8.95
C VAL A 34 3.43 -12.07 8.27
N SER A 35 4.59 -11.88 7.61
CA SER A 35 4.97 -10.62 6.96
C SER A 35 4.53 -10.58 5.48
N PHE A 36 4.36 -11.76 4.85
CA PHE A 36 4.01 -11.87 3.42
C PHE A 36 2.50 -11.99 3.22
N LEU A 37 2.06 -11.71 1.99
CA LEU A 37 0.67 -11.94 1.55
C LEU A 37 0.65 -13.21 0.67
N SER A 38 -0.42 -14.02 0.77
CA SER A 38 -0.58 -15.24 -0.03
C SER A 38 -0.96 -14.86 -1.48
N ASP A 39 -1.96 -13.98 -1.60
CA ASP A 39 -2.46 -13.47 -2.89
C ASP A 39 -3.26 -12.20 -2.69
N ILE A 40 -3.12 -11.25 -3.62
CA ILE A 40 -4.05 -10.13 -3.77
C ILE A 40 -4.61 -10.20 -5.20
N PRO A 41 -5.97 -10.30 -5.37
CA PRO A 41 -6.60 -10.36 -6.70
C PRO A 41 -6.32 -9.07 -7.51
N GLN A 42 -5.80 -9.25 -8.74
CA GLN A 42 -5.42 -8.13 -9.62
C GLN A 42 -6.67 -7.40 -10.15
N GLU A 43 -7.86 -8.04 -10.05
CA GLU A 43 -9.15 -7.39 -10.34
C GLU A 43 -9.44 -6.27 -9.32
N THR A 44 -9.08 -6.51 -8.05
CA THR A 44 -9.21 -5.51 -6.98
C THR A 44 -8.10 -4.44 -7.13
N LEU A 45 -6.91 -4.86 -7.58
CA LEU A 45 -5.80 -3.92 -7.90
C LEU A 45 -6.14 -3.06 -9.13
N SER A 46 -7.04 -3.57 -10.00
CA SER A 46 -7.52 -2.87 -11.20
C SER A 46 -8.40 -1.66 -10.81
N GLU A 47 -9.28 -1.83 -9.78
CA GLU A 47 -10.14 -0.73 -9.33
C GLU A 47 -9.31 0.34 -8.58
N ILE A 48 -8.22 -0.10 -7.91
CA ILE A 48 -7.24 0.82 -7.29
C ILE A 48 -6.52 1.63 -8.39
N ARG A 49 -6.17 0.91 -9.46
CA ARG A 49 -5.38 1.43 -10.58
C ARG A 49 -6.11 2.59 -11.32
N ASN A 50 -7.44 2.57 -11.34
CA ASN A 50 -8.24 3.68 -11.92
C ASN A 50 -8.54 4.82 -10.92
N GLN A 51 -8.85 4.48 -9.65
CA GLN A 51 -9.23 5.50 -8.62
C GLN A 51 -8.01 6.36 -8.18
N THR A 52 -6.79 5.82 -8.34
CA THR A 52 -5.54 6.60 -8.20
C THR A 52 -5.55 7.86 -9.11
N ILE A 53 -6.15 7.72 -10.32
CA ILE A 53 -6.30 8.83 -11.29
C ILE A 53 -7.30 9.89 -10.74
N ARG A 54 -8.35 9.42 -10.04
CA ARG A 54 -9.33 10.29 -9.32
C ARG A 54 -8.62 11.06 -8.18
N GLY A 55 -7.42 10.60 -7.78
CA GLY A 55 -6.54 11.31 -6.86
C GLY A 55 -6.40 10.64 -5.51
N GLU A 56 -7.36 9.74 -5.18
CA GLU A 56 -7.41 9.07 -3.86
C GLU A 56 -7.75 7.58 -4.02
N ALA A 57 -6.95 6.73 -3.35
CA ALA A 57 -7.19 5.29 -3.22
C ALA A 57 -6.74 4.85 -1.83
N GLN A 58 -7.70 4.67 -0.91
CA GLN A 58 -7.43 4.24 0.47
C GLN A 58 -7.94 2.80 0.65
N ILE A 59 -7.00 1.87 0.90
CA ILE A 59 -7.29 0.44 0.97
C ILE A 59 -7.22 -0.04 2.45
N ARG A 60 -8.29 -0.70 2.92
CA ARG A 60 -8.36 -1.24 4.29
C ARG A 60 -7.86 -2.71 4.30
N LEU A 61 -6.59 -2.93 4.66
CA LEU A 61 -6.06 -4.30 4.92
C LEU A 61 -6.43 -4.72 6.35
N GLY A 62 -7.73 -5.00 6.58
CA GLY A 62 -8.23 -5.33 7.91
C GLY A 62 -8.24 -4.10 8.83
N GLU A 63 -7.24 -4.04 9.74
CA GLU A 63 -7.02 -2.88 10.63
C GLU A 63 -5.93 -1.96 10.06
N LEU A 64 -5.10 -2.52 9.15
CA LEU A 64 -4.01 -1.77 8.51
C LEU A 64 -4.60 -0.81 7.48
N MET A 65 -4.56 0.49 7.79
CA MET A 65 -5.15 1.51 6.92
C MET A 65 -4.05 2.03 5.97
N VAL A 66 -4.20 1.76 4.67
CA VAL A 66 -3.21 2.12 3.63
C VAL A 66 -3.83 3.15 2.65
N SER A 67 -2.99 4.01 2.04
CA SER A 67 -3.44 4.99 1.03
C SER A 67 -2.47 4.95 -0.19
N ILE A 68 -2.88 4.22 -1.24
CA ILE A 68 -2.11 4.13 -2.51
C ILE A 68 -2.47 5.34 -3.40
N ARG A 69 -1.66 6.42 -3.31
CA ARG A 69 -1.94 7.69 -4.00
C ARG A 69 -0.72 8.15 -4.84
N PRO A 70 -0.89 8.42 -6.19
CA PRO A 70 0.20 8.84 -7.11
C PRO A 70 0.58 10.34 -6.97
N MET A 71 0.95 11.00 -8.11
CA MET A 71 1.25 12.45 -8.20
C MET A 71 2.69 12.72 -7.71
N GLN A 72 3.23 13.92 -8.08
CA GLN A 72 4.62 14.36 -7.74
C GLN A 72 5.00 14.19 -6.24
N VAL A 73 3.98 14.08 -5.36
CA VAL A 73 4.17 13.80 -3.93
C VAL A 73 4.74 12.36 -3.73
N ASN A 74 6.00 12.29 -3.24
CA ASN A 74 6.79 11.02 -3.10
C ASN A 74 7.04 10.31 -4.46
N GLY A 75 6.90 11.07 -5.57
CA GLY A 75 7.14 10.56 -6.91
C GLY A 75 5.97 9.75 -7.49
N TYR A 76 5.84 8.49 -7.02
CA TYR A 76 4.78 7.55 -7.46
C TYR A 76 4.08 6.91 -6.26
N PHE A 77 3.07 6.06 -6.54
CA PHE A 77 2.26 5.41 -5.50
C PHE A 77 2.92 4.11 -5.00
N MET A 78 3.35 4.14 -3.74
CA MET A 78 3.76 2.97 -2.96
C MET A 78 2.83 2.84 -1.74
N GLY A 79 3.11 1.83 -0.90
CA GLY A 79 2.32 1.60 0.31
C GLY A 79 2.50 2.71 1.35
N SER A 80 1.45 3.51 1.58
CA SER A 80 1.41 4.52 2.65
C SER A 80 0.60 3.96 3.83
N LEU A 81 1.31 3.40 4.83
CA LEU A 81 0.68 2.83 6.04
C LEU A 81 0.38 3.96 7.02
N ASN A 82 -0.93 4.27 7.19
CA ASN A 82 -1.42 5.22 8.21
C ASN A 82 -1.11 4.64 9.61
N GLN A 83 0.04 5.05 10.13
CA GLN A 83 0.56 4.61 11.43
C GLN A 83 -0.15 5.31 12.60
N ASP A 84 -0.82 6.43 12.31
CA ASP A 84 -1.61 7.17 13.31
C ASP A 84 -2.92 6.41 13.58
N GLY A 85 -2.95 5.69 14.72
CA GLY A 85 -4.07 4.82 15.09
C GLY A 85 -3.61 3.39 15.37
N LEU A 86 -2.56 2.96 14.64
CA LEU A 86 -1.92 1.66 14.85
C LEU A 86 -0.77 1.77 15.86
N SER A 87 -0.34 0.63 16.41
CA SER A 87 0.79 0.56 17.35
C SER A 87 1.55 -0.79 17.22
N ASN A 88 2.90 -0.69 17.42
CA ASN A 88 3.88 -1.82 17.51
C ASN A 88 3.65 -3.02 16.56
N ASP A 89 2.71 -3.92 16.89
CA ASP A 89 2.53 -5.20 16.18
C ASP A 89 1.73 -4.97 14.88
N ASN A 90 0.67 -4.15 14.96
CA ASN A 90 -0.15 -3.81 13.78
C ASN A 90 0.67 -2.94 12.81
N ILE A 91 1.54 -2.08 13.38
CA ILE A 91 2.57 -1.34 12.62
C ILE A 91 3.47 -2.30 11.83
N GLN A 92 3.97 -3.36 12.51
CA GLN A 92 4.89 -4.35 11.90
C GLN A 92 4.22 -5.05 10.70
N ILE A 93 3.00 -5.59 10.91
CA ILE A 93 2.22 -6.29 9.86
C ILE A 93 1.99 -5.34 8.66
N GLY A 94 1.72 -4.06 9.00
CA GLY A 94 1.46 -3.02 8.03
C GLY A 94 2.64 -2.75 7.11
N LEU A 95 3.79 -2.35 7.69
CA LEU A 95 4.98 -1.95 6.90
C LEU A 95 5.60 -3.14 6.14
N GLN A 96 5.35 -4.38 6.61
CA GLN A 96 5.77 -5.61 5.92
C GLN A 96 4.90 -5.87 4.69
N TYR A 97 3.60 -5.57 4.80
CA TYR A 97 2.70 -5.62 3.64
C TYR A 97 2.99 -4.45 2.70
N ILE A 98 3.43 -3.31 3.25
CA ILE A 98 3.77 -2.11 2.47
C ILE A 98 5.01 -2.35 1.60
N GLU A 99 6.01 -3.09 2.15
CA GLU A 99 7.23 -3.42 1.40
C GLU A 99 6.94 -4.54 0.37
N HIS A 100 5.87 -5.32 0.62
CA HIS A 100 5.31 -6.27 -0.36
C HIS A 100 4.51 -5.51 -1.46
N ILE A 101 3.75 -4.46 -1.04
CA ILE A 101 2.81 -3.70 -1.90
C ILE A 101 3.57 -2.76 -2.86
N GLU A 102 4.72 -2.21 -2.41
CA GLU A 102 5.53 -1.30 -3.24
C GLU A 102 6.08 -2.05 -4.48
N ARG A 103 6.36 -3.35 -4.30
CA ARG A 103 6.82 -4.25 -5.36
C ARG A 103 5.65 -4.67 -6.28
N THR A 104 4.46 -4.87 -5.68
CA THR A 104 3.26 -5.31 -6.42
C THR A 104 2.70 -4.16 -7.31
N LEU A 105 2.67 -2.94 -6.76
CA LEU A 105 2.12 -1.73 -7.42
C LEU A 105 3.25 -0.85 -8.00
N ASN A 106 4.42 -1.46 -8.24
CA ASN A 106 5.56 -0.82 -8.95
C ASN A 106 5.12 -0.46 -10.38
N HIS A 107 5.65 0.66 -10.92
CA HIS A 107 5.26 1.18 -12.23
C HIS A 107 5.65 0.21 -13.37
N GLY A 108 6.77 -0.51 -13.18
CA GLY A 108 7.22 -1.53 -14.14
C GLY A 108 8.72 -1.74 -14.12
N SER A 109 9.45 -0.63 -14.07
CA SER A 109 10.92 -0.60 -14.10
C SER A 109 11.41 0.59 -13.28
N LEU A 110 11.31 0.46 -11.95
CA LEU A 110 11.60 1.53 -11.00
C LEU A 110 12.21 0.93 -9.72
N THR A 111 13.22 1.63 -9.16
CA THR A 111 13.88 1.25 -7.91
C THR A 111 13.16 1.93 -6.72
N SER A 112 13.08 1.22 -5.58
CA SER A 112 12.48 1.75 -4.34
C SER A 112 13.26 3.00 -3.88
N ARG A 113 14.60 2.85 -3.82
CA ARG A 113 15.55 3.90 -3.47
C ARG A 113 15.33 5.20 -4.27
N GLU A 114 14.90 5.05 -5.55
CA GLU A 114 14.68 6.19 -6.47
C GLU A 114 13.60 7.16 -5.93
N VAL A 115 12.49 6.60 -5.38
CA VAL A 115 11.41 7.41 -4.76
C VAL A 115 11.69 7.67 -3.25
N THR A 116 12.55 6.81 -2.65
CA THR A 116 12.85 6.88 -1.20
C THR A 116 13.80 8.05 -0.87
N VAL A 117 14.69 8.44 -1.81
CA VAL A 117 15.65 9.56 -1.58
C VAL A 117 14.91 10.91 -1.37
N LEU A 118 13.62 10.98 -1.77
CA LEU A 118 12.76 12.14 -1.51
C LEU A 118 12.43 12.24 -0.02
N ARG A 119 12.13 11.09 0.63
CA ARG A 119 11.86 11.03 2.09
C ARG A 119 13.18 10.98 2.90
N GLU A 120 14.23 10.41 2.29
CA GLU A 120 15.50 10.06 2.97
C GLU A 120 16.32 11.31 3.33
N ILE A 121 16.12 12.39 2.56
CA ILE A 121 16.70 13.70 2.84
C ILE A 121 15.92 14.40 4.00
N MET A 22 -13.07 6.31 -1.27
CA MET A 22 -13.82 5.05 -0.99
C MET A 22 -12.82 3.95 -0.58
N PRO A 23 -12.77 3.58 0.76
CA PRO A 23 -11.84 2.55 1.26
C PRO A 23 -12.24 1.12 0.88
N VAL A 24 -11.57 0.56 -0.14
CA VAL A 24 -11.77 -0.83 -0.57
C VAL A 24 -11.22 -1.78 0.52
N ASP A 25 -12.05 -2.74 0.96
CA ASP A 25 -11.62 -3.79 1.89
C ASP A 25 -10.78 -4.82 1.12
N LEU A 26 -9.71 -5.32 1.75
CA LEU A 26 -8.76 -6.25 1.13
C LEU A 26 -8.28 -7.19 2.25
N THR A 27 -9.02 -8.29 2.46
CA THR A 27 -8.65 -9.32 3.45
C THR A 27 -9.07 -10.76 3.02
N PRO A 28 -9.01 -11.18 1.68
CA PRO A 28 -9.44 -12.52 1.27
C PRO A 28 -8.36 -13.59 1.56
N TYR A 29 -7.06 -13.18 1.47
CA TYR A 29 -5.90 -14.08 1.59
C TYR A 29 -4.87 -13.56 2.62
N ILE A 30 -5.33 -12.74 3.59
CA ILE A 30 -4.45 -12.23 4.67
C ILE A 30 -4.00 -13.37 5.59
N LEU A 31 -2.67 -13.52 5.72
CA LEU A 31 -2.03 -14.49 6.61
C LEU A 31 -1.41 -13.71 7.81
N PRO A 32 -2.17 -13.53 8.94
CA PRO A 32 -1.74 -12.65 10.05
C PRO A 32 -0.66 -13.33 10.90
N GLY A 33 0.59 -13.16 10.47
CA GLY A 33 1.73 -13.84 11.07
C GLY A 33 2.97 -13.76 10.19
N VAL A 34 2.75 -13.86 8.86
CA VAL A 34 3.83 -13.75 7.86
C VAL A 34 3.95 -12.30 7.36
N SER A 35 5.06 -12.02 6.65
CA SER A 35 5.34 -10.70 6.07
C SER A 35 4.53 -10.46 4.77
N PHE A 36 4.38 -11.53 3.98
CA PHE A 36 3.81 -11.46 2.61
C PHE A 36 2.28 -11.71 2.62
N LEU A 37 1.69 -11.60 1.41
CA LEU A 37 0.28 -11.94 1.14
C LEU A 37 0.29 -13.10 0.13
N SER A 38 -0.63 -14.10 0.28
CA SER A 38 -0.69 -15.30 -0.60
C SER A 38 -0.76 -14.88 -2.08
N ASP A 39 -1.80 -14.10 -2.41
CA ASP A 39 -2.02 -13.50 -3.74
C ASP A 39 -3.19 -12.53 -3.63
N ILE A 40 -3.07 -11.34 -4.22
CA ILE A 40 -4.19 -10.38 -4.29
C ILE A 40 -4.74 -10.36 -5.72
N PRO A 41 -6.09 -10.54 -5.92
CA PRO A 41 -6.74 -10.46 -7.26
C PRO A 41 -6.36 -9.17 -8.01
N GLN A 42 -5.93 -9.32 -9.30
CA GLN A 42 -5.54 -8.17 -10.15
C GLN A 42 -6.76 -7.26 -10.47
N GLU A 43 -7.97 -7.79 -10.21
CA GLU A 43 -9.22 -7.02 -10.25
C GLU A 43 -9.22 -5.92 -9.17
N THR A 44 -8.78 -6.29 -7.95
CA THR A 44 -8.62 -5.35 -6.84
C THR A 44 -7.53 -4.32 -7.16
N LEU A 45 -6.42 -4.78 -7.74
CA LEU A 45 -5.31 -3.90 -8.19
C LEU A 45 -5.82 -2.88 -9.23
N SER A 46 -6.72 -3.34 -10.11
CA SER A 46 -7.27 -2.53 -11.22
C SER A 46 -8.24 -1.45 -10.72
N GLU A 47 -9.09 -1.78 -9.72
CA GLU A 47 -10.03 -0.81 -9.12
C GLU A 47 -9.26 0.23 -8.26
N ILE A 48 -8.09 -0.19 -7.72
CA ILE A 48 -7.14 0.73 -7.07
C ILE A 48 -6.51 1.68 -8.12
N ARG A 49 -6.13 1.13 -9.29
CA ARG A 49 -5.55 1.90 -10.41
C ARG A 49 -6.56 2.93 -10.96
N ASN A 50 -7.86 2.65 -10.77
CA ASN A 50 -8.97 3.54 -11.17
C ASN A 50 -9.09 4.71 -10.17
N GLN A 51 -9.20 4.40 -8.86
CA GLN A 51 -9.41 5.42 -7.80
C GLN A 51 -8.15 6.30 -7.60
N THR A 52 -6.94 5.75 -7.89
CA THR A 52 -5.66 6.51 -7.81
C THR A 52 -5.62 7.71 -8.77
N ILE A 53 -6.43 7.65 -9.85
CA ILE A 53 -6.52 8.75 -10.85
C ILE A 53 -7.13 10.04 -10.21
N ARG A 54 -7.90 9.84 -9.12
CA ARG A 54 -8.48 10.95 -8.32
C ARG A 54 -7.41 11.56 -7.36
N GLY A 55 -6.17 11.03 -7.41
CA GLY A 55 -5.06 11.50 -6.59
C GLY A 55 -4.95 10.75 -5.27
N GLU A 56 -6.04 10.06 -4.87
CA GLU A 56 -6.13 9.36 -3.59
C GLU A 56 -6.82 8.00 -3.78
N ALA A 57 -6.21 6.95 -3.21
CA ALA A 57 -6.79 5.60 -3.12
C ALA A 57 -6.74 5.14 -1.66
N GLN A 58 -7.86 4.60 -1.17
CA GLN A 58 -7.99 4.12 0.21
C GLN A 58 -8.13 2.59 0.19
N ILE A 59 -7.13 1.90 0.78
CA ILE A 59 -7.08 0.42 0.88
C ILE A 59 -7.16 0.03 2.36
N ARG A 60 -7.82 -1.09 2.65
CA ARG A 60 -8.06 -1.58 4.02
C ARG A 60 -7.63 -3.05 4.14
N LEU A 61 -6.34 -3.27 4.47
CA LEU A 61 -5.80 -4.62 4.73
C LEU A 61 -6.24 -5.09 6.14
N GLY A 62 -7.48 -5.59 6.21
CA GLY A 62 -8.09 -5.97 7.48
C GLY A 62 -8.37 -4.75 8.35
N GLU A 63 -7.53 -4.54 9.38
CA GLU A 63 -7.62 -3.37 10.28
C GLU A 63 -6.61 -2.27 9.88
N LEU A 64 -5.68 -2.64 8.97
CA LEU A 64 -4.61 -1.75 8.49
C LEU A 64 -5.12 -0.85 7.36
N MET A 65 -4.85 0.46 7.45
CA MET A 65 -5.27 1.45 6.43
C MET A 65 -4.05 1.91 5.62
N VAL A 66 -4.16 1.84 4.28
CA VAL A 66 -3.05 2.11 3.34
C VAL A 66 -3.49 3.15 2.29
N SER A 67 -2.78 4.29 2.24
CA SER A 67 -3.10 5.41 1.33
C SER A 67 -2.16 5.40 0.10
N ILE A 68 -2.72 5.08 -1.09
CA ILE A 68 -1.95 5.03 -2.36
C ILE A 68 -2.23 6.32 -3.18
N ARG A 69 -1.21 7.18 -3.39
CA ARG A 69 -1.39 8.53 -3.99
C ARG A 69 -0.34 8.82 -5.11
N PRO A 70 -0.75 8.74 -6.43
CA PRO A 70 0.08 9.25 -7.55
C PRO A 70 -0.23 10.72 -7.93
N MET A 71 0.85 11.40 -8.35
CA MET A 71 0.84 12.74 -9.00
C MET A 71 2.29 13.21 -9.04
N GLN A 72 2.89 13.20 -7.83
CA GLN A 72 4.30 13.51 -7.56
C GLN A 72 4.54 13.34 -6.04
N VAL A 73 3.44 13.48 -5.26
CA VAL A 73 3.38 13.16 -3.82
C VAL A 73 3.77 11.68 -3.59
N ASN A 74 4.59 11.44 -2.55
CA ASN A 74 5.12 10.11 -2.19
C ASN A 74 6.05 9.53 -3.28
N GLY A 75 6.49 10.39 -4.22
CA GLY A 75 7.18 9.94 -5.44
C GLY A 75 6.26 9.12 -6.32
N TYR A 76 6.36 7.78 -6.21
CA TYR A 76 5.44 6.84 -6.86
C TYR A 76 4.35 6.40 -5.89
N PHE A 77 3.25 5.89 -6.47
CA PHE A 77 2.11 5.38 -5.71
C PHE A 77 2.31 3.89 -5.41
N MET A 78 2.40 3.60 -4.10
CA MET A 78 2.55 2.24 -3.57
C MET A 78 2.43 2.28 -2.03
N GLY A 79 2.64 1.12 -1.38
CA GLY A 79 2.38 0.92 0.06
C GLY A 79 2.81 2.08 0.97
N SER A 80 1.81 2.79 1.54
CA SER A 80 2.03 3.84 2.54
C SER A 80 1.01 3.65 3.69
N LEU A 81 1.48 3.08 4.81
CA LEU A 81 0.66 2.74 5.98
C LEU A 81 0.26 4.04 6.73
N ASN A 82 -1.05 4.37 6.67
CA ASN A 82 -1.65 5.49 7.41
C ASN A 82 -1.72 5.13 8.91
N GLN A 83 -0.80 5.70 9.71
CA GLN A 83 -0.64 5.38 11.14
C GLN A 83 -1.33 6.42 12.06
N ASP A 84 -0.75 7.65 12.14
CA ASP A 84 -1.36 8.82 12.83
C ASP A 84 -1.72 8.55 14.31
N GLY A 85 -0.99 7.60 14.93
CA GLY A 85 -1.20 7.20 16.34
C GLY A 85 -1.55 5.73 16.50
N LEU A 86 -1.38 4.95 15.42
CA LEU A 86 -1.69 3.52 15.39
C LEU A 86 -0.79 2.71 16.35
N SER A 87 -1.32 1.56 16.80
CA SER A 87 -0.64 0.65 17.75
C SER A 87 0.60 0.01 17.10
N ASN A 88 1.69 -0.11 17.89
CA ASN A 88 3.04 -0.53 17.41
C ASN A 88 3.03 -1.91 16.72
N ASP A 89 2.14 -2.81 17.17
CA ASP A 89 2.00 -4.14 16.57
C ASP A 89 1.50 -4.03 15.13
N ASN A 90 0.49 -3.15 14.93
CA ASN A 90 -0.11 -2.91 13.60
C ASN A 90 0.80 -2.04 12.71
N ILE A 91 1.76 -1.32 13.32
CA ILE A 91 2.85 -0.64 12.58
C ILE A 91 3.75 -1.70 11.94
N GLN A 92 4.07 -2.75 12.71
CA GLN A 92 4.92 -3.87 12.25
C GLN A 92 4.21 -4.66 11.14
N ILE A 93 3.00 -5.16 11.44
CA ILE A 93 2.14 -5.93 10.49
C ILE A 93 1.89 -5.08 9.21
N GLY A 94 1.72 -3.76 9.44
CA GLY A 94 1.52 -2.78 8.39
C GLY A 94 2.69 -2.71 7.42
N LEU A 95 3.91 -2.44 7.93
CA LEU A 95 5.11 -2.22 7.10
C LEU A 95 5.51 -3.50 6.32
N GLN A 96 5.14 -4.68 6.89
CA GLN A 96 5.35 -6.00 6.24
C GLN A 96 4.46 -6.12 4.98
N TYR A 97 3.19 -5.75 5.15
CA TYR A 97 2.22 -5.77 4.05
C TYR A 97 2.47 -4.63 3.06
N ILE A 98 3.07 -3.52 3.55
CA ILE A 98 3.38 -2.33 2.72
C ILE A 98 4.49 -2.65 1.71
N GLU A 99 5.53 -3.36 2.19
CA GLU A 99 6.64 -3.79 1.34
C GLU A 99 6.20 -4.92 0.38
N HIS A 100 5.10 -5.63 0.72
CA HIS A 100 4.44 -6.53 -0.24
C HIS A 100 3.57 -5.74 -1.26
N ILE A 101 2.85 -4.69 -0.78
CA ILE A 101 1.90 -3.90 -1.62
C ILE A 101 2.66 -3.13 -2.72
N GLU A 102 3.91 -2.75 -2.45
CA GLU A 102 4.72 -1.98 -3.40
C GLU A 102 5.14 -2.82 -4.64
N ARG A 103 5.50 -4.10 -4.41
CA ARG A 103 5.81 -5.04 -5.53
C ARG A 103 4.53 -5.60 -6.20
N THR A 104 3.40 -5.61 -5.44
CA THR A 104 2.09 -6.07 -5.94
C THR A 104 1.48 -5.02 -6.92
N LEU A 105 1.37 -3.79 -6.42
CA LEU A 105 0.86 -2.62 -7.16
C LEU A 105 2.06 -1.87 -7.78
N ASN A 106 2.96 -2.66 -8.43
CA ASN A 106 4.29 -2.20 -8.84
C ASN A 106 4.26 -0.99 -9.80
N HIS A 107 5.06 0.01 -9.44
CA HIS A 107 5.29 1.26 -10.20
C HIS A 107 6.34 1.00 -11.33
N GLY A 108 7.15 2.01 -11.68
CA GLY A 108 8.34 1.81 -12.53
C GLY A 108 9.41 0.96 -11.84
N SER A 109 10.47 1.62 -11.33
CA SER A 109 11.56 0.98 -10.56
C SER A 109 12.22 2.02 -9.62
N LEU A 110 11.90 1.94 -8.32
CA LEU A 110 12.45 2.86 -7.28
C LEU A 110 12.46 2.10 -5.93
N THR A 111 13.54 2.29 -5.14
CA THR A 111 13.76 1.61 -3.85
C THR A 111 12.79 2.13 -2.75
N SER A 112 12.42 1.25 -1.79
CA SER A 112 11.45 1.56 -0.74
C SER A 112 11.96 2.69 0.18
N ARG A 113 13.21 2.55 0.68
CA ARG A 113 13.86 3.59 1.51
C ARG A 113 14.02 4.90 0.70
N GLU A 114 14.37 4.76 -0.58
CA GLU A 114 14.65 5.91 -1.47
C GLU A 114 13.36 6.71 -1.73
N VAL A 115 12.20 6.03 -1.81
CA VAL A 115 10.90 6.70 -2.03
C VAL A 115 10.39 7.29 -0.69
N THR A 116 10.87 6.72 0.43
CA THR A 116 10.54 7.18 1.79
C THR A 116 11.34 8.46 2.15
N VAL A 117 12.60 8.57 1.65
CA VAL A 117 13.41 9.80 1.83
C VAL A 117 12.97 10.86 0.80
N LEU A 118 12.41 10.37 -0.33
CA LEU A 118 11.92 11.20 -1.43
C LEU A 118 10.68 12.01 -1.01
N ARG A 119 9.79 11.34 -0.26
CA ARG A 119 8.57 11.98 0.31
C ARG A 119 8.92 12.76 1.59
N GLU A 120 10.06 12.40 2.22
CA GLU A 120 10.58 13.11 3.40
C GLU A 120 11.14 14.50 3.04
N ILE A 121 11.86 14.61 1.91
CA ILE A 121 12.55 15.86 1.51
C ILE A 121 11.54 16.91 0.90
N MET A 22 -15.46 5.15 -1.42
CA MET A 22 -15.42 4.18 -0.29
C MET A 22 -14.01 3.58 -0.18
N PRO A 23 -13.42 3.44 1.06
CA PRO A 23 -12.08 2.86 1.24
C PRO A 23 -12.13 1.32 1.06
N VAL A 24 -11.73 0.86 -0.14
CA VAL A 24 -11.74 -0.56 -0.54
C VAL A 24 -10.96 -1.44 0.46
N ASP A 25 -11.68 -2.23 1.26
CA ASP A 25 -11.07 -3.20 2.20
C ASP A 25 -10.62 -4.45 1.42
N LEU A 26 -9.42 -4.91 1.74
CA LEU A 26 -8.75 -6.00 1.06
C LEU A 26 -8.12 -6.91 2.12
N THR A 27 -8.85 -7.97 2.50
CA THR A 27 -8.37 -8.97 3.47
C THR A 27 -8.85 -10.44 3.15
N PRO A 28 -9.06 -10.87 1.84
CA PRO A 28 -9.58 -12.22 1.56
C PRO A 28 -8.51 -13.33 1.74
N TYR A 29 -7.22 -12.98 1.53
CA TYR A 29 -6.09 -13.94 1.58
C TYR A 29 -4.94 -13.42 2.49
N ILE A 30 -5.29 -12.56 3.47
CA ILE A 30 -4.31 -12.10 4.49
C ILE A 30 -3.99 -13.25 5.46
N LEU A 31 -2.69 -13.42 5.76
CA LEU A 31 -2.21 -14.38 6.76
C LEU A 31 -1.70 -13.59 7.98
N PRO A 32 -2.57 -13.29 9.00
CA PRO A 32 -2.19 -12.49 10.18
C PRO A 32 -1.25 -13.31 11.08
N GLY A 33 0.06 -13.16 10.82
CA GLY A 33 1.07 -13.94 11.51
C GLY A 33 2.42 -13.84 10.80
N VAL A 34 2.38 -13.92 9.45
CA VAL A 34 3.58 -13.85 8.60
C VAL A 34 3.77 -12.44 8.00
N SER A 35 4.79 -12.30 7.15
CA SER A 35 5.18 -11.01 6.53
C SER A 35 4.77 -10.92 5.04
N PHE A 36 4.03 -11.93 4.53
CA PHE A 36 3.62 -11.99 3.11
C PHE A 36 2.10 -12.17 2.95
N LEU A 37 1.62 -11.93 1.72
CA LEU A 37 0.24 -12.18 1.30
C LEU A 37 0.27 -13.43 0.39
N SER A 38 -0.78 -14.28 0.48
CA SER A 38 -0.90 -15.52 -0.32
C SER A 38 -0.97 -15.17 -1.82
N ASP A 39 -2.02 -14.41 -2.19
CA ASP A 39 -2.26 -13.90 -3.56
C ASP A 39 -3.46 -12.95 -3.53
N ILE A 40 -3.37 -11.82 -4.26
CA ILE A 40 -4.48 -10.84 -4.37
C ILE A 40 -5.16 -10.98 -5.75
N PRO A 41 -6.54 -10.95 -5.82
CA PRO A 41 -7.27 -10.88 -7.10
C PRO A 41 -6.86 -9.64 -7.94
N GLN A 42 -6.61 -9.87 -9.24
CA GLN A 42 -6.09 -8.83 -10.18
C GLN A 42 -7.07 -7.66 -10.34
N GLU A 43 -8.37 -7.95 -10.16
CA GLU A 43 -9.47 -6.95 -10.23
C GLU A 43 -9.29 -5.85 -9.17
N THR A 44 -8.69 -6.21 -8.02
CA THR A 44 -8.43 -5.26 -6.94
C THR A 44 -7.36 -4.25 -7.39
N LEU A 45 -6.22 -4.76 -7.92
CA LEU A 45 -5.10 -3.90 -8.38
C LEU A 45 -5.57 -3.00 -9.56
N SER A 46 -6.58 -3.46 -10.31
CA SER A 46 -7.19 -2.71 -11.41
C SER A 46 -8.01 -1.51 -10.88
N GLU A 47 -8.86 -1.75 -9.85
CA GLU A 47 -9.75 -0.70 -9.29
C GLU A 47 -8.94 0.33 -8.47
N ILE A 48 -7.85 -0.15 -7.82
CA ILE A 48 -6.87 0.72 -7.13
C ILE A 48 -6.19 1.63 -8.17
N ARG A 49 -5.80 1.03 -9.32
CA ARG A 49 -5.16 1.75 -10.44
C ARG A 49 -6.07 2.87 -11.00
N ASN A 50 -7.40 2.69 -10.86
CA ASN A 50 -8.41 3.66 -11.32
C ASN A 50 -8.60 4.81 -10.30
N GLN A 51 -8.72 4.47 -9.01
CA GLN A 51 -9.01 5.44 -7.93
C GLN A 51 -7.75 6.30 -7.59
N THR A 52 -6.54 5.75 -7.84
CA THR A 52 -5.28 6.52 -7.68
C THR A 52 -5.23 7.71 -8.65
N ILE A 53 -5.92 7.58 -9.80
CA ILE A 53 -6.03 8.68 -10.81
C ILE A 53 -6.81 9.87 -10.22
N ARG A 54 -7.76 9.57 -9.31
CA ARG A 54 -8.53 10.59 -8.57
C ARG A 54 -7.63 11.31 -7.53
N GLY A 55 -6.44 10.73 -7.29
CA GLY A 55 -5.38 11.33 -6.47
C GLY A 55 -5.17 10.58 -5.16
N GLU A 56 -6.19 9.84 -4.72
CA GLU A 56 -6.17 9.11 -3.44
C GLU A 56 -6.83 7.73 -3.58
N ALA A 57 -6.10 6.70 -3.13
CA ALA A 57 -6.64 5.33 -2.96
C ALA A 57 -6.44 4.91 -1.50
N GLN A 58 -7.52 4.40 -0.88
CA GLN A 58 -7.51 4.00 0.55
C GLN A 58 -7.88 2.51 0.66
N ILE A 59 -6.85 1.66 0.80
CA ILE A 59 -7.00 0.21 0.93
C ILE A 59 -6.88 -0.18 2.41
N ARG A 60 -7.91 -0.86 2.94
CA ARG A 60 -7.93 -1.31 4.34
C ARG A 60 -7.54 -2.80 4.40
N LEU A 61 -6.24 -3.07 4.59
CA LEU A 61 -5.72 -4.45 4.80
C LEU A 61 -6.09 -4.92 6.23
N GLY A 62 -7.37 -5.28 6.42
CA GLY A 62 -7.89 -5.62 7.74
C GLY A 62 -7.98 -4.40 8.65
N GLU A 63 -7.03 -4.28 9.59
CA GLU A 63 -6.90 -3.11 10.50
C GLU A 63 -5.77 -2.18 10.03
N LEU A 64 -4.96 -2.67 9.06
CA LEU A 64 -3.84 -1.90 8.49
C LEU A 64 -4.42 -0.95 7.42
N MET A 65 -4.44 0.36 7.72
CA MET A 65 -4.95 1.38 6.79
C MET A 65 -3.79 1.79 5.86
N VAL A 66 -4.00 1.69 4.53
CA VAL A 66 -2.95 1.89 3.52
C VAL A 66 -3.40 2.93 2.49
N SER A 67 -2.59 3.98 2.27
CA SER A 67 -2.88 5.05 1.30
C SER A 67 -1.97 4.92 0.06
N ILE A 68 -2.51 4.35 -1.03
CA ILE A 68 -1.82 4.28 -2.33
C ILE A 68 -2.11 5.59 -3.10
N ARG A 69 -1.27 6.62 -2.91
CA ARG A 69 -1.53 7.98 -3.44
C ARG A 69 -0.37 8.50 -4.30
N PRO A 70 -0.62 8.91 -5.59
CA PRO A 70 0.34 9.70 -6.38
C PRO A 70 0.31 11.19 -5.96
N MET A 71 -0.90 11.70 -5.61
CA MET A 71 -1.08 13.05 -5.05
C MET A 71 -0.74 12.96 -3.55
N GLN A 72 0.57 13.02 -3.29
CA GLN A 72 1.20 12.84 -1.95
C GLN A 72 2.73 12.91 -2.15
N VAL A 73 3.50 12.79 -1.05
CA VAL A 73 4.96 12.61 -1.11
C VAL A 73 5.34 11.29 -1.83
N ASN A 74 6.65 11.15 -2.15
CA ASN A 74 7.22 10.08 -3.03
C ASN A 74 6.87 10.38 -4.50
N GLY A 75 7.65 9.79 -5.43
CA GLY A 75 7.46 10.02 -6.88
C GLY A 75 6.21 9.35 -7.45
N TYR A 76 5.91 8.12 -7.00
CA TYR A 76 4.82 7.29 -7.53
C TYR A 76 3.95 6.72 -6.38
N PHE A 77 2.80 6.15 -6.77
CA PHE A 77 1.88 5.48 -5.85
C PHE A 77 2.28 4.00 -5.70
N MET A 78 2.71 3.65 -4.49
CA MET A 78 3.04 2.28 -4.09
C MET A 78 2.51 2.05 -2.67
N GLY A 79 2.80 0.88 -2.09
CA GLY A 79 2.43 0.56 -0.70
C GLY A 79 2.93 1.62 0.29
N SER A 80 2.00 2.40 0.87
CA SER A 80 2.30 3.41 1.91
C SER A 80 1.28 3.25 3.05
N LEU A 81 1.76 2.89 4.26
CA LEU A 81 0.90 2.62 5.42
C LEU A 81 0.45 3.95 6.05
N ASN A 82 -0.87 4.21 5.99
CA ASN A 82 -1.52 5.38 6.63
C ASN A 82 -1.41 5.25 8.17
N GLN A 83 -0.40 5.93 8.72
CA GLN A 83 0.05 5.77 10.14
C GLN A 83 -0.62 6.79 11.09
N ASP A 84 -1.66 7.48 10.58
CA ASP A 84 -2.35 8.57 11.30
C ASP A 84 -3.05 8.08 12.57
N GLY A 85 -2.46 8.42 13.74
CA GLY A 85 -3.02 8.10 15.06
C GLY A 85 -2.96 6.63 15.43
N LEU A 86 -2.04 5.90 14.78
CA LEU A 86 -1.87 4.45 14.97
C LEU A 86 -0.89 4.13 16.14
N SER A 87 -0.79 2.81 16.43
CA SER A 87 0.10 2.25 17.49
C SER A 87 1.32 1.56 16.82
N ASN A 88 1.92 0.52 17.47
CA ASN A 88 3.15 -0.13 16.95
C ASN A 88 2.87 -1.32 16.03
N ASP A 89 2.05 -2.29 16.50
CA ASP A 89 1.81 -3.59 15.82
C ASP A 89 1.28 -3.40 14.38
N ASN A 90 0.29 -2.52 14.25
CA ASN A 90 -0.31 -2.12 12.96
C ASN A 90 0.74 -1.56 11.96
N ILE A 91 1.70 -0.76 12.46
CA ILE A 91 2.82 -0.24 11.64
C ILE A 91 3.73 -1.39 11.16
N GLN A 92 4.07 -2.31 12.10
CA GLN A 92 5.01 -3.43 11.85
C GLN A 92 4.46 -4.39 10.78
N ILE A 93 3.27 -4.92 11.03
CA ILE A 93 2.58 -5.85 10.12
C ILE A 93 2.23 -5.13 8.80
N GLY A 94 1.90 -3.83 8.94
CA GLY A 94 1.63 -2.97 7.80
C GLY A 94 2.79 -2.87 6.83
N LEU A 95 4.01 -2.55 7.34
CA LEU A 95 5.20 -2.32 6.49
C LEU A 95 5.65 -3.61 5.78
N GLN A 96 5.34 -4.77 6.40
CA GLN A 96 5.55 -6.10 5.76
C GLN A 96 4.72 -6.22 4.48
N TYR A 97 3.42 -5.89 4.61
CA TYR A 97 2.49 -5.91 3.49
C TYR A 97 2.74 -4.74 2.52
N ILE A 98 3.33 -3.64 3.01
CA ILE A 98 3.59 -2.43 2.19
C ILE A 98 4.67 -2.71 1.12
N GLU A 99 5.76 -3.38 1.55
CA GLU A 99 6.86 -3.77 0.66
C GLU A 99 6.41 -4.92 -0.28
N HIS A 100 5.36 -5.67 0.15
CA HIS A 100 4.67 -6.64 -0.71
C HIS A 100 3.78 -5.92 -1.76
N ILE A 101 2.98 -4.92 -1.30
CA ILE A 101 1.93 -4.24 -2.11
C ILE A 101 2.54 -3.43 -3.25
N GLU A 102 3.71 -2.81 -3.02
CA GLU A 102 4.41 -2.01 -4.05
C GLU A 102 4.67 -2.86 -5.32
N ARG A 103 5.12 -4.11 -5.11
CA ARG A 103 5.42 -5.06 -6.19
C ARG A 103 4.15 -5.70 -6.77
N THR A 104 3.12 -5.90 -5.91
CA THR A 104 1.84 -6.51 -6.31
C THR A 104 1.04 -5.56 -7.23
N LEU A 105 1.13 -4.25 -6.94
CA LEU A 105 0.43 -3.20 -7.71
C LEU A 105 1.21 -2.99 -9.03
N ASN A 106 2.53 -2.80 -8.90
CA ASN A 106 3.41 -2.52 -10.03
C ASN A 106 4.86 -2.96 -9.71
N HIS A 107 5.29 -4.11 -10.28
CA HIS A 107 6.70 -4.56 -10.20
C HIS A 107 7.56 -3.69 -11.15
N GLY A 108 8.88 -3.76 -10.98
CA GLY A 108 9.78 -3.05 -11.88
C GLY A 108 11.21 -2.96 -11.39
N SER A 109 12.07 -2.37 -12.24
CA SER A 109 13.48 -2.13 -11.94
C SER A 109 13.67 -0.99 -10.92
N LEU A 110 12.57 -0.25 -10.66
CA LEU A 110 12.55 0.84 -9.66
C LEU A 110 12.76 0.25 -8.25
N THR A 111 13.57 0.95 -7.45
CA THR A 111 13.93 0.54 -6.08
C THR A 111 13.42 1.60 -5.09
N SER A 112 13.13 1.17 -3.84
CA SER A 112 12.38 1.94 -2.84
C SER A 112 13.05 3.30 -2.49
N ARG A 113 14.40 3.37 -2.47
CA ARG A 113 15.11 4.63 -2.16
C ARG A 113 14.87 5.68 -3.27
N GLU A 114 14.91 5.24 -4.52
CA GLU A 114 14.82 6.10 -5.72
C GLU A 114 13.47 6.85 -5.82
N VAL A 115 12.41 6.28 -5.26
CA VAL A 115 11.07 6.93 -5.20
C VAL A 115 10.93 7.77 -3.91
N THR A 116 11.52 7.27 -2.81
CA THR A 116 11.42 7.87 -1.46
C THR A 116 12.31 9.11 -1.32
N VAL A 117 13.40 9.14 -2.11
CA VAL A 117 14.45 10.16 -2.00
C VAL A 117 13.90 11.54 -2.42
N LEU A 118 12.79 11.54 -3.20
CA LEU A 118 12.08 12.76 -3.62
C LEU A 118 11.44 13.48 -2.41
N ARG A 119 11.00 12.67 -1.43
CA ARG A 119 10.46 13.19 -0.15
C ARG A 119 11.60 13.80 0.68
N GLU A 120 12.80 13.22 0.52
CA GLU A 120 14.02 13.61 1.25
C GLU A 120 14.62 14.92 0.67
N ILE A 121 14.53 15.12 -0.67
CA ILE A 121 15.09 16.29 -1.36
C ILE A 121 13.96 17.33 -1.69
N MET A 22 -12.18 7.64 -1.69
CA MET A 22 -12.93 6.62 -0.89
C MET A 22 -12.11 5.33 -0.80
N PRO A 23 -12.06 4.67 0.41
CA PRO A 23 -11.28 3.43 0.61
C PRO A 23 -12.05 2.16 0.21
N VAL A 24 -11.32 1.15 -0.30
CA VAL A 24 -11.82 -0.22 -0.42
C VAL A 24 -11.20 -1.06 0.71
N ASP A 25 -11.97 -1.96 1.32
CA ASP A 25 -11.42 -2.97 2.25
C ASP A 25 -11.05 -4.22 1.45
N LEU A 26 -9.92 -4.84 1.81
CA LEU A 26 -9.44 -6.07 1.19
C LEU A 26 -8.74 -6.93 2.26
N THR A 27 -9.37 -8.06 2.60
CA THR A 27 -8.84 -9.02 3.58
C THR A 27 -9.30 -10.49 3.25
N PRO A 28 -9.07 -10.99 1.99
CA PRO A 28 -9.55 -12.31 1.56
C PRO A 28 -8.56 -13.46 1.91
N TYR A 29 -7.25 -13.15 1.98
CA TYR A 29 -6.18 -14.15 2.13
C TYR A 29 -5.25 -13.82 3.31
N ILE A 30 -5.56 -12.77 4.10
CA ILE A 30 -4.59 -12.18 5.07
C ILE A 30 -4.15 -13.14 6.19
N LEU A 31 -2.83 -13.47 6.19
CA LEU A 31 -2.15 -14.25 7.24
C LEU A 31 -1.33 -13.22 8.07
N PRO A 32 -1.90 -12.62 9.16
CA PRO A 32 -1.28 -11.46 9.85
C PRO A 32 0.07 -11.77 10.52
N GLY A 33 0.30 -13.05 10.83
CA GLY A 33 1.52 -13.49 11.52
C GLY A 33 2.77 -13.44 10.64
N VAL A 34 2.60 -13.56 9.32
CA VAL A 34 3.73 -13.64 8.35
C VAL A 34 3.91 -12.31 7.59
N SER A 35 5.13 -12.11 7.05
CA SER A 35 5.54 -10.89 6.33
C SER A 35 4.90 -10.77 4.93
N PHE A 36 4.44 -11.91 4.37
CA PHE A 36 3.89 -11.99 3.01
C PHE A 36 2.36 -12.15 3.03
N LEU A 37 1.78 -12.11 1.82
CA LEU A 37 0.37 -12.43 1.58
C LEU A 37 0.31 -13.57 0.55
N SER A 38 -0.71 -14.44 0.66
CA SER A 38 -0.92 -15.57 -0.26
C SER A 38 -0.94 -15.07 -1.71
N ASP A 39 -1.75 -14.02 -1.92
CA ASP A 39 -1.84 -13.26 -3.19
C ASP A 39 -2.80 -12.08 -3.01
N ILE A 40 -2.78 -11.16 -3.96
CA ILE A 40 -3.80 -10.11 -4.11
C ILE A 40 -4.44 -10.23 -5.49
N PRO A 41 -5.82 -10.27 -5.61
CA PRO A 41 -6.52 -10.19 -6.91
C PRO A 41 -6.17 -8.89 -7.69
N GLN A 42 -5.68 -9.07 -8.93
CA GLN A 42 -5.28 -7.95 -9.82
C GLN A 42 -6.51 -7.18 -10.34
N GLU A 43 -7.70 -7.78 -10.18
CA GLU A 43 -8.99 -7.11 -10.42
C GLU A 43 -9.19 -5.96 -9.41
N THR A 44 -8.90 -6.26 -8.14
CA THR A 44 -8.97 -5.28 -7.04
C THR A 44 -7.84 -4.24 -7.19
N LEU A 45 -6.64 -4.71 -7.63
CA LEU A 45 -5.49 -3.83 -7.93
C LEU A 45 -5.83 -2.83 -9.04
N SER A 46 -6.60 -3.29 -10.04
CA SER A 46 -7.02 -2.46 -11.19
C SER A 46 -8.04 -1.39 -10.73
N GLU A 47 -8.85 -1.72 -9.70
CA GLU A 47 -9.75 -0.77 -9.04
C GLU A 47 -8.93 0.33 -8.31
N ILE A 48 -7.81 -0.09 -7.69
CA ILE A 48 -6.86 0.85 -7.05
C ILE A 48 -6.23 1.78 -8.12
N ARG A 49 -5.84 1.17 -9.26
CA ARG A 49 -5.25 1.89 -10.40
C ARG A 49 -6.27 2.87 -11.03
N ASN A 50 -7.56 2.50 -10.92
CA ASN A 50 -8.68 3.31 -11.42
C ASN A 50 -8.92 4.56 -10.52
N GLN A 51 -8.97 4.34 -9.20
CA GLN A 51 -9.26 5.41 -8.22
C GLN A 51 -8.05 6.33 -7.98
N THR A 52 -6.81 5.83 -8.19
CA THR A 52 -5.59 6.67 -8.09
C THR A 52 -5.60 7.82 -9.11
N ILE A 53 -6.36 7.66 -10.21
CA ILE A 53 -6.54 8.73 -11.22
C ILE A 53 -7.30 9.93 -10.60
N ARG A 54 -8.19 9.63 -9.62
CA ARG A 54 -8.95 10.65 -8.86
C ARG A 54 -8.04 11.38 -7.83
N GLY A 55 -6.83 10.82 -7.59
CA GLY A 55 -5.82 11.44 -6.72
C GLY A 55 -5.56 10.68 -5.43
N GLU A 56 -6.49 9.79 -5.03
CA GLU A 56 -6.31 8.95 -3.82
C GLU A 56 -6.79 7.50 -4.04
N ALA A 57 -6.20 6.60 -3.24
CA ALA A 57 -6.64 5.21 -3.09
C ALA A 57 -6.22 4.74 -1.70
N GLN A 58 -7.09 3.99 -1.01
CA GLN A 58 -6.81 3.48 0.35
C GLN A 58 -7.34 2.04 0.47
N ILE A 59 -6.48 1.12 0.95
CA ILE A 59 -6.83 -0.30 1.13
C ILE A 59 -6.84 -0.62 2.63
N ARG A 60 -8.03 -0.92 3.17
CA ARG A 60 -8.20 -1.37 4.54
C ARG A 60 -7.92 -2.87 4.60
N LEU A 61 -6.67 -3.24 4.92
CA LEU A 61 -6.24 -4.64 5.06
C LEU A 61 -6.74 -5.23 6.40
N GLY A 62 -8.08 -5.34 6.54
CA GLY A 62 -8.69 -5.76 7.79
C GLY A 62 -8.38 -4.80 8.93
N GLU A 63 -7.40 -5.18 9.77
CA GLU A 63 -6.89 -4.37 10.88
C GLU A 63 -6.06 -3.17 10.36
N LEU A 64 -5.21 -3.44 9.34
CA LEU A 64 -4.26 -2.47 8.79
C LEU A 64 -4.98 -1.52 7.81
N MET A 65 -4.36 -0.36 7.54
CA MET A 65 -4.88 0.61 6.56
C MET A 65 -3.72 1.22 5.75
N VAL A 66 -3.89 1.19 4.42
CA VAL A 66 -2.88 1.62 3.44
C VAL A 66 -3.42 2.84 2.67
N SER A 67 -2.52 3.68 2.14
CA SER A 67 -2.88 4.83 1.30
C SER A 67 -1.98 4.86 0.05
N ILE A 68 -2.52 4.34 -1.06
CA ILE A 68 -1.87 4.36 -2.37
C ILE A 68 -2.28 5.67 -3.10
N ARG A 69 -1.57 6.77 -2.81
CA ARG A 69 -1.91 8.09 -3.36
C ARG A 69 -0.78 8.61 -4.28
N PRO A 70 -1.10 8.99 -5.57
CA PRO A 70 -0.15 9.71 -6.46
C PRO A 70 -0.06 11.22 -6.13
N MET A 71 -0.79 11.65 -5.09
CA MET A 71 -0.80 13.03 -4.60
C MET A 71 0.52 13.32 -3.84
N GLN A 72 1.59 13.44 -4.63
CA GLN A 72 2.96 13.63 -4.17
C GLN A 72 3.83 13.91 -5.39
N VAL A 73 4.48 15.09 -5.41
CA VAL A 73 5.42 15.47 -6.49
C VAL A 73 6.69 14.61 -6.40
N ASN A 74 7.13 14.08 -7.57
CA ASN A 74 8.23 13.07 -7.67
C ASN A 74 7.84 11.74 -6.95
N GLY A 75 6.53 11.56 -6.71
CA GLY A 75 6.02 10.45 -5.89
C GLY A 75 5.01 9.58 -6.63
N TYR A 76 5.49 8.42 -7.11
CA TYR A 76 4.65 7.36 -7.68
C TYR A 76 3.93 6.61 -6.52
N PHE A 77 2.75 6.04 -6.83
CA PHE A 77 1.87 5.44 -5.82
C PHE A 77 2.24 3.95 -5.58
N MET A 78 2.67 3.67 -4.34
CA MET A 78 2.97 2.32 -3.83
C MET A 78 2.64 2.27 -2.32
N GLY A 79 2.94 1.12 -1.67
CA GLY A 79 2.55 0.86 -0.27
C GLY A 79 2.96 1.95 0.73
N SER A 80 1.95 2.56 1.40
CA SER A 80 2.17 3.54 2.48
C SER A 80 1.20 3.21 3.66
N LEU A 81 1.74 2.90 4.84
CA LEU A 81 0.95 2.50 6.03
C LEU A 81 0.53 3.75 6.82
N ASN A 82 -0.78 3.89 7.11
CA ASN A 82 -1.33 4.99 7.92
C ASN A 82 -0.94 4.80 9.40
N GLN A 83 0.32 5.13 9.74
CA GLN A 83 0.89 4.87 11.08
C GLN A 83 0.32 5.83 12.13
N ASP A 84 -0.16 7.00 11.67
CA ASP A 84 -0.81 8.01 12.50
C ASP A 84 -2.25 7.54 12.85
N GLY A 85 -2.40 7.04 14.10
CA GLY A 85 -3.67 6.50 14.60
C GLY A 85 -3.74 4.98 14.58
N LEU A 86 -2.64 4.33 14.19
CA LEU A 86 -2.51 2.86 14.15
C LEU A 86 -1.90 2.37 15.48
N SER A 87 -2.06 1.06 15.79
CA SER A 87 -1.47 0.44 17.00
C SER A 87 -0.03 -0.03 16.71
N ASN A 88 0.84 0.05 17.75
CA ASN A 88 2.32 -0.17 17.62
C ASN A 88 2.70 -1.57 17.05
N ASP A 89 1.93 -2.60 17.43
CA ASP A 89 2.18 -3.97 16.98
C ASP A 89 1.69 -4.12 15.53
N ASN A 90 0.54 -3.50 15.25
CA ASN A 90 -0.09 -3.52 13.92
C ASN A 90 0.72 -2.71 12.89
N ILE A 91 1.63 -1.84 13.37
CA ILE A 91 2.62 -1.16 12.52
C ILE A 91 3.51 -2.19 11.81
N GLN A 92 3.95 -3.24 12.56
CA GLN A 92 4.80 -4.31 12.01
C GLN A 92 4.07 -5.10 10.90
N ILE A 93 2.83 -5.55 11.20
CA ILE A 93 2.00 -6.31 10.24
C ILE A 93 1.66 -5.42 9.01
N GLY A 94 1.49 -4.12 9.28
CA GLY A 94 1.22 -3.13 8.25
C GLY A 94 2.39 -2.97 7.28
N LEU A 95 3.59 -2.68 7.81
CA LEU A 95 4.76 -2.28 7.00
C LEU A 95 5.26 -3.43 6.11
N GLN A 96 5.13 -4.68 6.61
CA GLN A 96 5.54 -5.89 5.86
C GLN A 96 4.55 -6.15 4.70
N TYR A 97 3.24 -5.85 4.93
CA TYR A 97 2.22 -5.89 3.87
C TYR A 97 2.37 -4.72 2.88
N ILE A 98 2.97 -3.62 3.34
CA ILE A 98 3.27 -2.44 2.50
C ILE A 98 4.38 -2.78 1.50
N GLU A 99 5.37 -3.58 1.96
CA GLU A 99 6.49 -4.07 1.13
C GLU A 99 5.96 -5.06 0.07
N HIS A 100 4.92 -5.83 0.45
CA HIS A 100 4.22 -6.75 -0.46
C HIS A 100 3.49 -5.95 -1.57
N ILE A 101 2.66 -4.97 -1.15
CA ILE A 101 1.87 -4.11 -2.06
C ILE A 101 2.78 -3.24 -2.96
N GLU A 102 3.96 -2.90 -2.44
CA GLU A 102 5.00 -2.15 -3.16
C GLU A 102 5.46 -2.92 -4.43
N ARG A 103 5.55 -4.24 -4.30
CA ARG A 103 5.82 -5.16 -5.43
C ARG A 103 4.55 -5.38 -6.29
N THR A 104 3.43 -5.65 -5.59
CA THR A 104 2.20 -6.22 -6.18
C THR A 104 1.35 -5.16 -6.93
N LEU A 105 0.98 -4.04 -6.26
CA LEU A 105 0.18 -2.95 -6.86
C LEU A 105 0.97 -2.22 -7.95
N ASN A 106 2.26 -1.96 -7.67
CA ASN A 106 3.12 -1.13 -8.53
C ASN A 106 3.46 -1.88 -9.85
N HIS A 107 2.51 -1.81 -10.80
CA HIS A 107 2.68 -2.27 -12.17
C HIS A 107 3.34 -1.12 -12.96
N GLY A 108 4.45 -1.41 -13.64
CA GLY A 108 5.23 -0.39 -14.36
C GLY A 108 6.73 -0.53 -14.15
N SER A 109 7.14 -1.52 -13.31
CA SER A 109 8.55 -1.87 -13.03
C SER A 109 9.32 -0.70 -12.35
N LEU A 110 8.57 0.24 -11.73
CA LEU A 110 9.17 1.36 -10.99
C LEU A 110 9.73 0.80 -9.66
N THR A 111 10.94 1.21 -9.30
CA THR A 111 11.64 0.70 -8.12
C THR A 111 11.45 1.65 -6.92
N SER A 112 11.32 1.05 -5.72
CA SER A 112 11.01 1.78 -4.48
C SER A 112 12.08 2.80 -4.12
N ARG A 113 13.35 2.39 -4.19
CA ARG A 113 14.48 3.25 -3.84
C ARG A 113 14.51 4.51 -4.71
N GLU A 114 14.26 4.33 -6.02
CA GLU A 114 14.30 5.40 -7.03
C GLU A 114 13.22 6.49 -6.80
N VAL A 115 12.06 6.12 -6.22
CA VAL A 115 11.01 7.11 -5.86
C VAL A 115 11.24 7.67 -4.43
N THR A 116 11.77 6.82 -3.54
CA THR A 116 12.01 7.16 -2.12
C THR A 116 13.09 8.25 -1.99
N VAL A 117 14.15 8.14 -2.83
CA VAL A 117 15.28 9.09 -2.83
C VAL A 117 14.85 10.48 -3.36
N LEU A 118 13.83 10.49 -4.23
CA LEU A 118 13.27 11.74 -4.78
C LEU A 118 12.50 12.52 -3.70
N ARG A 119 11.77 11.78 -2.85
CA ARG A 119 11.01 12.36 -1.71
C ARG A 119 11.97 12.66 -0.52
N GLU A 120 13.09 11.91 -0.48
CA GLU A 120 14.13 12.02 0.57
C GLU A 120 14.86 13.38 0.48
N ILE A 121 15.30 13.73 -0.74
CA ILE A 121 16.07 14.97 -0.99
C ILE A 121 15.17 16.23 -0.88
N MET A 22 -11.45 7.34 -2.02
CA MET A 22 -12.31 6.12 -1.99
C MET A 22 -11.49 4.91 -1.49
N PRO A 23 -12.02 4.12 -0.48
CA PRO A 23 -11.33 2.94 0.07
C PRO A 23 -11.85 1.59 -0.48
N VAL A 24 -11.03 0.53 -0.33
CA VAL A 24 -11.44 -0.87 -0.57
C VAL A 24 -10.94 -1.75 0.60
N ASP A 25 -11.88 -2.42 1.28
CA ASP A 25 -11.59 -3.33 2.40
C ASP A 25 -11.16 -4.71 1.85
N LEU A 26 -9.83 -4.90 1.77
CA LEU A 26 -9.20 -6.06 1.12
C LEU A 26 -8.54 -6.94 2.21
N THR A 27 -9.18 -8.10 2.49
CA THR A 27 -8.62 -9.12 3.41
C THR A 27 -9.16 -10.56 3.09
N PRO A 28 -8.97 -11.07 1.83
CA PRO A 28 -9.43 -12.42 1.45
C PRO A 28 -8.38 -13.53 1.73
N TYR A 29 -7.07 -13.20 1.56
CA TYR A 29 -5.96 -14.17 1.67
C TYR A 29 -4.88 -13.67 2.65
N ILE A 30 -5.28 -12.75 3.57
CA ILE A 30 -4.36 -12.20 4.57
C ILE A 30 -3.98 -13.27 5.59
N LEU A 31 -2.69 -13.59 5.62
CA LEU A 31 -2.10 -14.52 6.58
C LEU A 31 -1.29 -13.68 7.60
N PRO A 32 -1.85 -13.39 8.81
CA PRO A 32 -1.20 -12.48 9.79
C PRO A 32 0.15 -13.02 10.32
N GLY A 33 0.33 -14.36 10.20
CA GLY A 33 1.54 -15.04 10.62
C GLY A 33 2.72 -14.87 9.65
N VAL A 34 2.47 -14.19 8.51
CA VAL A 34 3.54 -13.79 7.56
C VAL A 34 3.34 -12.31 7.17
N SER A 35 4.35 -11.77 6.47
CA SER A 35 4.40 -10.35 6.06
C SER A 35 3.73 -10.09 4.70
N PHE A 36 3.20 -11.16 4.07
CA PHE A 36 2.66 -11.08 2.70
C PHE A 36 1.24 -11.66 2.60
N LEU A 37 0.53 -11.24 1.54
CA LEU A 37 -0.71 -11.88 1.07
C LEU A 37 -0.36 -13.21 0.40
N SER A 38 -1.20 -14.24 0.60
CA SER A 38 -1.11 -15.49 -0.18
C SER A 38 -1.46 -15.20 -1.65
N ASP A 39 -2.37 -14.24 -1.83
CA ASP A 39 -2.85 -13.79 -3.14
C ASP A 39 -3.66 -12.49 -2.97
N ILE A 40 -3.68 -11.66 -4.00
CA ILE A 40 -4.67 -10.56 -4.14
C ILE A 40 -5.36 -10.72 -5.50
N PRO A 41 -6.73 -10.63 -5.56
CA PRO A 41 -7.46 -10.51 -6.84
C PRO A 41 -6.94 -9.31 -7.67
N GLN A 42 -6.55 -9.56 -8.93
CA GLN A 42 -6.08 -8.52 -9.87
C GLN A 42 -7.20 -7.53 -10.20
N GLU A 43 -8.45 -7.93 -9.92
CA GLU A 43 -9.62 -7.05 -9.95
C GLU A 43 -9.42 -5.86 -9.00
N THR A 44 -8.90 -6.16 -7.80
CA THR A 44 -8.59 -5.14 -6.79
C THR A 44 -7.46 -4.22 -7.27
N LEU A 45 -6.34 -4.78 -7.78
CA LEU A 45 -5.18 -3.97 -8.26
C LEU A 45 -5.61 -3.01 -9.39
N SER A 46 -6.50 -3.48 -10.28
CA SER A 46 -6.99 -2.70 -11.43
C SER A 46 -7.85 -1.51 -10.97
N GLU A 47 -8.74 -1.75 -9.98
CA GLU A 47 -9.64 -0.69 -9.46
C GLU A 47 -8.87 0.28 -8.55
N ILE A 48 -7.76 -0.19 -7.90
CA ILE A 48 -6.83 0.68 -7.13
C ILE A 48 -6.23 1.76 -8.06
N ARG A 49 -5.91 1.35 -9.31
CA ARG A 49 -5.38 2.25 -10.34
C ARG A 49 -6.38 3.37 -10.71
N ASN A 50 -7.68 3.12 -10.50
CA ASN A 50 -8.74 4.12 -10.74
C ASN A 50 -8.81 5.10 -9.55
N GLN A 51 -8.59 4.57 -8.33
CA GLN A 51 -8.68 5.35 -7.07
C GLN A 51 -7.48 6.31 -6.92
N THR A 52 -6.34 5.89 -7.47
CA THR A 52 -5.12 6.73 -7.52
C THR A 52 -5.32 7.93 -8.47
N ILE A 53 -6.12 7.72 -9.53
CA ILE A 53 -6.51 8.78 -10.49
C ILE A 53 -7.55 9.73 -9.87
N ARG A 54 -8.36 9.20 -8.92
CA ARG A 54 -9.23 10.02 -8.05
C ARG A 54 -8.36 10.91 -7.15
N GLY A 55 -7.19 10.38 -6.77
CA GLY A 55 -6.27 11.05 -5.85
C GLY A 55 -6.25 10.40 -4.47
N GLU A 56 -7.23 9.51 -4.20
CA GLU A 56 -7.36 8.82 -2.90
C GLU A 56 -7.69 7.33 -3.10
N ALA A 57 -6.67 6.48 -2.85
CA ALA A 57 -6.83 5.02 -2.74
C ALA A 57 -6.45 4.62 -1.32
N GLN A 58 -7.36 3.98 -0.58
CA GLN A 58 -7.08 3.53 0.80
C GLN A 58 -7.50 2.06 0.97
N ILE A 59 -6.52 1.16 1.06
CA ILE A 59 -6.75 -0.28 1.06
C ILE A 59 -6.71 -0.77 2.52
N ARG A 60 -7.88 -1.17 3.03
CA ARG A 60 -8.01 -1.63 4.42
C ARG A 60 -7.59 -3.11 4.51
N LEU A 61 -6.28 -3.34 4.73
CA LEU A 61 -5.72 -4.70 4.94
C LEU A 61 -6.02 -5.15 6.37
N GLY A 62 -7.26 -5.59 6.62
CA GLY A 62 -7.70 -5.99 7.95
C GLY A 62 -7.64 -4.83 8.95
N GLU A 63 -6.59 -4.84 9.79
CA GLU A 63 -6.34 -3.77 10.79
C GLU A 63 -5.61 -2.60 10.12
N LEU A 64 -4.66 -2.95 9.25
CA LEU A 64 -3.65 -2.04 8.70
C LEU A 64 -4.26 -1.18 7.57
N MET A 65 -4.41 0.13 7.84
CA MET A 65 -4.96 1.08 6.87
C MET A 65 -3.84 1.52 5.90
N VAL A 66 -3.90 1.00 4.67
CA VAL A 66 -2.93 1.34 3.60
C VAL A 66 -3.49 2.49 2.76
N SER A 67 -2.60 3.24 2.11
CA SER A 67 -2.97 4.33 1.19
C SER A 67 -2.01 4.30 -0.01
N ILE A 68 -2.58 4.27 -1.23
CA ILE A 68 -1.82 4.31 -2.49
C ILE A 68 -2.11 5.64 -3.18
N ARG A 69 -1.28 6.68 -2.93
CA ARG A 69 -1.53 8.04 -3.44
C ARG A 69 -0.24 8.64 -4.02
N PRO A 70 -0.27 9.16 -5.30
CA PRO A 70 0.90 9.78 -5.97
C PRO A 70 1.28 11.15 -5.36
N MET A 71 2.55 11.28 -4.93
CA MET A 71 3.08 12.52 -4.32
C MET A 71 3.45 13.56 -5.40
N GLN A 72 2.43 14.34 -5.81
CA GLN A 72 2.53 15.54 -6.69
C GLN A 72 3.39 15.32 -7.96
N VAL A 73 4.71 15.58 -7.84
CA VAL A 73 5.66 15.54 -8.97
C VAL A 73 6.83 14.60 -8.59
N ASN A 74 7.21 13.70 -9.54
CA ASN A 74 8.27 12.64 -9.39
C ASN A 74 8.08 11.75 -8.13
N GLY A 75 6.86 11.77 -7.56
CA GLY A 75 6.48 10.94 -6.44
C GLY A 75 5.41 9.97 -6.87
N TYR A 76 5.84 8.77 -7.26
CA TYR A 76 4.95 7.71 -7.76
C TYR A 76 4.14 7.13 -6.58
N PHE A 77 3.12 6.31 -6.87
CA PHE A 77 2.28 5.70 -5.83
C PHE A 77 2.67 4.24 -5.59
N MET A 78 2.66 3.85 -4.31
CA MET A 78 3.01 2.51 -3.82
C MET A 78 2.41 2.34 -2.42
N GLY A 79 2.72 1.20 -1.76
CA GLY A 79 2.29 0.94 -0.38
C GLY A 79 2.77 2.03 0.60
N SER A 80 1.81 2.76 1.20
CA SER A 80 2.05 3.74 2.28
C SER A 80 1.16 3.39 3.49
N LEU A 81 1.71 3.40 4.71
CA LEU A 81 1.02 2.92 5.91
C LEU A 81 0.48 4.10 6.74
N ASN A 82 -0.86 4.22 6.78
CA ASN A 82 -1.56 5.16 7.68
C ASN A 82 -1.48 4.61 9.12
N GLN A 83 -0.50 5.13 9.86
CA GLN A 83 -0.18 4.74 11.26
C GLN A 83 -1.09 5.45 12.27
N ASP A 84 -1.80 6.49 11.81
CA ASP A 84 -2.69 7.32 12.66
C ASP A 84 -3.98 6.53 13.02
N GLY A 85 -4.04 6.03 14.25
CA GLY A 85 -5.20 5.24 14.73
C GLY A 85 -4.84 3.79 15.01
N LEU A 86 -3.63 3.35 14.61
CA LEU A 86 -3.14 1.98 14.83
C LEU A 86 -2.67 1.77 16.30
N SER A 87 -2.23 0.53 16.56
CA SER A 87 -1.58 0.13 17.82
C SER A 87 -0.07 -0.02 17.56
N ASN A 88 0.74 -0.12 18.64
CA ASN A 88 2.22 -0.23 18.55
C ASN A 88 2.63 -1.41 17.64
N ASP A 89 1.96 -2.55 17.85
CA ASP A 89 2.20 -3.79 17.07
C ASP A 89 1.77 -3.61 15.61
N ASN A 90 0.58 -3.01 15.41
CA ASN A 90 -0.02 -2.79 14.06
C ASN A 90 0.90 -1.95 13.14
N ILE A 91 1.78 -1.14 13.73
CA ILE A 91 2.80 -0.36 12.97
C ILE A 91 3.77 -1.33 12.25
N GLN A 92 4.25 -2.34 12.99
CA GLN A 92 5.18 -3.37 12.48
C GLN A 92 4.52 -4.21 11.37
N ILE A 93 3.35 -4.81 11.69
CA ILE A 93 2.60 -5.66 10.72
C ILE A 93 2.23 -4.83 9.46
N GLY A 94 1.97 -3.52 9.68
CA GLY A 94 1.62 -2.59 8.62
C GLY A 94 2.73 -2.41 7.60
N LEU A 95 3.94 -2.00 8.05
CA LEU A 95 5.09 -1.71 7.14
C LEU A 95 5.56 -2.98 6.39
N GLN A 96 5.35 -4.15 7.03
CA GLN A 96 5.62 -5.47 6.42
C GLN A 96 4.73 -5.70 5.19
N TYR A 97 3.40 -5.56 5.39
CA TYR A 97 2.43 -5.68 4.29
C TYR A 97 2.67 -4.61 3.22
N ILE A 98 3.05 -3.39 3.65
CA ILE A 98 3.26 -2.25 2.75
C ILE A 98 4.36 -2.51 1.70
N GLU A 99 5.48 -3.12 2.13
CA GLU A 99 6.62 -3.40 1.22
C GLU A 99 6.28 -4.58 0.28
N HIS A 100 5.44 -5.52 0.75
CA HIS A 100 4.94 -6.65 -0.08
C HIS A 100 3.82 -6.21 -1.06
N ILE A 101 3.06 -5.15 -0.68
CA ILE A 101 2.07 -4.52 -1.59
C ILE A 101 2.83 -3.74 -2.67
N GLU A 102 3.92 -3.08 -2.24
CA GLU A 102 4.83 -2.33 -3.11
C GLU A 102 5.36 -3.24 -4.23
N ARG A 103 5.78 -4.47 -3.87
CA ARG A 103 6.24 -5.49 -4.86
C ARG A 103 5.22 -5.68 -6.01
N THR A 104 3.94 -5.74 -5.64
CA THR A 104 2.83 -6.01 -6.58
C THR A 104 2.40 -4.72 -7.34
N LEU A 105 2.49 -3.57 -6.67
CA LEU A 105 1.90 -2.28 -7.13
C LEU A 105 2.94 -1.49 -7.98
N ASN A 106 4.23 -1.77 -7.76
CA ASN A 106 5.35 -1.02 -8.39
C ASN A 106 5.62 -1.58 -9.81
N HIS A 107 6.70 -1.06 -10.44
CA HIS A 107 7.17 -1.47 -11.79
C HIS A 107 6.24 -0.93 -12.90
N GLY A 108 6.84 -0.20 -13.86
CA GLY A 108 6.10 0.37 -14.97
C GLY A 108 6.99 1.25 -15.82
N SER A 109 6.87 2.57 -15.62
CA SER A 109 7.71 3.57 -16.29
C SER A 109 9.18 3.50 -15.79
N LEU A 110 9.38 2.87 -14.63
CA LEU A 110 10.69 2.74 -13.97
C LEU A 110 10.73 1.45 -13.11
N THR A 111 11.90 1.11 -12.55
CA THR A 111 12.06 -0.05 -11.65
C THR A 111 11.72 0.37 -10.20
N SER A 112 11.41 -0.65 -9.38
CA SER A 112 11.00 -0.48 -7.98
C SER A 112 12.02 0.31 -7.13
N ARG A 113 13.33 0.07 -7.36
CA ARG A 113 14.41 0.69 -6.58
C ARG A 113 14.42 2.23 -6.75
N GLU A 114 14.06 2.71 -7.95
CA GLU A 114 14.05 4.15 -8.27
C GLU A 114 13.06 4.93 -7.39
N VAL A 115 11.79 4.47 -7.30
CA VAL A 115 10.78 5.18 -6.47
C VAL A 115 11.18 5.13 -4.97
N THR A 116 11.90 4.05 -4.60
CA THR A 116 12.36 3.81 -3.23
C THR A 116 13.47 4.81 -2.84
N VAL A 117 14.45 5.02 -3.73
CA VAL A 117 15.59 5.91 -3.47
C VAL A 117 15.18 7.39 -3.56
N LEU A 118 14.12 7.67 -4.35
CA LEU A 118 13.46 9.00 -4.41
C LEU A 118 12.74 9.28 -3.07
N ARG A 119 12.09 8.24 -2.52
CA ARG A 119 11.33 8.30 -1.26
C ARG A 119 12.31 8.26 -0.05
N GLU A 120 13.50 7.69 -0.27
CA GLU A 120 14.55 7.53 0.76
C GLU A 120 15.17 8.89 1.11
N ILE A 121 15.55 9.65 0.06
CA ILE A 121 16.16 10.99 0.23
C ILE A 121 15.06 12.04 0.59
N MET A 22 -13.87 6.92 0.05
CA MET A 22 -13.84 5.70 -0.79
C MET A 22 -12.61 4.81 -0.43
N PRO A 23 -12.60 4.17 0.79
CA PRO A 23 -11.53 3.25 1.20
C PRO A 23 -11.87 1.78 0.83
N VAL A 24 -11.27 1.30 -0.28
CA VAL A 24 -11.51 -0.06 -0.80
C VAL A 24 -10.94 -1.12 0.18
N ASP A 25 -11.84 -1.69 1.00
CA ASP A 25 -11.49 -2.70 2.03
C ASP A 25 -11.06 -4.01 1.35
N LEU A 26 -9.85 -4.46 1.70
CA LEU A 26 -9.19 -5.61 1.09
C LEU A 26 -8.65 -6.47 2.24
N THR A 27 -9.43 -7.48 2.66
CA THR A 27 -8.98 -8.48 3.65
C THR A 27 -9.71 -9.84 3.47
N PRO A 28 -9.59 -10.50 2.26
CA PRO A 28 -10.16 -11.85 2.03
C PRO A 28 -9.20 -13.00 2.45
N TYR A 29 -7.88 -12.79 2.29
CA TYR A 29 -6.86 -13.86 2.48
C TYR A 29 -5.85 -13.51 3.58
N ILE A 30 -6.01 -12.32 4.22
CA ILE A 30 -4.95 -11.72 5.07
C ILE A 30 -4.55 -12.62 6.25
N LEU A 31 -3.24 -12.91 6.29
CA LEU A 31 -2.58 -13.67 7.35
C LEU A 31 -1.78 -12.66 8.20
N PRO A 32 -2.38 -12.10 9.31
CA PRO A 32 -1.75 -11.02 10.11
C PRO A 32 -0.60 -11.57 10.96
N GLY A 33 0.59 -11.59 10.36
CA GLY A 33 1.78 -12.16 10.99
C GLY A 33 2.91 -12.41 10.00
N VAL A 34 2.54 -12.81 8.77
CA VAL A 34 3.52 -13.08 7.68
C VAL A 34 3.91 -11.78 6.95
N SER A 35 4.99 -11.84 6.17
CA SER A 35 5.55 -10.68 5.45
C SER A 35 4.85 -10.48 4.08
N PHE A 36 4.22 -11.56 3.58
CA PHE A 36 3.60 -11.61 2.24
C PHE A 36 2.09 -11.72 2.36
N LEU A 37 1.42 -11.92 1.21
CA LEU A 37 0.04 -12.42 1.18
C LEU A 37 -0.05 -13.54 0.12
N SER A 38 -0.70 -14.66 0.51
CA SER A 38 -0.82 -15.87 -0.34
C SER A 38 -1.35 -15.51 -1.74
N ASP A 39 -2.52 -14.85 -1.74
CA ASP A 39 -3.20 -14.36 -2.96
C ASP A 39 -3.81 -12.99 -2.67
N ILE A 40 -3.81 -12.11 -3.68
CA ILE A 40 -4.58 -10.85 -3.65
C ILE A 40 -5.41 -10.80 -4.96
N PRO A 41 -6.78 -10.58 -4.87
CA PRO A 41 -7.66 -10.55 -6.07
C PRO A 41 -7.23 -9.44 -7.08
N GLN A 42 -6.85 -9.88 -8.31
CA GLN A 42 -6.40 -9.00 -9.41
C GLN A 42 -7.51 -8.01 -9.84
N GLU A 43 -8.78 -8.39 -9.55
CA GLU A 43 -9.95 -7.52 -9.72
C GLU A 43 -9.81 -6.23 -8.89
N THR A 44 -9.41 -6.41 -7.61
CA THR A 44 -9.20 -5.29 -6.68
C THR A 44 -7.98 -4.44 -7.12
N LEU A 45 -6.91 -5.08 -7.66
CA LEU A 45 -5.72 -4.36 -8.18
C LEU A 45 -6.08 -3.49 -9.41
N SER A 46 -7.06 -3.95 -10.21
CA SER A 46 -7.59 -3.17 -11.35
C SER A 46 -8.23 -1.86 -10.85
N GLU A 47 -8.99 -1.97 -9.74
CA GLU A 47 -9.64 -0.84 -9.08
C GLU A 47 -8.57 0.19 -8.61
N ILE A 48 -7.62 -0.32 -7.80
CA ILE A 48 -6.50 0.46 -7.19
C ILE A 48 -5.69 1.20 -8.27
N ARG A 49 -5.35 0.46 -9.32
CA ARG A 49 -4.41 0.92 -10.37
C ARG A 49 -5.06 1.99 -11.27
N ASN A 50 -6.39 1.96 -11.42
CA ASN A 50 -7.13 2.97 -12.22
C ASN A 50 -7.45 4.23 -11.41
N GLN A 51 -7.86 4.06 -10.14
CA GLN A 51 -8.28 5.20 -9.26
C GLN A 51 -7.07 6.08 -8.87
N THR A 52 -5.84 5.51 -8.91
CA THR A 52 -4.59 6.30 -8.76
C THR A 52 -4.42 7.33 -9.92
N ILE A 53 -5.02 7.07 -11.10
CA ILE A 53 -5.06 8.06 -12.21
C ILE A 53 -5.95 9.26 -11.83
N ARG A 54 -7.02 8.97 -11.05
CA ARG A 54 -7.90 9.99 -10.45
C ARG A 54 -7.17 10.69 -9.26
N GLY A 55 -6.06 10.08 -8.81
CA GLY A 55 -5.21 10.61 -7.75
C GLY A 55 -5.67 10.21 -6.36
N GLU A 56 -6.59 9.23 -6.29
CA GLU A 56 -7.24 8.83 -5.04
C GLU A 56 -7.38 7.30 -4.95
N ALA A 57 -6.56 6.68 -4.09
CA ALA A 57 -6.63 5.26 -3.76
C ALA A 57 -6.24 5.06 -2.30
N GLN A 58 -7.01 4.26 -1.56
CA GLN A 58 -6.70 3.91 -0.17
C GLN A 58 -7.37 2.57 0.18
N ILE A 59 -6.54 1.62 0.60
CA ILE A 59 -6.92 0.23 0.88
C ILE A 59 -6.98 0.02 2.40
N ARG A 60 -7.95 -0.77 2.89
CA ARG A 60 -8.01 -1.18 4.30
C ARG A 60 -7.64 -2.66 4.41
N LEU A 61 -6.37 -2.93 4.73
CA LEU A 61 -5.89 -4.30 4.98
C LEU A 61 -6.32 -4.76 6.39
N GLY A 62 -7.64 -4.98 6.54
CA GLY A 62 -8.25 -5.33 7.83
C GLY A 62 -8.26 -4.14 8.78
N GLU A 63 -7.38 -4.19 9.81
CA GLU A 63 -7.20 -3.09 10.77
C GLU A 63 -6.07 -2.14 10.29
N LEU A 64 -5.18 -2.67 9.43
CA LEU A 64 -4.09 -1.89 8.84
C LEU A 64 -4.66 -0.97 7.75
N MET A 65 -4.70 0.35 8.02
CA MET A 65 -5.19 1.32 7.03
C MET A 65 -4.00 1.76 6.17
N VAL A 66 -4.18 1.74 4.85
CA VAL A 66 -3.11 2.00 3.88
C VAL A 66 -3.60 3.01 2.83
N SER A 67 -2.76 4.00 2.49
CA SER A 67 -3.09 5.05 1.52
C SER A 67 -2.13 4.96 0.31
N ILE A 68 -2.70 4.88 -0.91
CA ILE A 68 -1.92 4.83 -2.18
C ILE A 68 -2.24 6.11 -2.99
N ARG A 69 -1.54 7.21 -2.69
CA ARG A 69 -1.83 8.53 -3.33
C ARG A 69 -0.63 9.00 -4.17
N PRO A 70 -0.73 8.98 -5.54
CA PRO A 70 0.29 9.60 -6.42
C PRO A 70 0.19 11.13 -6.40
N MET A 71 1.35 11.78 -6.35
CA MET A 71 1.48 13.23 -6.32
C MET A 71 2.51 13.62 -7.39
N GLN A 72 2.05 14.36 -8.42
CA GLN A 72 2.86 14.69 -9.61
C GLN A 72 4.03 15.62 -9.25
N VAL A 73 3.84 16.44 -8.21
CA VAL A 73 4.91 17.29 -7.65
C VAL A 73 5.71 16.47 -6.61
N ASN A 74 6.32 15.37 -7.11
CA ASN A 74 7.11 14.39 -6.34
C ASN A 74 6.27 13.72 -5.22
N GLY A 75 5.83 12.48 -5.48
CA GLY A 75 5.08 11.69 -4.51
C GLY A 75 4.81 10.30 -5.05
N TYR A 76 5.67 9.34 -4.67
CA TYR A 76 5.62 7.96 -5.17
C TYR A 76 4.42 7.23 -4.53
N PHE A 77 3.53 6.63 -5.36
CA PHE A 77 2.34 5.93 -4.86
C PHE A 77 2.68 4.47 -4.54
N MET A 78 2.62 4.17 -3.25
CA MET A 78 2.83 2.84 -2.68
C MET A 78 2.22 2.82 -1.29
N GLY A 79 2.40 1.70 -0.56
CA GLY A 79 1.80 1.53 0.75
C GLY A 79 2.21 2.61 1.75
N SER A 80 1.28 3.50 2.11
CA SER A 80 1.47 4.46 3.21
C SER A 80 0.68 3.94 4.43
N LEU A 81 1.39 3.26 5.34
CA LEU A 81 0.80 2.64 6.53
C LEU A 81 0.41 3.72 7.55
N ASN A 82 -0.91 3.94 7.70
CA ASN A 82 -1.49 4.77 8.76
C ASN A 82 -1.19 4.14 10.13
N GLN A 83 -0.31 4.82 10.89
CA GLN A 83 0.13 4.38 12.23
C GLN A 83 -0.93 4.66 13.31
N ASP A 84 -1.87 5.58 13.01
CA ASP A 84 -2.93 5.99 13.94
C ASP A 84 -3.94 4.85 14.12
N GLY A 85 -4.31 4.58 15.38
CA GLY A 85 -5.24 3.50 15.73
C GLY A 85 -4.53 2.17 16.00
N LEU A 86 -3.30 2.01 15.47
CA LEU A 86 -2.53 0.78 15.61
C LEU A 86 -1.62 0.84 16.86
N SER A 87 -0.75 -0.18 16.99
CA SER A 87 0.34 -0.22 17.99
C SER A 87 1.60 -0.77 17.30
N ASN A 88 2.79 -0.56 17.91
CA ASN A 88 4.11 -0.84 17.27
C ASN A 88 4.24 -2.28 16.73
N ASP A 89 3.61 -3.23 17.45
CA ASP A 89 3.62 -4.66 17.10
C ASP A 89 2.78 -4.92 15.83
N ASN A 90 1.66 -4.19 15.68
CA ASN A 90 0.77 -4.29 14.50
C ASN A 90 1.36 -3.58 13.27
N ILE A 91 2.05 -2.43 13.51
CA ILE A 91 2.78 -1.67 12.47
C ILE A 91 3.72 -2.60 11.68
N GLN A 92 4.32 -3.58 12.39
CA GLN A 92 5.19 -4.61 11.82
C GLN A 92 4.50 -5.35 10.66
N ILE A 93 3.28 -5.88 10.91
CA ILE A 93 2.49 -6.62 9.89
C ILE A 93 2.17 -5.67 8.71
N GLY A 94 1.89 -4.39 9.08
CA GLY A 94 1.61 -3.33 8.11
C GLY A 94 2.74 -3.07 7.14
N LEU A 95 3.95 -2.76 7.66
CA LEU A 95 5.10 -2.35 6.82
C LEU A 95 5.58 -3.51 5.92
N GLN A 96 5.31 -4.75 6.36
CA GLN A 96 5.58 -5.96 5.55
C GLN A 96 4.58 -6.06 4.38
N TYR A 97 3.31 -5.72 4.65
CA TYR A 97 2.27 -5.64 3.61
C TYR A 97 2.48 -4.42 2.69
N ILE A 98 3.12 -3.37 3.23
CA ILE A 98 3.40 -2.11 2.49
C ILE A 98 4.44 -2.37 1.39
N GLU A 99 5.52 -3.08 1.75
CA GLU A 99 6.57 -3.43 0.79
C GLU A 99 6.06 -4.51 -0.18
N HIS A 100 5.09 -5.33 0.30
CA HIS A 100 4.41 -6.35 -0.53
C HIS A 100 3.50 -5.68 -1.60
N ILE A 101 2.77 -4.61 -1.21
CA ILE A 101 1.90 -3.84 -2.12
C ILE A 101 2.76 -3.09 -3.16
N GLU A 102 3.94 -2.62 -2.73
CA GLU A 102 4.93 -2.00 -3.63
C GLU A 102 5.46 -3.01 -4.66
N ARG A 103 5.66 -4.26 -4.23
CA ARG A 103 6.09 -5.37 -5.12
C ARG A 103 4.95 -5.83 -6.05
N THR A 104 3.68 -5.62 -5.61
CA THR A 104 2.50 -5.99 -6.40
C THR A 104 2.22 -4.96 -7.52
N LEU A 105 2.27 -3.65 -7.17
CA LEU A 105 1.97 -2.55 -8.11
C LEU A 105 3.21 -2.20 -8.96
N ASN A 106 4.34 -1.94 -8.30
CA ASN A 106 5.59 -1.51 -8.96
C ASN A 106 6.50 -2.73 -9.21
N HIS A 107 7.58 -2.53 -10.01
CA HIS A 107 8.55 -3.60 -10.31
C HIS A 107 9.34 -4.00 -9.04
N GLY A 108 10.16 -3.05 -8.53
CA GLY A 108 11.01 -3.29 -7.38
C GLY A 108 10.52 -2.51 -6.17
N SER A 109 11.27 -1.46 -5.79
CA SER A 109 10.92 -0.60 -4.65
C SER A 109 11.74 0.71 -4.64
N LEU A 110 11.06 1.80 -4.27
CA LEU A 110 11.74 3.07 -3.87
C LEU A 110 12.01 3.01 -2.35
N THR A 111 13.11 3.64 -1.90
CA THR A 111 13.47 3.70 -0.48
C THR A 111 12.50 4.62 0.28
N SER A 112 12.13 4.21 1.51
CA SER A 112 11.03 4.82 2.28
C SER A 112 11.28 6.32 2.57
N ARG A 113 12.57 6.69 2.76
CA ARG A 113 12.98 8.09 3.07
C ARG A 113 12.44 9.09 2.02
N GLU A 114 12.37 8.63 0.77
CA GLU A 114 11.89 9.40 -0.37
C GLU A 114 10.45 9.93 -0.17
N VAL A 115 9.49 9.04 0.21
CA VAL A 115 8.10 9.49 0.49
C VAL A 115 8.01 10.13 1.89
N THR A 116 8.96 9.79 2.77
CA THR A 116 8.99 10.27 4.17
C THR A 116 9.26 11.80 4.23
N VAL A 117 10.17 12.28 3.35
CA VAL A 117 10.49 13.73 3.25
C VAL A 117 9.37 14.50 2.52
N LEU A 118 8.73 13.82 1.56
CA LEU A 118 7.66 14.41 0.72
C LEU A 118 6.33 14.54 1.49
N ARG A 119 6.10 13.64 2.46
CA ARG A 119 4.90 13.69 3.32
C ARG A 119 5.12 14.70 4.46
N GLU A 120 6.40 14.87 4.86
CA GLU A 120 6.79 15.71 6.01
C GLU A 120 6.62 17.20 5.68
N ILE A 121 6.95 17.57 4.43
CA ILE A 121 6.80 18.95 3.94
C ILE A 121 5.29 19.29 3.68
N MET A 22 -14.22 6.47 -1.15
CA MET A 22 -14.57 5.26 -0.36
C MET A 22 -13.29 4.42 -0.14
N PRO A 23 -12.83 4.26 1.15
CA PRO A 23 -11.69 3.39 1.48
C PRO A 23 -11.99 1.90 1.16
N VAL A 24 -11.38 1.42 0.05
CA VAL A 24 -11.56 0.05 -0.44
C VAL A 24 -10.87 -0.97 0.49
N ASP A 25 -11.67 -1.59 1.37
CA ASP A 25 -11.24 -2.67 2.26
C ASP A 25 -10.98 -3.97 1.47
N LEU A 26 -9.90 -4.67 1.85
CA LEU A 26 -9.43 -5.90 1.21
C LEU A 26 -8.80 -6.80 2.27
N THR A 27 -9.37 -8.01 2.51
CA THR A 27 -8.80 -8.99 3.45
C THR A 27 -9.19 -10.46 3.09
N PRO A 28 -8.98 -10.93 1.82
CA PRO A 28 -9.44 -12.25 1.38
C PRO A 28 -8.44 -13.39 1.71
N TYR A 29 -7.11 -13.10 1.72
CA TYR A 29 -6.04 -14.10 1.94
C TYR A 29 -5.04 -13.63 3.02
N ILE A 30 -5.38 -12.62 3.83
CA ILE A 30 -4.40 -11.96 4.73
C ILE A 30 -3.91 -12.89 5.87
N LEU A 31 -2.57 -13.10 5.90
CA LEU A 31 -1.88 -13.82 6.98
C LEU A 31 -1.32 -12.76 7.97
N PRO A 32 -2.08 -12.39 9.05
CA PRO A 32 -1.74 -11.24 9.91
C PRO A 32 -0.55 -11.56 10.86
N GLY A 33 0.66 -11.45 10.31
CA GLY A 33 1.88 -11.77 11.04
C GLY A 33 3.10 -11.88 10.12
N VAL A 34 2.88 -12.46 8.92
CA VAL A 34 3.96 -12.67 7.93
C VAL A 34 4.21 -11.39 7.12
N SER A 35 5.40 -11.30 6.50
CA SER A 35 5.85 -10.09 5.76
C SER A 35 5.31 -10.04 4.31
N PHE A 36 4.54 -11.07 3.92
CA PHE A 36 4.09 -11.27 2.54
C PHE A 36 2.58 -11.54 2.48
N LEU A 37 2.10 -11.87 1.26
CA LEU A 37 0.72 -12.30 1.02
C LEU A 37 0.78 -13.45 -0.01
N SER A 38 -0.17 -14.41 0.12
CA SER A 38 -0.27 -15.56 -0.78
C SER A 38 -0.60 -15.11 -2.23
N ASP A 39 -1.88 -14.75 -2.50
CA ASP A 39 -2.34 -14.45 -3.87
C ASP A 39 -3.41 -13.33 -3.85
N ILE A 40 -3.00 -12.06 -4.05
CA ILE A 40 -3.96 -10.92 -4.14
C ILE A 40 -4.65 -10.93 -5.54
N PRO A 41 -6.01 -10.79 -5.62
CA PRO A 41 -6.74 -10.65 -6.90
C PRO A 41 -6.26 -9.41 -7.70
N GLN A 42 -5.78 -9.65 -8.94
CA GLN A 42 -5.30 -8.59 -9.86
C GLN A 42 -6.43 -7.64 -10.27
N GLU A 43 -7.68 -8.15 -10.17
CA GLU A 43 -8.90 -7.37 -10.38
C GLU A 43 -8.98 -6.20 -9.38
N THR A 44 -8.57 -6.49 -8.12
CA THR A 44 -8.53 -5.47 -7.05
C THR A 44 -7.40 -4.46 -7.29
N LEU A 45 -6.23 -4.90 -7.81
CA LEU A 45 -5.11 -3.96 -8.14
C LEU A 45 -5.53 -2.98 -9.24
N SER A 46 -6.32 -3.47 -10.20
CA SER A 46 -6.93 -2.64 -11.24
C SER A 46 -7.92 -1.63 -10.62
N GLU A 47 -8.61 -2.07 -9.55
CA GLU A 47 -9.56 -1.24 -8.80
C GLU A 47 -8.80 -0.14 -8.00
N ILE A 48 -7.62 -0.49 -7.47
CA ILE A 48 -6.75 0.47 -6.74
C ILE A 48 -6.30 1.57 -7.69
N ARG A 49 -5.94 1.14 -8.92
CA ARG A 49 -5.52 2.01 -10.01
C ARG A 49 -6.67 2.93 -10.47
N ASN A 50 -7.93 2.49 -10.26
CA ASN A 50 -9.13 3.32 -10.54
C ASN A 50 -9.26 4.46 -9.49
N GLN A 51 -9.05 4.11 -8.20
CA GLN A 51 -9.21 5.06 -7.06
C GLN A 51 -8.12 6.15 -7.12
N THR A 52 -6.90 5.73 -7.50
CA THR A 52 -5.73 6.59 -7.60
C THR A 52 -5.83 7.65 -8.73
N ILE A 53 -6.74 7.43 -9.71
CA ILE A 53 -7.01 8.43 -10.77
C ILE A 53 -7.67 9.69 -10.15
N ARG A 54 -8.41 9.49 -9.03
CA ARG A 54 -8.99 10.59 -8.23
C ARG A 54 -7.87 11.35 -7.46
N GLY A 55 -6.68 10.73 -7.36
CA GLY A 55 -5.48 11.37 -6.81
C GLY A 55 -5.03 10.78 -5.48
N GLU A 56 -5.96 10.13 -4.78
CA GLU A 56 -5.67 9.38 -3.54
C GLU A 56 -6.52 8.09 -3.50
N ALA A 57 -6.00 7.10 -2.77
CA ALA A 57 -6.69 5.83 -2.48
C ALA A 57 -6.36 5.40 -1.05
N GLN A 58 -7.32 4.75 -0.37
CA GLN A 58 -7.11 4.19 0.98
C GLN A 58 -7.56 2.73 0.98
N ILE A 59 -6.61 1.81 1.22
CA ILE A 59 -6.85 0.37 1.21
C ILE A 59 -6.82 -0.13 2.66
N ARG A 60 -7.95 -0.62 3.15
CA ARG A 60 -8.04 -1.21 4.49
C ARG A 60 -7.69 -2.70 4.42
N LEU A 61 -6.39 -3.03 4.54
CA LEU A 61 -5.93 -4.42 4.58
C LEU A 61 -6.32 -5.07 5.92
N GLY A 62 -7.62 -5.44 6.02
CA GLY A 62 -8.20 -5.86 7.29
C GLY A 62 -8.27 -4.68 8.26
N GLU A 63 -7.29 -4.62 9.18
CA GLU A 63 -7.15 -3.55 10.18
C GLU A 63 -5.92 -2.66 9.89
N LEU A 64 -5.13 -3.03 8.88
CA LEU A 64 -3.93 -2.28 8.46
C LEU A 64 -4.37 -1.14 7.53
N MET A 65 -4.25 0.12 7.98
CA MET A 65 -4.75 1.27 7.19
C MET A 65 -3.65 1.77 6.22
N VAL A 66 -3.82 1.43 4.95
CA VAL A 66 -2.91 1.81 3.86
C VAL A 66 -3.49 2.99 3.08
N SER A 67 -2.63 3.82 2.47
CA SER A 67 -3.03 4.95 1.62
C SER A 67 -2.10 5.02 0.39
N ILE A 68 -2.65 4.69 -0.79
CA ILE A 68 -1.91 4.68 -2.07
C ILE A 68 -2.17 6.01 -2.83
N ARG A 69 -1.14 6.87 -2.91
CA ARG A 69 -1.29 8.25 -3.45
C ARG A 69 -0.26 8.53 -4.57
N PRO A 70 -0.70 8.78 -5.84
CA PRO A 70 0.19 9.35 -6.90
C PRO A 70 0.31 10.89 -6.85
N MET A 71 -0.39 11.52 -5.89
CA MET A 71 -0.44 12.99 -5.76
C MET A 71 0.89 13.55 -5.23
N GLN A 72 1.40 12.91 -4.18
CA GLN A 72 2.60 13.38 -3.45
C GLN A 72 3.29 12.20 -2.76
N VAL A 73 4.63 12.30 -2.59
CA VAL A 73 5.50 11.27 -1.99
C VAL A 73 5.58 10.05 -2.93
N ASN A 74 6.80 9.86 -3.52
CA ASN A 74 7.10 8.80 -4.52
C ASN A 74 6.52 9.19 -5.90
N GLY A 75 7.33 8.96 -6.96
CA GLY A 75 6.97 9.35 -8.34
C GLY A 75 5.71 8.68 -8.88
N TYR A 76 5.50 7.40 -8.50
CA TYR A 76 4.28 6.64 -8.83
C TYR A 76 3.62 6.17 -7.53
N PHE A 77 2.39 5.66 -7.64
CA PHE A 77 1.61 5.22 -6.47
C PHE A 77 1.95 3.77 -6.11
N MET A 78 2.28 3.58 -4.82
CA MET A 78 2.64 2.26 -4.25
C MET A 78 2.41 2.30 -2.72
N GLY A 79 2.76 1.19 -2.04
CA GLY A 79 2.50 1.00 -0.61
C GLY A 79 3.01 2.13 0.30
N SER A 80 2.10 2.87 0.93
CA SER A 80 2.42 3.88 1.95
C SER A 80 1.47 3.70 3.15
N LEU A 81 2.03 3.44 4.35
CA LEU A 81 1.24 3.12 5.56
C LEU A 81 0.85 4.38 6.34
N ASN A 82 -0.36 4.35 6.92
CA ASN A 82 -0.81 5.34 7.88
C ASN A 82 -0.58 4.78 9.30
N GLN A 83 0.67 4.91 9.79
CA GLN A 83 1.04 4.52 11.18
C GLN A 83 0.58 5.60 12.18
N ASP A 84 0.22 6.78 11.63
CA ASP A 84 -0.32 7.93 12.39
C ASP A 84 -1.67 7.56 13.02
N GLY A 85 -1.66 7.37 14.36
CA GLY A 85 -2.86 7.02 15.12
C GLY A 85 -3.28 5.57 14.96
N LEU A 86 -2.34 4.70 14.54
CA LEU A 86 -2.58 3.28 14.31
C LEU A 86 -2.14 2.45 15.53
N SER A 87 -2.74 1.26 15.70
CA SER A 87 -2.30 0.28 16.72
C SER A 87 -0.90 -0.26 16.36
N ASN A 88 -0.03 -0.42 17.37
CA ASN A 88 1.41 -0.74 17.16
C ASN A 88 1.62 -2.08 16.41
N ASP A 89 0.73 -3.05 16.66
CA ASP A 89 0.70 -4.33 15.92
C ASP A 89 0.38 -4.07 14.45
N ASN A 90 -0.68 -3.27 14.21
CA ASN A 90 -1.15 -2.91 12.85
C ASN A 90 -0.09 -2.12 12.09
N ILE A 91 0.82 -1.46 12.82
CA ILE A 91 1.96 -0.75 12.24
C ILE A 91 3.02 -1.76 11.74
N GLN A 92 3.29 -2.82 12.54
CA GLN A 92 4.28 -3.85 12.19
C GLN A 92 3.85 -4.64 10.95
N ILE A 93 2.65 -5.27 11.04
CA ILE A 93 2.09 -6.08 9.95
C ILE A 93 1.71 -5.17 8.76
N GLY A 94 1.42 -3.89 9.07
CA GLY A 94 1.17 -2.87 8.06
C GLY A 94 2.38 -2.58 7.18
N LEU A 95 3.53 -2.22 7.80
CA LEU A 95 4.73 -1.75 7.06
C LEU A 95 5.35 -2.86 6.19
N GLN A 96 5.29 -4.12 6.66
CA GLN A 96 5.78 -5.30 5.90
C GLN A 96 4.83 -5.63 4.74
N TYR A 97 3.52 -5.41 4.94
CA TYR A 97 2.52 -5.52 3.87
C TYR A 97 2.68 -4.36 2.87
N ILE A 98 3.14 -3.20 3.34
CA ILE A 98 3.32 -2.01 2.50
C ILE A 98 4.43 -2.21 1.48
N GLU A 99 5.56 -2.78 1.92
CA GLU A 99 6.71 -3.04 1.05
C GLU A 99 6.37 -4.17 0.06
N HIS A 100 5.44 -5.07 0.48
CA HIS A 100 4.84 -6.08 -0.41
C HIS A 100 3.96 -5.39 -1.49
N ILE A 101 3.15 -4.40 -1.07
CA ILE A 101 2.24 -3.65 -1.96
C ILE A 101 3.03 -2.80 -2.98
N GLU A 102 4.24 -2.35 -2.61
CA GLU A 102 5.16 -1.65 -3.54
C GLU A 102 5.58 -2.60 -4.68
N ARG A 103 5.92 -3.84 -4.28
CA ARG A 103 6.29 -4.93 -5.21
C ARG A 103 5.08 -5.34 -6.10
N THR A 104 3.87 -5.22 -5.53
CA THR A 104 2.62 -5.59 -6.20
C THR A 104 2.16 -4.50 -7.20
N LEU A 105 2.41 -3.21 -6.86
CA LEU A 105 2.00 -2.04 -7.66
C LEU A 105 3.16 -1.48 -8.51
N ASN A 106 4.30 -2.19 -8.54
CA ASN A 106 5.42 -1.84 -9.43
C ASN A 106 4.98 -1.96 -10.90
N HIS A 107 5.02 -0.84 -11.63
CA HIS A 107 4.44 -0.74 -13.00
C HIS A 107 5.48 -1.01 -14.10
N GLY A 108 6.68 -1.48 -13.73
CA GLY A 108 7.70 -1.85 -14.72
C GLY A 108 9.12 -1.55 -14.26
N SER A 109 9.99 -1.23 -15.23
CA SER A 109 11.42 -0.92 -15.00
C SER A 109 11.57 0.35 -14.13
N LEU A 110 11.70 0.14 -12.82
CA LEU A 110 11.87 1.19 -11.82
C LEU A 110 12.82 0.66 -10.73
N THR A 111 13.75 1.53 -10.28
CA THR A 111 14.68 1.24 -9.20
C THR A 111 14.22 1.96 -7.93
N SER A 112 14.43 1.33 -6.76
CA SER A 112 14.04 1.89 -5.45
C SER A 112 14.63 3.29 -5.25
N ARG A 113 15.88 3.50 -5.72
CA ARG A 113 16.57 4.80 -5.59
C ARG A 113 15.91 5.89 -6.46
N GLU A 114 15.48 5.51 -7.69
CA GLU A 114 14.88 6.45 -8.66
C GLU A 114 13.61 7.10 -8.10
N VAL A 115 12.74 6.28 -7.49
CA VAL A 115 11.47 6.74 -6.92
C VAL A 115 11.70 7.47 -5.57
N THR A 116 12.82 7.13 -4.89
CA THR A 116 13.20 7.75 -3.60
C THR A 116 13.69 9.20 -3.80
N VAL A 117 14.67 9.41 -4.72
CA VAL A 117 15.35 10.72 -4.92
C VAL A 117 14.36 11.87 -5.20
N LEU A 118 13.21 11.51 -5.78
CA LEU A 118 12.13 12.44 -6.12
C LEU A 118 11.57 13.12 -4.85
N ARG A 119 11.26 12.31 -3.81
CA ARG A 119 10.78 12.81 -2.51
C ARG A 119 11.95 13.25 -1.61
N GLU A 120 13.15 12.67 -1.85
CA GLU A 120 14.31 12.75 -0.95
C GLU A 120 15.00 14.14 -1.02
N ILE A 121 15.02 14.73 -2.23
CA ILE A 121 15.68 16.02 -2.47
C ILE A 121 14.85 17.20 -1.85
N MET A 22 -12.74 6.17 -2.07
CA MET A 22 -13.63 5.00 -2.13
C MET A 22 -12.82 3.76 -1.71
N PRO A 23 -12.82 3.41 -0.38
CA PRO A 23 -11.93 2.38 0.20
C PRO A 23 -12.17 0.96 -0.35
N VAL A 24 -11.12 0.39 -0.97
CA VAL A 24 -11.07 -1.02 -1.38
C VAL A 24 -10.79 -1.89 -0.13
N ASP A 25 -11.86 -2.39 0.51
CA ASP A 25 -11.75 -3.31 1.65
C ASP A 25 -11.17 -4.66 1.17
N LEU A 26 -9.87 -4.86 1.43
CA LEU A 26 -9.12 -6.02 0.94
C LEU A 26 -8.66 -6.88 2.13
N THR A 27 -9.40 -7.97 2.39
CA THR A 27 -9.01 -9.02 3.36
C THR A 27 -9.57 -10.42 2.96
N PRO A 28 -9.45 -10.87 1.65
CA PRO A 28 -9.95 -12.18 1.20
C PRO A 28 -8.97 -13.33 1.57
N TYR A 29 -7.67 -13.08 1.32
CA TYR A 29 -6.60 -14.10 1.41
C TYR A 29 -5.46 -13.62 2.33
N ILE A 30 -5.73 -12.64 3.21
CA ILE A 30 -4.70 -12.08 4.13
C ILE A 30 -4.24 -13.16 5.14
N LEU A 31 -2.91 -13.31 5.28
CA LEU A 31 -2.29 -14.20 6.27
C LEU A 31 -1.58 -13.32 7.33
N PRO A 32 -2.30 -12.89 8.41
CA PRO A 32 -1.75 -11.89 9.39
C PRO A 32 -0.65 -12.49 10.31
N GLY A 33 -0.38 -13.81 10.14
CA GLY A 33 0.72 -14.49 10.83
C GLY A 33 2.07 -14.33 10.13
N VAL A 34 2.06 -14.02 8.82
CA VAL A 34 3.30 -13.86 8.00
C VAL A 34 3.36 -12.48 7.34
N SER A 35 4.56 -12.13 6.82
CA SER A 35 4.86 -10.80 6.24
C SER A 35 4.10 -10.55 4.92
N PHE A 36 3.70 -11.65 4.23
CA PHE A 36 3.09 -11.58 2.90
C PHE A 36 1.61 -12.01 2.92
N LEU A 37 0.98 -11.88 1.75
CA LEU A 37 -0.43 -12.25 1.50
C LEU A 37 -0.41 -13.51 0.60
N SER A 38 -1.46 -14.37 0.68
CA SER A 38 -1.55 -15.61 -0.14
C SER A 38 -1.44 -15.29 -1.65
N ASP A 39 -2.32 -14.39 -2.10
CA ASP A 39 -2.43 -13.98 -3.51
C ASP A 39 -3.33 -12.75 -3.57
N ILE A 40 -2.89 -11.68 -4.22
CA ILE A 40 -3.73 -10.51 -4.48
C ILE A 40 -4.27 -10.61 -5.92
N PRO A 41 -5.62 -10.66 -6.12
CA PRO A 41 -6.22 -10.79 -7.46
C PRO A 41 -5.98 -9.51 -8.29
N GLN A 42 -5.75 -9.71 -9.61
CA GLN A 42 -5.45 -8.61 -10.57
C GLN A 42 -6.64 -7.61 -10.65
N GLU A 43 -7.86 -8.10 -10.36
CA GLU A 43 -9.09 -7.28 -10.36
C GLU A 43 -9.10 -6.25 -9.21
N THR A 44 -8.46 -6.60 -8.08
CA THR A 44 -8.28 -5.67 -6.95
C THR A 44 -7.31 -4.56 -7.36
N LEU A 45 -6.15 -4.98 -7.87
CA LEU A 45 -5.05 -4.08 -8.27
C LEU A 45 -5.52 -3.05 -9.30
N SER A 46 -6.30 -3.53 -10.29
CA SER A 46 -6.82 -2.70 -11.38
C SER A 46 -7.82 -1.65 -10.87
N GLU A 47 -8.59 -2.00 -9.81
CA GLU A 47 -9.49 -1.05 -9.14
C GLU A 47 -8.67 0.00 -8.36
N ILE A 48 -7.62 -0.46 -7.65
CA ILE A 48 -6.70 0.44 -6.89
C ILE A 48 -6.05 1.48 -7.83
N ARG A 49 -5.76 1.06 -9.08
CA ARG A 49 -5.20 1.93 -10.13
C ARG A 49 -6.21 3.05 -10.50
N ASN A 50 -7.50 2.70 -10.52
CA ASN A 50 -8.59 3.66 -10.81
C ASN A 50 -8.70 4.68 -9.66
N GLN A 51 -8.56 4.19 -8.41
CA GLN A 51 -8.72 5.01 -7.19
C GLN A 51 -7.53 5.98 -7.01
N THR A 52 -6.34 5.52 -7.44
CA THR A 52 -5.11 6.36 -7.42
C THR A 52 -5.21 7.54 -8.40
N ILE A 53 -6.02 7.42 -9.47
CA ILE A 53 -6.26 8.52 -10.44
C ILE A 53 -7.09 9.64 -9.78
N ARG A 54 -7.92 9.28 -8.77
CA ARG A 54 -8.66 10.26 -7.94
C ARG A 54 -7.69 10.97 -6.95
N GLY A 55 -6.48 10.40 -6.80
CA GLY A 55 -5.36 11.02 -6.08
C GLY A 55 -5.03 10.31 -4.77
N GLU A 56 -6.02 9.61 -4.19
CA GLU A 56 -5.83 8.76 -3.00
C GLU A 56 -6.68 7.48 -3.14
N ALA A 57 -6.02 6.32 -2.99
CA ALA A 57 -6.63 5.00 -3.00
C ALA A 57 -6.59 4.42 -1.60
N GLN A 58 -7.71 4.46 -0.87
CA GLN A 58 -7.78 3.92 0.49
C GLN A 58 -8.01 2.41 0.40
N ILE A 59 -7.09 1.60 0.95
CA ILE A 59 -7.25 0.12 1.02
C ILE A 59 -7.27 -0.30 2.49
N ARG A 60 -8.30 -1.06 2.90
CA ARG A 60 -8.41 -1.58 4.27
C ARG A 60 -7.92 -3.04 4.29
N LEU A 61 -6.63 -3.23 4.64
CA LEU A 61 -6.03 -4.57 4.82
C LEU A 61 -6.43 -5.14 6.18
N GLY A 62 -7.72 -5.50 6.32
CA GLY A 62 -8.29 -5.95 7.58
C GLY A 62 -8.34 -4.83 8.62
N GLU A 63 -7.39 -4.89 9.58
CA GLU A 63 -7.26 -3.86 10.64
C GLU A 63 -6.34 -2.70 10.18
N LEU A 64 -5.53 -2.96 9.13
CA LEU A 64 -4.53 -2.02 8.63
C LEU A 64 -5.19 -1.05 7.63
N MET A 65 -5.35 0.22 8.01
CA MET A 65 -5.88 1.26 7.12
C MET A 65 -4.72 1.85 6.31
N VAL A 66 -4.61 1.42 5.05
CA VAL A 66 -3.58 1.86 4.11
C VAL A 66 -4.19 2.90 3.14
N SER A 67 -3.36 3.81 2.61
CA SER A 67 -3.77 4.82 1.64
C SER A 67 -2.67 5.02 0.59
N ILE A 68 -2.89 4.44 -0.59
CA ILE A 68 -1.97 4.45 -1.74
C ILE A 68 -2.15 5.76 -2.58
N ARG A 69 -1.14 6.66 -2.56
CA ARG A 69 -1.19 7.92 -3.38
C ARG A 69 -0.08 7.91 -4.45
N PRO A 70 -0.39 8.22 -5.75
CA PRO A 70 0.63 8.46 -6.80
C PRO A 70 1.45 9.73 -6.48
N MET A 71 0.78 10.71 -5.83
CA MET A 71 1.33 12.02 -5.45
C MET A 71 1.63 12.88 -6.70
N GLN A 72 1.50 14.21 -6.56
CA GLN A 72 1.90 15.17 -7.59
C GLN A 72 3.42 15.45 -7.50
N VAL A 73 3.93 16.30 -8.42
CA VAL A 73 5.37 16.68 -8.57
C VAL A 73 6.34 15.47 -8.72
N ASN A 74 6.57 14.70 -7.64
CA ASN A 74 7.56 13.61 -7.62
C ASN A 74 7.12 12.53 -6.62
N GLY A 75 7.55 11.28 -6.87
CA GLY A 75 7.07 10.11 -6.16
C GLY A 75 6.19 9.25 -7.05
N TYR A 76 5.67 8.15 -6.49
CA TYR A 76 4.71 7.26 -7.18
C TYR A 76 3.85 6.53 -6.14
N PHE A 77 2.89 5.68 -6.59
CA PHE A 77 1.96 5.01 -5.68
C PHE A 77 2.56 3.70 -5.14
N MET A 78 2.64 3.66 -3.80
CA MET A 78 3.16 2.54 -3.04
C MET A 78 2.39 2.44 -1.72
N GLY A 79 2.77 1.44 -0.88
CA GLY A 79 2.17 1.28 0.44
C GLY A 79 2.46 2.46 1.36
N SER A 80 1.39 3.11 1.86
CA SER A 80 1.49 4.17 2.88
C SER A 80 0.49 3.86 4.01
N LEU A 81 1.00 3.25 5.10
CA LEU A 81 0.20 2.84 6.26
C LEU A 81 -0.13 4.08 7.12
N ASN A 82 -1.44 4.34 7.29
CA ASN A 82 -1.96 5.42 8.16
C ASN A 82 -1.64 5.06 9.63
N GLN A 83 -0.57 5.68 10.17
CA GLN A 83 0.14 5.21 11.38
C GLN A 83 -0.03 6.14 12.60
N ASP A 84 -0.87 7.19 12.48
CA ASP A 84 -1.06 8.19 13.54
C ASP A 84 -1.97 7.64 14.68
N GLY A 85 -1.43 7.59 15.91
CA GLY A 85 -2.18 7.13 17.09
C GLY A 85 -2.29 5.61 17.19
N LEU A 86 -1.41 4.90 16.47
CA LEU A 86 -1.39 3.41 16.45
C LEU A 86 -0.42 2.85 17.50
N SER A 87 -0.29 1.52 17.48
CA SER A 87 0.65 0.76 18.32
C SER A 87 1.60 -0.02 17.40
N ASN A 88 2.84 -0.27 17.86
CA ASN A 88 3.94 -0.85 17.04
C ASN A 88 3.59 -2.27 16.49
N ASP A 89 2.57 -2.90 17.08
CA ASP A 89 2.05 -4.20 16.62
C ASP A 89 1.39 -4.06 15.24
N ASN A 90 0.38 -3.16 15.15
CA ASN A 90 -0.35 -2.87 13.90
C ASN A 90 0.61 -2.22 12.87
N ILE A 91 1.54 -1.39 13.37
CA ILE A 91 2.61 -0.76 12.57
C ILE A 91 3.44 -1.83 11.83
N GLN A 92 3.85 -2.89 12.56
CA GLN A 92 4.72 -3.94 11.99
C GLN A 92 3.98 -4.74 10.91
N ILE A 93 2.79 -5.27 11.25
CA ILE A 93 1.93 -6.03 10.30
C ILE A 93 1.67 -5.18 9.02
N GLY A 94 1.41 -3.88 9.28
CA GLY A 94 1.19 -2.90 8.23
C GLY A 94 2.37 -2.77 7.29
N LEU A 95 3.57 -2.44 7.84
CA LEU A 95 4.76 -2.13 7.01
C LEU A 95 5.25 -3.35 6.21
N GLN A 96 4.95 -4.56 6.73
CA GLN A 96 5.25 -5.83 6.04
C GLN A 96 4.45 -5.94 4.73
N TYR A 97 3.15 -5.62 4.83
CA TYR A 97 2.26 -5.57 3.66
C TYR A 97 2.59 -4.36 2.76
N ILE A 98 3.03 -3.25 3.36
CA ILE A 98 3.37 -2.00 2.64
C ILE A 98 4.57 -2.20 1.68
N GLU A 99 5.60 -2.90 2.17
CA GLU A 99 6.82 -3.19 1.37
C GLU A 99 6.53 -4.27 0.31
N HIS A 100 5.51 -5.12 0.58
CA HIS A 100 4.97 -6.06 -0.42
C HIS A 100 4.19 -5.29 -1.53
N ILE A 101 3.39 -4.29 -1.11
CA ILE A 101 2.48 -3.53 -2.00
C ILE A 101 3.27 -2.66 -3.01
N GLU A 102 4.37 -2.03 -2.55
CA GLU A 102 5.18 -1.13 -3.42
C GLU A 102 5.77 -1.89 -4.61
N ARG A 103 6.15 -3.15 -4.37
CA ARG A 103 6.69 -4.05 -5.41
C ARG A 103 5.56 -4.48 -6.38
N THR A 104 4.40 -4.82 -5.79
CA THR A 104 3.20 -5.32 -6.51
C THR A 104 2.65 -4.27 -7.51
N LEU A 105 2.67 -2.98 -7.11
CA LEU A 105 2.11 -1.88 -7.92
C LEU A 105 3.15 -1.29 -8.89
N ASN A 106 4.38 -1.03 -8.40
CA ASN A 106 5.45 -0.41 -9.24
C ASN A 106 6.83 -0.96 -8.82
N HIS A 107 7.26 -2.01 -9.54
CA HIS A 107 8.65 -2.52 -9.47
C HIS A 107 9.53 -1.64 -10.37
N GLY A 108 10.22 -0.68 -9.75
CA GLY A 108 11.09 0.26 -10.46
C GLY A 108 12.37 0.56 -9.71
N SER A 109 13.42 1.00 -10.44
CA SER A 109 14.72 1.38 -9.86
C SER A 109 14.65 2.84 -9.36
N LEU A 110 13.88 3.04 -8.28
CA LEU A 110 13.64 4.38 -7.70
C LEU A 110 14.84 4.88 -6.90
N THR A 111 14.96 6.20 -6.82
CA THR A 111 15.85 6.86 -5.85
C THR A 111 15.07 7.00 -4.52
N SER A 112 15.77 6.86 -3.38
CA SER A 112 15.12 6.83 -2.04
C SER A 112 14.33 8.12 -1.76
N ARG A 113 15.00 9.27 -1.94
CA ARG A 113 14.46 10.60 -1.61
C ARG A 113 13.21 10.95 -2.44
N GLU A 114 13.00 10.28 -3.58
CA GLU A 114 11.84 10.52 -4.46
C GLU A 114 10.50 10.29 -3.73
N VAL A 115 10.37 9.11 -3.11
CA VAL A 115 9.16 8.73 -2.33
C VAL A 115 9.27 9.14 -0.85
N THR A 116 10.51 9.21 -0.33
CA THR A 116 10.76 9.50 1.10
C THR A 116 10.49 10.98 1.43
N VAL A 117 10.75 11.88 0.46
CA VAL A 117 10.57 13.33 0.65
C VAL A 117 9.10 13.67 1.00
N LEU A 118 8.16 12.81 0.54
CA LEU A 118 6.71 12.93 0.81
C LEU A 118 6.42 13.01 2.33
N ARG A 119 6.98 12.05 3.09
CA ARG A 119 6.80 11.97 4.56
C ARG A 119 7.77 12.93 5.29
N GLU A 120 8.92 13.22 4.64
CA GLU A 120 10.08 13.86 5.28
C GLU A 120 9.91 15.40 5.37
N ILE A 121 9.14 15.98 4.44
CA ILE A 121 8.81 17.43 4.46
C ILE A 121 7.59 17.69 5.39
N MET A 22 -12.99 5.13 -2.44
CA MET A 22 -11.51 5.08 -2.61
C MET A 22 -10.87 4.08 -1.60
N PRO A 23 -11.20 4.12 -0.24
CA PRO A 23 -10.72 3.08 0.69
C PRO A 23 -11.51 1.76 0.53
N VAL A 24 -10.91 0.79 -0.18
CA VAL A 24 -11.49 -0.56 -0.34
C VAL A 24 -10.92 -1.51 0.73
N ASP A 25 -11.80 -2.22 1.45
CA ASP A 25 -11.39 -3.23 2.44
C ASP A 25 -10.93 -4.51 1.70
N LEU A 26 -9.74 -4.98 2.08
CA LEU A 26 -9.04 -6.10 1.42
C LEU A 26 -8.52 -7.03 2.54
N THR A 27 -9.25 -8.14 2.79
CA THR A 27 -8.86 -9.13 3.81
C THR A 27 -9.38 -10.58 3.50
N PRO A 28 -9.40 -11.07 2.20
CA PRO A 28 -9.93 -12.42 1.89
C PRO A 28 -8.90 -13.53 2.21
N TYR A 29 -7.61 -13.15 2.34
CA TYR A 29 -6.49 -14.09 2.46
C TYR A 29 -5.58 -13.79 3.66
N ILE A 30 -5.77 -12.62 4.36
CA ILE A 30 -4.76 -12.05 5.30
C ILE A 30 -4.20 -13.09 6.31
N LEU A 31 -2.88 -13.32 6.18
CA LEU A 31 -2.10 -14.20 7.06
C LEU A 31 -1.37 -13.32 8.11
N PRO A 32 -1.90 -13.18 9.36
CA PRO A 32 -1.29 -12.29 10.39
C PRO A 32 -0.13 -12.97 11.15
N GLY A 33 0.73 -13.69 10.40
CA GLY A 33 1.88 -14.41 10.95
C GLY A 33 3.08 -14.39 10.02
N VAL A 34 2.91 -13.85 8.80
CA VAL A 34 3.98 -13.75 7.77
C VAL A 34 3.98 -12.34 7.13
N SER A 35 5.09 -12.01 6.45
CA SER A 35 5.29 -10.72 5.80
C SER A 35 4.53 -10.62 4.48
N PHE A 36 4.52 -11.75 3.75
CA PHE A 36 3.87 -11.86 2.44
C PHE A 36 2.35 -12.12 2.60
N LEU A 37 1.68 -12.34 1.46
CA LEU A 37 0.28 -12.77 1.43
C LEU A 37 0.11 -13.84 0.35
N SER A 38 -0.64 -14.92 0.70
CA SER A 38 -0.80 -16.11 -0.16
C SER A 38 -1.40 -15.76 -1.54
N ASP A 39 -2.27 -14.74 -1.55
CA ASP A 39 -2.85 -14.17 -2.77
C ASP A 39 -3.44 -12.80 -2.44
N ILE A 40 -3.39 -11.88 -3.41
CA ILE A 40 -4.15 -10.62 -3.37
C ILE A 40 -4.93 -10.54 -4.68
N PRO A 41 -6.29 -10.37 -4.64
CA PRO A 41 -7.11 -10.29 -5.86
C PRO A 41 -6.68 -9.09 -6.73
N GLN A 42 -6.12 -9.39 -7.93
CA GLN A 42 -5.60 -8.38 -8.87
C GLN A 42 -6.76 -7.49 -9.40
N GLU A 43 -8.01 -8.02 -9.36
CA GLU A 43 -9.23 -7.23 -9.63
C GLU A 43 -9.31 -5.98 -8.72
N THR A 44 -8.90 -6.17 -7.45
CA THR A 44 -8.86 -5.10 -6.45
C THR A 44 -7.72 -4.09 -6.75
N LEU A 45 -6.57 -4.60 -7.26
CA LEU A 45 -5.45 -3.75 -7.73
C LEU A 45 -5.88 -2.89 -8.93
N SER A 46 -6.70 -3.49 -9.81
CA SER A 46 -7.22 -2.82 -11.02
C SER A 46 -8.22 -1.70 -10.64
N GLU A 47 -8.97 -1.94 -9.54
CA GLU A 47 -9.85 -0.93 -8.93
C GLU A 47 -9.02 0.23 -8.39
N ILE A 48 -7.94 -0.10 -7.67
CA ILE A 48 -7.01 0.91 -7.10
C ILE A 48 -6.38 1.77 -8.21
N ARG A 49 -6.02 1.13 -9.34
CA ARG A 49 -5.46 1.83 -10.52
C ARG A 49 -6.47 2.84 -11.09
N ASN A 50 -7.74 2.45 -11.08
CA ASN A 50 -8.87 3.31 -11.51
C ASN A 50 -8.99 4.58 -10.62
N GLN A 51 -8.80 4.40 -9.30
CA GLN A 51 -8.93 5.48 -8.28
C GLN A 51 -7.69 6.39 -8.21
N THR A 52 -6.51 5.80 -8.48
CA THR A 52 -5.22 6.54 -8.44
C THR A 52 -5.14 7.62 -9.55
N ILE A 53 -5.93 7.44 -10.62
CA ILE A 53 -6.08 8.46 -11.69
C ILE A 53 -6.78 9.72 -11.12
N ARG A 54 -7.76 9.47 -10.24
CA ARG A 54 -8.52 10.52 -9.54
C ARG A 54 -7.65 11.19 -8.45
N GLY A 55 -6.50 10.57 -8.15
CA GLY A 55 -5.48 11.15 -7.26
C GLY A 55 -5.51 10.59 -5.85
N GLU A 56 -6.56 9.78 -5.54
CA GLU A 56 -6.74 9.20 -4.19
C GLU A 56 -7.23 7.74 -4.28
N ALA A 57 -6.49 6.82 -3.65
CA ALA A 57 -6.92 5.43 -3.40
C ALA A 57 -6.35 4.98 -2.05
N GLN A 58 -7.13 4.17 -1.31
CA GLN A 58 -6.69 3.58 -0.04
C GLN A 58 -7.13 2.11 0.02
N ILE A 59 -6.39 1.30 0.79
CA ILE A 59 -6.78 -0.06 1.14
C ILE A 59 -6.89 -0.17 2.66
N ARG A 60 -8.02 -0.70 3.14
CA ARG A 60 -8.19 -1.08 4.53
C ARG A 60 -7.91 -2.60 4.66
N LEU A 61 -6.63 -2.94 4.87
CA LEU A 61 -6.18 -4.35 5.13
C LEU A 61 -6.66 -4.77 6.54
N GLY A 62 -7.97 -5.04 6.65
CA GLY A 62 -8.59 -5.24 7.95
C GLY A 62 -8.64 -3.94 8.74
N GLU A 63 -7.70 -3.80 9.70
CA GLU A 63 -7.54 -2.57 10.51
C GLU A 63 -6.36 -1.69 9.99
N LEU A 64 -5.48 -2.31 9.17
CA LEU A 64 -4.28 -1.63 8.61
C LEU A 64 -4.71 -0.66 7.50
N MET A 65 -4.61 0.66 7.74
CA MET A 65 -4.95 1.67 6.73
C MET A 65 -3.72 1.91 5.82
N VAL A 66 -3.92 1.84 4.49
CA VAL A 66 -2.83 1.91 3.50
C VAL A 66 -3.14 3.01 2.46
N SER A 67 -2.28 4.04 2.40
CA SER A 67 -2.40 5.14 1.43
C SER A 67 -1.70 4.77 0.10
N ILE A 68 -2.49 4.57 -0.97
CA ILE A 68 -1.95 4.31 -2.32
C ILE A 68 -2.43 5.44 -3.25
N ARG A 69 -1.65 6.53 -3.34
CA ARG A 69 -2.07 7.70 -4.14
C ARG A 69 -0.86 8.52 -4.62
N PRO A 70 -0.89 9.02 -5.92
CA PRO A 70 0.18 9.87 -6.46
C PRO A 70 0.08 11.33 -5.92
N MET A 71 0.96 11.64 -4.96
CA MET A 71 1.12 12.98 -4.36
C MET A 71 1.99 13.88 -5.27
N GLN A 72 1.75 15.21 -5.24
CA GLN A 72 2.57 16.20 -5.97
C GLN A 72 4.01 16.29 -5.43
N VAL A 73 4.85 17.11 -6.12
CA VAL A 73 6.31 17.31 -5.90
C VAL A 73 7.12 16.01 -6.20
N ASN A 74 6.80 14.92 -5.48
CA ASN A 74 7.34 13.57 -5.71
C ASN A 74 6.58 12.61 -4.77
N GLY A 75 6.45 11.34 -5.20
CA GLY A 75 5.75 10.33 -4.42
C GLY A 75 4.53 9.80 -5.17
N TYR A 76 4.76 8.78 -5.99
CA TYR A 76 3.70 8.08 -6.76
C TYR A 76 2.92 7.10 -5.86
N PHE A 77 1.99 6.37 -6.48
CA PHE A 77 1.17 5.39 -5.79
C PHE A 77 1.98 4.08 -5.62
N MET A 78 2.30 3.80 -4.36
CA MET A 78 3.01 2.58 -3.92
C MET A 78 2.71 2.36 -2.43
N GLY A 79 3.15 1.19 -1.90
CA GLY A 79 2.84 0.77 -0.53
C GLY A 79 3.25 1.82 0.52
N SER A 80 2.24 2.45 1.16
CA SER A 80 2.45 3.44 2.24
C SER A 80 1.47 3.15 3.39
N LEU A 81 2.02 2.84 4.58
CA LEU A 81 1.23 2.50 5.78
C LEU A 81 0.91 3.79 6.56
N ASN A 82 -0.40 4.00 6.82
CA ASN A 82 -0.89 5.12 7.65
C ASN A 82 -0.84 4.71 9.13
N GLN A 83 0.12 5.30 9.86
CA GLN A 83 0.41 4.95 11.28
C GLN A 83 -0.50 5.70 12.26
N ASP A 84 -1.18 6.75 11.76
CA ASP A 84 -2.08 7.60 12.56
C ASP A 84 -3.27 6.77 13.08
N GLY A 85 -3.32 6.58 14.42
CA GLY A 85 -4.39 5.82 15.08
C GLY A 85 -4.12 4.32 15.16
N LEU A 86 -2.97 3.87 14.64
CA LEU A 86 -2.62 2.43 14.56
C LEU A 86 -1.79 1.99 15.79
N SER A 87 -1.72 0.68 16.05
CA SER A 87 -0.93 0.10 17.18
C SER A 87 0.44 -0.38 16.68
N ASN A 88 1.39 -0.61 17.62
CA ASN A 88 2.81 -0.96 17.31
C ASN A 88 2.95 -2.26 16.51
N ASP A 89 2.17 -3.29 16.89
CA ASP A 89 2.14 -4.59 16.19
C ASP A 89 1.60 -4.41 14.76
N ASN A 90 0.61 -3.52 14.65
CA ASN A 90 -0.08 -3.20 13.40
C ASN A 90 0.79 -2.35 12.46
N ILE A 91 1.78 -1.64 13.04
CA ILE A 91 2.82 -0.94 12.25
C ILE A 91 3.68 -1.99 11.54
N GLN A 92 4.04 -3.06 12.30
CA GLN A 92 4.92 -4.13 11.81
C GLN A 92 4.21 -4.98 10.74
N ILE A 93 2.94 -5.37 11.01
CA ILE A 93 2.10 -6.12 10.05
C ILE A 93 1.78 -5.22 8.83
N GLY A 94 1.63 -3.91 9.11
CA GLY A 94 1.39 -2.92 8.08
C GLY A 94 2.55 -2.81 7.08
N LEU A 95 3.77 -2.54 7.59
CA LEU A 95 4.94 -2.22 6.74
C LEU A 95 5.40 -3.45 5.93
N GLN A 96 5.27 -4.67 6.51
CA GLN A 96 5.63 -5.93 5.81
C GLN A 96 4.64 -6.20 4.66
N TYR A 97 3.35 -5.90 4.91
CA TYR A 97 2.29 -5.97 3.89
C TYR A 97 2.47 -4.87 2.84
N ILE A 98 3.05 -3.74 3.25
CA ILE A 98 3.36 -2.59 2.36
C ILE A 98 4.47 -2.96 1.37
N GLU A 99 5.43 -3.78 1.84
CA GLU A 99 6.54 -4.28 1.01
C GLU A 99 6.01 -5.31 -0.01
N HIS A 100 4.96 -6.06 0.40
CA HIS A 100 4.27 -7.02 -0.48
C HIS A 100 3.39 -6.29 -1.51
N ILE A 101 2.67 -5.23 -1.05
CA ILE A 101 1.83 -4.37 -1.92
C ILE A 101 2.73 -3.66 -2.95
N GLU A 102 3.93 -3.26 -2.50
CA GLU A 102 4.96 -2.65 -3.37
C GLU A 102 5.31 -3.61 -4.50
N ARG A 103 5.58 -4.89 -4.15
CA ARG A 103 5.91 -5.94 -5.15
C ARG A 103 4.73 -6.18 -6.12
N THR A 104 3.49 -6.07 -5.60
CA THR A 104 2.25 -6.32 -6.37
C THR A 104 1.88 -5.12 -7.27
N LEU A 105 2.35 -3.91 -6.91
CA LEU A 105 1.93 -2.64 -7.55
C LEU A 105 3.07 -2.01 -8.39
N ASN A 106 4.33 -2.40 -8.11
CA ASN A 106 5.53 -1.85 -8.80
C ASN A 106 5.59 -2.36 -10.24
N HIS A 107 6.18 -1.54 -11.15
CA HIS A 107 6.20 -1.78 -12.62
C HIS A 107 4.82 -1.43 -13.26
N GLY A 108 3.80 -1.19 -12.40
CA GLY A 108 2.47 -0.81 -12.84
C GLY A 108 2.37 0.69 -13.04
N SER A 109 2.74 1.12 -14.28
CA SER A 109 2.81 2.54 -14.72
C SER A 109 4.09 3.23 -14.23
N LEU A 110 4.48 2.98 -12.96
CA LEU A 110 5.71 3.53 -12.38
C LEU A 110 6.57 2.42 -11.77
N THR A 111 7.85 2.74 -11.55
CA THR A 111 8.81 1.86 -10.89
C THR A 111 9.71 2.70 -9.97
N SER A 112 10.70 2.06 -9.34
CA SER A 112 11.70 2.71 -8.46
C SER A 112 12.41 3.89 -9.18
N ARG A 113 12.67 3.73 -10.49
CA ARG A 113 13.24 4.81 -11.33
C ARG A 113 12.27 5.99 -11.48
N GLU A 114 10.97 5.69 -11.67
CA GLU A 114 9.96 6.72 -12.03
C GLU A 114 9.63 7.67 -10.85
N VAL A 115 9.87 7.24 -9.60
CA VAL A 115 9.84 8.16 -8.43
C VAL A 115 11.18 8.93 -8.28
N THR A 116 12.28 8.32 -8.74
CA THR A 116 13.64 8.89 -8.62
C THR A 116 13.92 9.98 -9.69
N VAL A 117 13.25 9.86 -10.87
CA VAL A 117 13.48 10.77 -12.03
C VAL A 117 13.09 12.23 -11.71
N LEU A 118 12.28 12.42 -10.64
CA LEU A 118 11.89 13.76 -10.15
C LEU A 118 13.12 14.51 -9.60
N ARG A 119 14.04 13.75 -8.99
CA ARG A 119 15.32 14.27 -8.49
C ARG A 119 16.38 14.34 -9.61
N GLU A 120 16.27 13.41 -10.59
CA GLU A 120 17.24 13.28 -11.70
C GLU A 120 17.18 14.47 -12.68
N ILE A 121 15.95 14.95 -12.95
CA ILE A 121 15.69 16.03 -13.93
C ILE A 121 16.33 17.38 -13.49
N MET A 22 -15.57 6.04 -0.77
CA MET A 22 -15.59 4.99 0.28
C MET A 22 -14.38 4.06 0.09
N PRO A 23 -13.65 3.67 1.20
CA PRO A 23 -12.40 2.89 1.11
C PRO A 23 -12.58 1.43 0.58
N VAL A 24 -11.62 0.98 -0.24
CA VAL A 24 -11.54 -0.41 -0.74
C VAL A 24 -10.99 -1.33 0.38
N ASP A 25 -11.91 -1.94 1.16
CA ASP A 25 -11.55 -2.96 2.17
C ASP A 25 -10.98 -4.22 1.46
N LEU A 26 -9.69 -4.48 1.69
CA LEU A 26 -8.95 -5.59 1.07
C LEU A 26 -8.32 -6.43 2.18
N THR A 27 -9.01 -7.51 2.60
CA THR A 27 -8.46 -8.47 3.58
C THR A 27 -9.12 -9.88 3.42
N PRO A 28 -9.12 -10.48 2.18
CA PRO A 28 -9.72 -11.81 1.94
C PRO A 28 -8.77 -12.96 2.36
N TYR A 29 -7.45 -12.79 2.11
CA TYR A 29 -6.43 -13.86 2.24
C TYR A 29 -5.24 -13.42 3.11
N ILE A 30 -5.39 -12.34 3.91
CA ILE A 30 -4.29 -11.78 4.75
C ILE A 30 -3.83 -12.78 5.84
N LEU A 31 -2.49 -12.94 5.94
CA LEU A 31 -1.82 -13.77 6.95
C LEU A 31 -1.28 -12.84 8.07
N PRO A 32 -1.96 -12.73 9.26
CA PRO A 32 -1.66 -11.70 10.29
C PRO A 32 -0.35 -12.02 11.03
N GLY A 33 0.76 -11.44 10.53
CA GLY A 33 2.08 -11.69 11.07
C GLY A 33 3.11 -11.83 9.98
N VAL A 34 2.70 -12.50 8.88
CA VAL A 34 3.62 -12.81 7.76
C VAL A 34 3.77 -11.59 6.85
N SER A 35 5.00 -11.40 6.34
CA SER A 35 5.37 -10.24 5.51
C SER A 35 4.78 -10.34 4.10
N PHE A 36 4.49 -11.58 3.65
CA PHE A 36 3.96 -11.85 2.31
C PHE A 36 2.48 -12.29 2.36
N LEU A 37 1.91 -12.51 1.16
CA LEU A 37 0.50 -12.89 0.97
C LEU A 37 0.43 -14.19 0.15
N SER A 38 -0.60 -15.02 0.39
CA SER A 38 -0.87 -16.25 -0.38
C SER A 38 -1.11 -15.90 -1.86
N ASP A 39 -2.13 -15.05 -2.09
CA ASP A 39 -2.39 -14.43 -3.41
C ASP A 39 -3.48 -13.36 -3.24
N ILE A 40 -3.27 -12.17 -3.84
CA ILE A 40 -4.27 -11.10 -3.89
C ILE A 40 -4.88 -11.08 -5.31
N PRO A 41 -6.25 -10.94 -5.45
CA PRO A 41 -6.89 -10.70 -6.77
C PRO A 41 -6.29 -9.48 -7.50
N GLN A 42 -5.58 -9.72 -8.63
CA GLN A 42 -4.90 -8.66 -9.42
C GLN A 42 -5.91 -7.66 -10.02
N GLU A 43 -7.17 -8.12 -10.20
CA GLU A 43 -8.29 -7.26 -10.62
C GLU A 43 -8.56 -6.15 -9.58
N THR A 44 -8.36 -6.49 -8.29
CA THR A 44 -8.54 -5.55 -7.18
C THR A 44 -7.38 -4.53 -7.13
N LEU A 45 -6.19 -4.92 -7.61
CA LEU A 45 -5.06 -3.96 -7.78
C LEU A 45 -5.35 -3.02 -8.96
N SER A 46 -6.02 -3.56 -10.00
CA SER A 46 -6.36 -2.80 -11.23
C SER A 46 -7.30 -1.62 -10.91
N GLU A 47 -8.26 -1.83 -9.99
CA GLU A 47 -9.19 -0.77 -9.57
C GLU A 47 -8.44 0.28 -8.72
N ILE A 48 -7.45 -0.16 -7.90
CA ILE A 48 -6.60 0.74 -7.09
C ILE A 48 -5.78 1.68 -8.01
N ARG A 49 -5.32 1.12 -9.16
CA ARG A 49 -4.63 1.90 -10.23
C ARG A 49 -5.54 3.04 -10.72
N ASN A 50 -6.84 2.75 -10.83
CA ASN A 50 -7.88 3.72 -11.23
C ASN A 50 -8.07 4.81 -10.14
N GLN A 51 -8.13 4.39 -8.87
CA GLN A 51 -8.40 5.29 -7.73
C GLN A 51 -7.25 6.32 -7.57
N THR A 52 -6.02 5.84 -7.81
CA THR A 52 -4.80 6.68 -7.71
C THR A 52 -4.71 7.74 -8.83
N ILE A 53 -5.41 7.50 -9.96
CA ILE A 53 -5.51 8.51 -11.06
C ILE A 53 -6.38 9.70 -10.59
N ARG A 54 -7.42 9.39 -9.77
CA ARG A 54 -8.20 10.41 -9.05
C ARG A 54 -7.32 11.11 -7.98
N GLY A 55 -6.39 10.33 -7.39
CA GLY A 55 -5.49 10.82 -6.33
C GLY A 55 -5.91 10.35 -4.94
N GLU A 56 -6.94 9.50 -4.89
CA GLU A 56 -7.53 8.98 -3.65
C GLU A 56 -7.73 7.48 -3.81
N ALA A 57 -6.90 6.69 -3.11
CA ALA A 57 -7.07 5.23 -3.01
C ALA A 57 -6.88 4.80 -1.55
N GLN A 58 -7.99 4.67 -0.82
CA GLN A 58 -7.96 4.28 0.60
C GLN A 58 -8.26 2.78 0.72
N ILE A 59 -7.22 1.97 0.99
CA ILE A 59 -7.35 0.50 1.12
C ILE A 59 -7.28 0.09 2.60
N ARG A 60 -8.27 -0.69 3.06
CA ARG A 60 -8.32 -1.16 4.46
C ARG A 60 -7.93 -2.65 4.53
N LEU A 61 -6.66 -2.91 4.87
CA LEU A 61 -6.13 -4.27 5.12
C LEU A 61 -6.59 -4.77 6.53
N GLY A 62 -7.92 -4.95 6.70
CA GLY A 62 -8.51 -5.33 7.98
C GLY A 62 -8.45 -4.21 9.01
N GLU A 63 -7.61 -4.37 10.04
CA GLU A 63 -7.37 -3.33 11.07
C GLU A 63 -6.35 -2.28 10.57
N LEU A 64 -5.55 -2.69 9.56
CA LEU A 64 -4.50 -1.84 8.98
C LEU A 64 -5.13 -0.88 7.97
N MET A 65 -5.16 0.42 8.28
CA MET A 65 -5.67 1.43 7.34
C MET A 65 -4.51 1.89 6.45
N VAL A 66 -4.73 1.89 5.14
CA VAL A 66 -3.72 2.24 4.13
C VAL A 66 -4.33 3.25 3.13
N SER A 67 -3.51 4.20 2.62
CA SER A 67 -3.96 5.18 1.62
C SER A 67 -2.90 5.34 0.50
N ILE A 68 -3.12 4.62 -0.63
CA ILE A 68 -2.27 4.68 -1.82
C ILE A 68 -2.49 6.05 -2.53
N ARG A 69 -1.55 6.99 -2.36
CA ARG A 69 -1.64 8.32 -3.00
C ARG A 69 -0.32 8.63 -3.73
N PRO A 70 -0.35 8.93 -5.08
CA PRO A 70 0.85 9.32 -5.84
C PRO A 70 1.41 10.69 -5.42
N MET A 71 2.72 10.85 -5.58
CA MET A 71 3.40 12.15 -5.44
C MET A 71 3.14 12.94 -6.74
N GLN A 72 2.74 14.23 -6.58
CA GLN A 72 2.29 15.08 -7.71
C GLN A 72 3.37 15.23 -8.80
N VAL A 73 4.65 15.27 -8.37
CA VAL A 73 5.83 15.32 -9.26
C VAL A 73 6.92 14.37 -8.72
N ASN A 74 7.24 13.32 -9.51
CA ASN A 74 8.37 12.39 -9.27
C ASN A 74 8.25 11.62 -7.94
N GLY A 75 7.42 10.55 -7.96
CA GLY A 75 7.27 9.66 -6.83
C GLY A 75 6.16 8.64 -7.06
N TYR A 76 6.47 7.36 -6.81
CA TYR A 76 5.57 6.22 -7.08
C TYR A 76 4.42 6.16 -6.05
N PHE A 77 3.23 5.69 -6.49
CA PHE A 77 2.12 5.38 -5.55
C PHE A 77 2.27 3.94 -5.06
N MET A 78 2.53 3.82 -3.76
CA MET A 78 2.74 2.53 -3.06
C MET A 78 1.84 2.52 -1.81
N GLY A 79 2.00 1.46 -0.99
CA GLY A 79 1.35 1.41 0.31
C GLY A 79 1.75 2.57 1.23
N SER A 80 0.77 3.14 1.95
CA SER A 80 1.00 4.16 2.98
C SER A 80 0.18 3.80 4.24
N LEU A 81 0.83 3.17 5.24
CA LEU A 81 0.16 2.69 6.46
C LEU A 81 -0.24 3.89 7.34
N ASN A 82 -1.54 4.21 7.33
CA ASN A 82 -2.15 5.20 8.23
C ASN A 82 -2.11 4.63 9.66
N GLN A 83 -1.27 5.21 10.51
CA GLN A 83 -1.14 4.81 11.92
C GLN A 83 -2.23 5.53 12.73
N ASP A 84 -2.01 6.85 12.99
CA ASP A 84 -2.92 7.75 13.76
C ASP A 84 -3.66 7.05 14.94
N GLY A 85 -2.90 6.23 15.70
CA GLY A 85 -3.43 5.44 16.82
C GLY A 85 -3.00 3.98 16.81
N LEU A 86 -2.56 3.46 15.63
CA LEU A 86 -1.99 2.08 15.54
C LEU A 86 -0.70 1.96 16.38
N SER A 87 -0.48 0.75 16.90
CA SER A 87 0.68 0.40 17.73
C SER A 87 0.99 -1.10 17.48
N ASN A 88 1.86 -1.70 18.33
CA ASN A 88 2.02 -3.18 18.44
C ASN A 88 2.64 -3.78 17.13
N ASP A 89 2.60 -5.13 16.99
CA ASP A 89 2.91 -5.85 15.74
C ASP A 89 2.02 -5.40 14.57
N ASN A 90 0.87 -4.77 14.84
CA ASN A 90 -0.05 -4.26 13.79
C ASN A 90 0.70 -3.29 12.85
N ILE A 91 1.55 -2.41 13.42
CA ILE A 91 2.46 -1.54 12.66
C ILE A 91 3.37 -2.37 11.72
N GLN A 92 4.00 -3.43 12.28
CA GLN A 92 4.89 -4.34 11.52
C GLN A 92 4.16 -4.97 10.31
N ILE A 93 3.01 -5.60 10.59
CA ILE A 93 2.18 -6.31 9.57
C ILE A 93 1.78 -5.33 8.44
N GLY A 94 1.49 -4.07 8.85
CA GLY A 94 1.15 -3.00 7.93
C GLY A 94 2.29 -2.66 6.99
N LEU A 95 3.46 -2.25 7.54
CA LEU A 95 4.59 -1.73 6.73
C LEU A 95 5.23 -2.82 5.84
N GLN A 96 5.14 -4.10 6.27
CA GLN A 96 5.59 -5.26 5.48
C GLN A 96 4.70 -5.44 4.23
N TYR A 97 3.38 -5.27 4.45
CA TYR A 97 2.38 -5.30 3.37
C TYR A 97 2.43 -4.04 2.50
N ILE A 98 2.90 -2.93 3.06
CA ILE A 98 3.08 -1.65 2.34
C ILE A 98 4.12 -1.82 1.21
N GLU A 99 5.22 -2.51 1.57
CA GLU A 99 6.32 -2.83 0.65
C GLU A 99 5.89 -3.93 -0.33
N HIS A 100 5.05 -4.86 0.17
CA HIS A 100 4.44 -5.93 -0.65
C HIS A 100 3.49 -5.34 -1.72
N ILE A 101 2.72 -4.30 -1.33
CA ILE A 101 1.74 -3.63 -2.22
C ILE A 101 2.45 -2.91 -3.36
N GLU A 102 3.66 -2.37 -3.09
CA GLU A 102 4.53 -1.75 -4.11
C GLU A 102 4.75 -2.74 -5.28
N ARG A 103 5.09 -3.99 -4.91
CA ARG A 103 5.38 -5.09 -5.86
C ARG A 103 4.09 -5.69 -6.50
N THR A 104 2.97 -5.66 -5.76
CA THR A 104 1.71 -6.31 -6.19
C THR A 104 0.85 -5.38 -7.08
N LEU A 105 1.00 -4.06 -6.86
CA LEU A 105 0.23 -3.01 -7.56
C LEU A 105 0.95 -2.62 -8.86
N ASN A 106 2.28 -2.57 -8.78
CA ASN A 106 3.18 -2.24 -9.90
C ASN A 106 4.40 -3.18 -9.82
N HIS A 107 5.01 -3.54 -10.97
CA HIS A 107 6.15 -4.49 -10.96
C HIS A 107 7.36 -3.87 -10.24
N GLY A 108 7.49 -2.54 -10.42
CA GLY A 108 8.35 -1.68 -9.60
C GLY A 108 9.84 -1.98 -9.72
N SER A 109 10.36 -2.72 -8.71
CA SER A 109 11.79 -3.08 -8.58
C SER A 109 12.68 -1.83 -8.31
N LEU A 110 12.05 -0.74 -7.81
CA LEU A 110 12.76 0.47 -7.35
C LEU A 110 13.39 0.22 -5.97
N THR A 111 14.31 1.09 -5.53
CA THR A 111 14.86 1.03 -4.18
C THR A 111 13.84 1.67 -3.20
N SER A 112 13.68 1.06 -2.02
CA SER A 112 12.71 1.54 -1.00
C SER A 112 13.12 2.92 -0.49
N ARG A 113 14.42 3.10 -0.19
CA ARG A 113 14.98 4.36 0.31
C ARG A 113 14.84 5.49 -0.73
N GLU A 114 15.00 5.13 -2.03
CA GLU A 114 15.01 6.07 -3.16
C GLU A 114 13.68 6.85 -3.19
N VAL A 115 12.57 6.12 -3.16
CA VAL A 115 11.21 6.69 -3.21
C VAL A 115 10.77 7.26 -1.85
N THR A 116 11.38 6.76 -0.76
CA THR A 116 11.10 7.26 0.60
C THR A 116 11.61 8.71 0.76
N VAL A 117 12.86 8.96 0.33
CA VAL A 117 13.51 10.28 0.45
C VAL A 117 12.87 11.32 -0.49
N LEU A 118 12.22 10.85 -1.59
CA LEU A 118 11.42 11.71 -2.48
C LEU A 118 10.18 12.23 -1.72
N ARG A 119 9.49 11.30 -1.05
CA ARG A 119 8.20 11.56 -0.37
C ARG A 119 8.40 12.25 1.01
N GLU A 120 9.60 12.05 1.61
CA GLU A 120 9.92 12.51 2.98
C GLU A 120 10.18 14.03 3.03
N ILE A 121 10.99 14.51 2.08
CA ILE A 121 11.50 15.91 2.04
C ILE A 121 10.37 16.96 1.96
N MET A 22 -14.77 6.12 -0.38
CA MET A 22 -14.86 4.66 -0.63
C MET A 22 -13.54 3.97 -0.23
N PRO A 23 -13.42 3.46 1.04
CA PRO A 23 -12.25 2.71 1.49
C PRO A 23 -12.35 1.22 1.11
N VAL A 24 -11.78 0.90 -0.06
CA VAL A 24 -11.83 -0.45 -0.64
C VAL A 24 -11.09 -1.46 0.27
N ASP A 25 -11.87 -2.21 1.07
CA ASP A 25 -11.33 -3.22 1.98
C ASP A 25 -10.73 -4.40 1.21
N LEU A 26 -9.68 -4.97 1.78
CA LEU A 26 -8.95 -6.10 1.22
C LEU A 26 -8.44 -6.97 2.39
N THR A 27 -9.24 -8.00 2.76
CA THR A 27 -8.86 -8.95 3.83
C THR A 27 -9.22 -10.44 3.49
N PRO A 28 -9.16 -10.92 2.19
CA PRO A 28 -9.62 -12.29 1.85
C PRO A 28 -8.54 -13.36 2.17
N TYR A 29 -7.25 -13.00 2.02
CA TYR A 29 -6.12 -13.94 2.15
C TYR A 29 -5.04 -13.40 3.11
N ILE A 30 -5.41 -12.46 4.01
CA ILE A 30 -4.45 -11.87 4.96
C ILE A 30 -3.93 -12.94 5.93
N LEU A 31 -2.59 -13.07 5.96
CA LEU A 31 -1.89 -13.96 6.88
C LEU A 31 -1.11 -13.07 7.87
N PRO A 32 -1.75 -12.62 8.99
CA PRO A 32 -1.18 -11.55 9.85
C PRO A 32 0.07 -11.99 10.64
N GLY A 33 0.32 -13.33 10.66
CA GLY A 33 1.49 -13.91 11.31
C GLY A 33 2.75 -13.87 10.46
N VAL A 34 2.62 -13.58 9.15
CA VAL A 34 3.77 -13.51 8.21
C VAL A 34 3.80 -12.16 7.45
N SER A 35 4.83 -11.99 6.61
CA SER A 35 5.04 -10.79 5.79
C SER A 35 4.24 -10.87 4.47
N PHE A 36 4.26 -12.05 3.83
CA PHE A 36 3.67 -12.26 2.49
C PHE A 36 2.15 -12.49 2.55
N LEU A 37 1.55 -12.72 1.37
CA LEU A 37 0.10 -12.83 1.18
C LEU A 37 -0.19 -14.06 0.28
N SER A 38 -1.34 -14.74 0.49
CA SER A 38 -1.76 -15.89 -0.34
C SER A 38 -2.49 -15.42 -1.62
N ASP A 39 -1.72 -14.70 -2.45
CA ASP A 39 -2.15 -14.20 -3.79
C ASP A 39 -3.31 -13.18 -3.68
N ILE A 40 -2.98 -11.88 -3.75
CA ILE A 40 -4.01 -10.80 -3.81
C ILE A 40 -4.72 -10.87 -5.18
N PRO A 41 -6.09 -10.73 -5.23
CA PRO A 41 -6.81 -10.57 -6.50
C PRO A 41 -6.29 -9.32 -7.25
N GLN A 42 -5.71 -9.54 -8.46
CA GLN A 42 -5.21 -8.46 -9.35
C GLN A 42 -6.36 -7.53 -9.79
N GLU A 43 -7.59 -8.04 -9.65
CA GLU A 43 -8.84 -7.27 -9.82
C GLU A 43 -8.84 -6.04 -8.89
N THR A 44 -8.47 -6.27 -7.60
CA THR A 44 -8.37 -5.20 -6.60
C THR A 44 -7.31 -4.15 -7.01
N LEU A 45 -6.11 -4.63 -7.44
CA LEU A 45 -5.00 -3.75 -7.89
C LEU A 45 -5.46 -2.87 -9.07
N SER A 46 -6.20 -3.47 -10.03
CA SER A 46 -6.71 -2.79 -11.23
C SER A 46 -7.69 -1.66 -10.86
N GLU A 47 -8.44 -1.86 -9.77
CA GLU A 47 -9.35 -0.83 -9.22
C GLU A 47 -8.53 0.30 -8.56
N ILE A 48 -7.52 -0.09 -7.76
CA ILE A 48 -6.60 0.86 -7.06
C ILE A 48 -5.90 1.78 -8.08
N ARG A 49 -5.59 1.23 -9.28
CA ARG A 49 -5.00 1.99 -10.41
C ARG A 49 -5.90 3.18 -10.80
N ASN A 50 -7.22 2.91 -10.84
CA ASN A 50 -8.24 3.91 -11.25
C ASN A 50 -8.44 4.99 -10.17
N GLN A 51 -8.45 4.55 -8.90
CA GLN A 51 -8.67 5.43 -7.74
C GLN A 51 -7.52 6.45 -7.61
N THR A 52 -6.29 5.96 -7.86
CA THR A 52 -5.08 6.77 -7.82
C THR A 52 -5.00 7.78 -8.99
N ILE A 53 -5.69 7.48 -10.12
CA ILE A 53 -5.82 8.45 -11.23
C ILE A 53 -6.71 9.65 -10.79
N ARG A 54 -7.69 9.37 -9.92
CA ARG A 54 -8.51 10.42 -9.29
C ARG A 54 -7.76 11.02 -8.06
N GLY A 55 -6.69 10.34 -7.64
CA GLY A 55 -5.72 10.89 -6.66
C GLY A 55 -5.76 10.22 -5.30
N GLU A 56 -6.83 9.48 -4.99
CA GLU A 56 -7.07 8.90 -3.65
C GLU A 56 -7.53 7.44 -3.74
N ALA A 57 -6.69 6.54 -3.19
CA ALA A 57 -7.06 5.13 -2.90
C ALA A 57 -6.85 4.89 -1.40
N GLN A 58 -7.79 4.18 -0.75
CA GLN A 58 -7.70 3.85 0.69
C GLN A 58 -8.08 2.37 0.88
N ILE A 59 -7.07 1.52 1.12
CA ILE A 59 -7.23 0.06 1.22
C ILE A 59 -7.23 -0.36 2.69
N ARG A 60 -8.37 -0.88 3.16
CA ARG A 60 -8.50 -1.39 4.54
C ARG A 60 -8.05 -2.86 4.61
N LEU A 61 -6.77 -3.09 4.94
CA LEU A 61 -6.24 -4.46 5.16
C LEU A 61 -6.70 -4.98 6.53
N GLY A 62 -8.01 -5.30 6.63
CA GLY A 62 -8.62 -5.68 7.89
C GLY A 62 -8.60 -4.53 8.90
N GLU A 63 -7.66 -4.59 9.86
CA GLU A 63 -7.47 -3.56 10.89
C GLU A 63 -6.29 -2.62 10.53
N LEU A 64 -5.47 -3.05 9.56
CA LEU A 64 -4.33 -2.25 9.07
C LEU A 64 -4.86 -1.26 8.01
N MET A 65 -4.87 0.03 8.32
CA MET A 65 -5.36 1.04 7.37
C MET A 65 -4.20 1.48 6.47
N VAL A 66 -4.35 1.23 5.17
CA VAL A 66 -3.38 1.63 4.13
C VAL A 66 -4.07 2.64 3.19
N SER A 67 -3.27 3.54 2.62
CA SER A 67 -3.74 4.52 1.62
C SER A 67 -2.69 4.61 0.50
N ILE A 68 -3.15 4.59 -0.75
CA ILE A 68 -2.29 4.75 -1.93
C ILE A 68 -2.65 6.08 -2.60
N ARG A 69 -1.79 7.10 -2.41
CA ARG A 69 -2.03 8.47 -2.92
C ARG A 69 -0.81 8.95 -3.73
N PRO A 70 -0.91 9.03 -5.10
CA PRO A 70 0.15 9.62 -5.94
C PRO A 70 0.23 11.15 -5.80
N MET A 71 1.45 11.67 -5.81
CA MET A 71 1.74 13.10 -5.72
C MET A 71 2.66 13.50 -6.89
N GLN A 72 2.61 14.78 -7.26
CA GLN A 72 3.58 15.38 -8.17
C GLN A 72 4.97 15.46 -7.49
N VAL A 73 5.99 15.83 -8.26
CA VAL A 73 7.41 15.90 -7.82
C VAL A 73 7.87 14.63 -7.02
N ASN A 74 8.11 13.54 -7.79
CA ASN A 74 8.74 12.28 -7.31
C ASN A 74 7.91 11.54 -6.23
N GLY A 75 6.59 11.83 -6.17
CA GLY A 75 5.69 11.15 -5.23
C GLY A 75 5.02 9.93 -5.86
N TYR A 76 5.79 8.83 -5.99
CA TYR A 76 5.31 7.56 -6.58
C TYR A 76 4.37 6.82 -5.60
N PHE A 77 3.24 6.30 -6.12
CA PHE A 77 2.20 5.65 -5.30
C PHE A 77 2.52 4.15 -5.11
N MET A 78 2.89 3.76 -3.88
CA MET A 78 3.18 2.36 -3.53
C MET A 78 3.35 2.23 -2.00
N GLY A 79 2.35 1.58 -1.38
CA GLY A 79 2.31 1.31 0.06
C GLY A 79 2.55 2.53 0.98
N SER A 80 1.48 3.03 1.62
CA SER A 80 1.58 4.07 2.67
C SER A 80 0.67 3.66 3.84
N LEU A 81 1.29 3.08 4.88
CA LEU A 81 0.59 2.58 6.07
C LEU A 81 0.15 3.78 6.95
N ASN A 82 -1.18 3.98 7.07
CA ASN A 82 -1.76 5.01 7.95
C ASN A 82 -1.54 4.61 9.42
N GLN A 83 -0.65 5.36 10.09
CA GLN A 83 -0.23 5.10 11.49
C GLN A 83 -0.99 5.98 12.49
N ASP A 84 -2.01 6.73 11.99
CA ASP A 84 -2.78 7.68 12.83
C ASP A 84 -3.61 6.93 13.88
N GLY A 85 -3.03 6.82 15.10
CA GLY A 85 -3.65 6.11 16.22
C GLY A 85 -3.52 4.59 16.14
N LEU A 86 -2.72 4.10 15.18
CA LEU A 86 -2.54 2.66 14.93
C LEU A 86 -1.45 2.07 15.87
N SER A 87 -1.66 0.82 16.32
CA SER A 87 -0.73 0.10 17.24
C SER A 87 0.64 -0.15 16.57
N ASN A 88 1.73 -0.16 17.38
CA ASN A 88 3.13 -0.39 16.89
C ASN A 88 3.28 -1.75 16.19
N ASP A 89 2.50 -2.73 16.69
CA ASP A 89 2.47 -4.09 16.14
C ASP A 89 1.78 -4.09 14.76
N ASN A 90 0.70 -3.29 14.65
CA ASN A 90 -0.04 -3.08 13.38
C ASN A 90 0.80 -2.31 12.35
N ILE A 91 1.74 -1.46 12.84
CA ILE A 91 2.69 -0.75 11.97
C ILE A 91 3.62 -1.77 11.30
N GLN A 92 4.11 -2.74 12.10
CA GLN A 92 5.03 -3.80 11.63
C GLN A 92 4.35 -4.68 10.56
N ILE A 93 3.20 -5.29 10.91
CA ILE A 93 2.44 -6.19 9.98
C ILE A 93 2.00 -5.40 8.72
N GLY A 94 1.62 -4.12 8.97
CA GLY A 94 1.24 -3.20 7.91
C GLY A 94 2.38 -2.97 6.91
N LEU A 95 3.58 -2.61 7.41
CA LEU A 95 4.72 -2.25 6.55
C LEU A 95 5.24 -3.46 5.75
N GLN A 96 5.01 -4.68 6.29
CA GLN A 96 5.30 -5.94 5.57
C GLN A 96 4.50 -5.98 4.26
N TYR A 97 3.19 -5.73 4.41
CA TYR A 97 2.25 -5.67 3.28
C TYR A 97 2.50 -4.44 2.39
N ILE A 98 3.06 -3.37 2.96
CA ILE A 98 3.46 -2.16 2.19
C ILE A 98 4.58 -2.53 1.20
N GLU A 99 5.50 -3.40 1.64
CA GLU A 99 6.64 -3.89 0.82
C GLU A 99 6.18 -4.81 -0.33
N HIS A 100 5.18 -5.66 -0.03
CA HIS A 100 4.63 -6.64 -1.00
C HIS A 100 3.69 -5.95 -2.03
N ILE A 101 2.74 -5.14 -1.54
CA ILE A 101 1.80 -4.37 -2.41
C ILE A 101 2.57 -3.33 -3.27
N GLU A 102 3.70 -2.82 -2.73
CA GLU A 102 4.64 -1.92 -3.45
C GLU A 102 4.97 -2.47 -4.85
N ARG A 103 5.64 -3.62 -4.88
CA ARG A 103 6.15 -4.22 -6.11
C ARG A 103 5.02 -4.78 -7.00
N THR A 104 3.88 -5.12 -6.37
CA THR A 104 2.69 -5.59 -7.08
C THR A 104 1.98 -4.43 -7.85
N LEU A 105 2.21 -3.17 -7.40
CA LEU A 105 1.46 -1.99 -7.91
C LEU A 105 2.37 -1.02 -8.71
N ASN A 106 3.45 -0.55 -8.06
CA ASN A 106 4.39 0.45 -8.61
C ASN A 106 5.75 0.32 -7.92
N HIS A 107 6.84 0.39 -8.71
CA HIS A 107 8.22 0.33 -8.20
C HIS A 107 9.21 0.72 -9.32
N GLY A 108 9.03 0.13 -10.51
CA GLY A 108 9.91 0.34 -11.66
C GLY A 108 11.31 -0.23 -11.41
N SER A 109 12.18 0.57 -10.78
CA SER A 109 13.57 0.21 -10.45
C SER A 109 14.00 0.83 -9.11
N LEU A 110 13.02 1.16 -8.24
CA LEU A 110 13.28 1.70 -6.88
C LEU A 110 12.21 1.20 -5.87
N THR A 111 12.52 1.32 -4.57
CA THR A 111 11.63 0.88 -3.47
C THR A 111 10.74 2.05 -2.99
N SER A 112 9.72 1.70 -2.18
CA SER A 112 8.85 2.69 -1.49
C SER A 112 9.69 3.58 -0.56
N ARG A 113 10.72 2.98 0.09
CA ARG A 113 11.66 3.70 0.96
C ARG A 113 12.46 4.76 0.17
N GLU A 114 12.75 4.46 -1.11
CA GLU A 114 13.53 5.35 -1.99
C GLU A 114 12.78 6.65 -2.24
N VAL A 115 11.49 6.54 -2.60
CA VAL A 115 10.66 7.71 -2.89
C VAL A 115 10.27 8.43 -1.59
N THR A 116 10.28 7.71 -0.46
CA THR A 116 10.08 8.29 0.87
C THR A 116 11.24 9.24 1.23
N VAL A 117 12.50 8.79 1.00
CA VAL A 117 13.70 9.60 1.32
C VAL A 117 13.90 10.75 0.28
N LEU A 118 13.35 10.57 -0.94
CA LEU A 118 13.25 11.65 -1.96
C LEU A 118 12.36 12.80 -1.43
N ARG A 119 11.20 12.41 -0.89
CA ARG A 119 10.19 13.34 -0.33
C ARG A 119 10.67 13.91 1.03
N GLU A 120 11.57 13.15 1.69
CA GLU A 120 12.14 13.50 3.00
C GLU A 120 13.21 14.61 2.85
N ILE A 121 13.99 14.57 1.75
CA ILE A 121 15.01 15.59 1.46
C ILE A 121 14.37 16.81 0.71
N MET A 22 -13.48 6.69 -1.54
CA MET A 22 -13.83 5.28 -1.78
C MET A 22 -12.74 4.35 -1.22
N PRO A 23 -12.85 3.95 0.10
CA PRO A 23 -11.94 2.97 0.70
C PRO A 23 -12.37 1.53 0.34
N VAL A 24 -11.44 0.79 -0.28
CA VAL A 24 -11.66 -0.61 -0.69
C VAL A 24 -10.96 -1.55 0.29
N ASP A 25 -11.76 -2.18 1.18
CA ASP A 25 -11.22 -3.14 2.17
C ASP A 25 -10.77 -4.43 1.46
N LEU A 26 -9.60 -4.92 1.88
CA LEU A 26 -8.93 -6.08 1.29
C LEU A 26 -8.40 -6.96 2.43
N THR A 27 -9.14 -8.05 2.74
CA THR A 27 -8.73 -9.05 3.74
C THR A 27 -9.13 -10.51 3.32
N PRO A 28 -8.97 -10.93 2.01
CA PRO A 28 -9.43 -12.25 1.56
C PRO A 28 -8.43 -13.39 1.89
N TYR A 29 -7.11 -13.08 1.83
CA TYR A 29 -6.03 -14.06 2.07
C TYR A 29 -5.01 -13.51 3.10
N ILE A 30 -5.44 -12.57 3.98
CA ILE A 30 -4.54 -12.01 5.02
C ILE A 30 -4.14 -13.08 6.03
N LEU A 31 -2.81 -13.31 6.14
CA LEU A 31 -2.22 -14.26 7.09
C LEU A 31 -1.45 -13.46 8.17
N PRO A 32 -2.10 -13.10 9.31
CA PRO A 32 -1.53 -12.14 10.30
C PRO A 32 -0.29 -12.69 11.04
N GLY A 33 -0.09 -14.02 10.98
CA GLY A 33 1.07 -14.69 11.57
C GLY A 33 2.35 -14.49 10.77
N VAL A 34 2.21 -14.28 9.45
CA VAL A 34 3.36 -14.02 8.54
C VAL A 34 3.33 -12.58 8.01
N SER A 35 4.43 -12.19 7.34
CA SER A 35 4.64 -10.84 6.79
C SER A 35 4.13 -10.71 5.35
N PHE A 36 4.04 -11.85 4.62
CA PHE A 36 3.63 -11.86 3.20
C PHE A 36 2.13 -12.16 3.05
N LEU A 37 1.63 -11.95 1.82
CA LEU A 37 0.25 -12.25 1.41
C LEU A 37 0.30 -13.46 0.45
N SER A 38 -0.70 -14.37 0.53
CA SER A 38 -0.80 -15.56 -0.35
C SER A 38 -0.81 -15.15 -1.85
N ASP A 39 -1.88 -14.43 -2.24
CA ASP A 39 -2.08 -13.92 -3.60
C ASP A 39 -3.28 -12.97 -3.59
N ILE A 40 -3.09 -11.72 -4.02
CA ILE A 40 -4.16 -10.72 -4.04
C ILE A 40 -4.90 -10.78 -5.40
N PRO A 41 -6.28 -10.74 -5.38
CA PRO A 41 -7.09 -10.58 -6.62
C PRO A 41 -6.65 -9.35 -7.43
N GLN A 42 -6.28 -9.58 -8.72
CA GLN A 42 -5.86 -8.50 -9.64
C GLN A 42 -7.02 -7.52 -9.92
N GLU A 43 -8.27 -8.01 -9.73
CA GLU A 43 -9.50 -7.20 -9.88
C GLU A 43 -9.49 -6.01 -8.87
N THR A 44 -8.93 -6.24 -7.67
CA THR A 44 -8.73 -5.18 -6.67
C THR A 44 -7.72 -4.15 -7.20
N LEU A 45 -6.58 -4.63 -7.72
CA LEU A 45 -5.54 -3.78 -8.32
C LEU A 45 -6.06 -3.00 -9.55
N SER A 46 -7.03 -3.61 -10.26
CA SER A 46 -7.60 -3.05 -11.49
C SER A 46 -8.43 -1.79 -11.16
N GLU A 47 -9.37 -1.93 -10.20
CA GLU A 47 -10.22 -0.81 -9.75
C GLU A 47 -9.35 0.26 -9.07
N ILE A 48 -8.39 -0.17 -8.22
CA ILE A 48 -7.46 0.74 -7.51
C ILE A 48 -6.56 1.50 -8.50
N ARG A 49 -6.22 0.87 -9.64
CA ARG A 49 -5.37 1.50 -10.68
C ARG A 49 -6.04 2.77 -11.23
N ASN A 50 -7.39 2.75 -11.32
CA ASN A 50 -8.21 3.90 -11.73
C ASN A 50 -8.28 4.97 -10.62
N GLN A 51 -8.45 4.48 -9.37
CA GLN A 51 -8.62 5.32 -8.17
C GLN A 51 -7.38 6.20 -7.91
N THR A 52 -6.21 5.56 -8.04
CA THR A 52 -4.90 6.20 -7.85
C THR A 52 -4.68 7.37 -8.82
N ILE A 53 -5.14 7.21 -10.08
CA ILE A 53 -5.06 8.26 -11.11
C ILE A 53 -5.79 9.55 -10.66
N ARG A 54 -6.93 9.35 -9.97
CA ARG A 54 -7.78 10.43 -9.43
C ARG A 54 -7.26 10.95 -8.08
N GLY A 55 -6.23 10.26 -7.54
CA GLY A 55 -5.53 10.68 -6.32
C GLY A 55 -6.23 10.26 -5.04
N GLU A 56 -7.14 9.27 -5.13
CA GLU A 56 -7.88 8.74 -3.97
C GLU A 56 -7.94 7.21 -4.05
N ALA A 57 -7.15 6.52 -3.21
CA ALA A 57 -7.18 5.06 -3.08
C ALA A 57 -6.68 4.66 -1.70
N GLN A 58 -7.60 4.24 -0.82
CA GLN A 58 -7.29 3.78 0.54
C GLN A 58 -7.79 2.34 0.70
N ILE A 59 -6.84 1.42 0.94
CA ILE A 59 -7.08 -0.01 1.03
C ILE A 59 -7.01 -0.42 2.50
N ARG A 60 -8.14 -0.90 3.06
CA ARG A 60 -8.20 -1.33 4.46
C ARG A 60 -7.79 -2.80 4.59
N LEU A 61 -6.53 -3.03 4.97
CA LEU A 61 -6.01 -4.39 5.23
C LEU A 61 -6.49 -4.86 6.61
N GLY A 62 -7.77 -5.30 6.65
CA GLY A 62 -8.42 -5.69 7.89
C GLY A 62 -8.58 -4.51 8.84
N GLU A 63 -7.68 -4.43 9.84
CA GLU A 63 -7.69 -3.37 10.88
C GLU A 63 -7.01 -2.09 10.34
N LEU A 64 -6.05 -2.29 9.43
CA LEU A 64 -5.09 -1.25 9.00
C LEU A 64 -5.62 -0.50 7.76
N MET A 65 -5.06 0.70 7.51
CA MET A 65 -5.37 1.53 6.33
C MET A 65 -4.07 1.76 5.53
N VAL A 66 -4.17 1.73 4.19
CA VAL A 66 -3.03 1.90 3.27
C VAL A 66 -3.40 2.92 2.16
N SER A 67 -2.80 4.11 2.19
CA SER A 67 -3.12 5.17 1.23
C SER A 67 -2.20 5.07 -0.01
N ILE A 68 -2.70 4.39 -1.08
CA ILE A 68 -1.98 4.26 -2.36
C ILE A 68 -2.37 5.47 -3.24
N ARG A 69 -1.67 6.61 -3.06
CA ARG A 69 -2.00 7.89 -3.74
C ARG A 69 -0.69 8.54 -4.28
N PRO A 70 -0.61 8.88 -5.61
CA PRO A 70 0.60 9.49 -6.21
C PRO A 70 0.68 11.00 -5.91
N MET A 71 1.25 11.33 -4.76
CA MET A 71 1.45 12.74 -4.34
C MET A 71 2.52 13.37 -5.25
N GLN A 72 2.04 14.07 -6.31
CA GLN A 72 2.91 14.61 -7.38
C GLN A 72 3.73 15.82 -6.86
N VAL A 73 4.86 15.48 -6.25
CA VAL A 73 5.85 16.43 -5.72
C VAL A 73 7.14 15.60 -5.46
N ASN A 74 7.45 14.76 -6.49
CA ASN A 74 8.43 13.65 -6.41
C ASN A 74 7.89 12.56 -5.47
N GLY A 75 6.77 11.93 -5.90
CA GLY A 75 6.10 10.87 -5.13
C GLY A 75 5.17 10.04 -6.01
N TYR A 76 5.18 8.72 -5.80
CA TYR A 76 4.43 7.73 -6.60
C TYR A 76 3.33 7.05 -5.76
N PHE A 77 2.39 6.34 -6.42
CA PHE A 77 1.39 5.53 -5.71
C PHE A 77 1.97 4.13 -5.47
N MET A 78 2.14 3.82 -4.17
CA MET A 78 2.73 2.57 -3.68
C MET A 78 2.49 2.49 -2.17
N GLY A 79 3.02 1.42 -1.54
CA GLY A 79 2.70 1.11 -0.14
C GLY A 79 2.97 2.27 0.84
N SER A 80 1.88 2.86 1.38
CA SER A 80 1.96 3.93 2.39
C SER A 80 1.10 3.56 3.60
N LEU A 81 1.76 3.07 4.67
CA LEU A 81 1.10 2.73 5.94
C LEU A 81 0.99 4.00 6.79
N ASN A 82 -0.25 4.45 6.99
CA ASN A 82 -0.57 5.58 7.88
C ASN A 82 -0.66 5.03 9.33
N GLN A 83 -0.01 5.75 10.26
CA GLN A 83 0.24 5.29 11.65
C GLN A 83 -0.77 5.88 12.66
N ASP A 84 -1.70 6.71 12.16
CA ASP A 84 -2.71 7.40 13.00
C ASP A 84 -3.69 6.37 13.61
N GLY A 85 -3.56 6.15 14.94
CA GLY A 85 -4.41 5.22 15.68
C GLY A 85 -3.77 3.86 15.92
N LEU A 86 -2.71 3.56 15.14
CA LEU A 86 -2.03 2.24 15.18
C LEU A 86 -1.00 2.18 16.33
N SER A 87 -0.62 0.93 16.66
CA SER A 87 0.41 0.60 17.67
C SER A 87 1.62 -0.05 16.95
N ASN A 88 2.75 -0.19 17.66
CA ASN A 88 4.05 -0.66 17.08
C ASN A 88 3.91 -2.00 16.31
N ASP A 89 3.15 -2.95 16.89
CA ASP A 89 2.89 -4.27 16.28
C ASP A 89 2.08 -4.13 14.98
N ASN A 90 1.09 -3.23 14.98
CA ASN A 90 0.24 -2.93 13.82
C ASN A 90 1.07 -2.29 12.70
N ILE A 91 2.00 -1.39 13.09
CA ILE A 91 2.94 -0.73 12.17
C ILE A 91 3.80 -1.78 11.46
N GLN A 92 4.29 -2.77 12.23
CA GLN A 92 5.13 -3.86 11.70
C GLN A 92 4.38 -4.71 10.66
N ILE A 93 3.17 -5.17 11.04
CA ILE A 93 2.24 -5.91 10.14
C ILE A 93 2.00 -5.11 8.85
N GLY A 94 1.83 -3.79 9.05
CA GLY A 94 1.53 -2.87 7.97
C GLY A 94 2.65 -2.74 6.97
N LEU A 95 3.85 -2.34 7.44
CA LEU A 95 5.00 -2.01 6.56
C LEU A 95 5.51 -3.26 5.80
N GLN A 96 5.23 -4.46 6.34
CA GLN A 96 5.53 -5.74 5.67
C GLN A 96 4.54 -5.99 4.51
N TYR A 97 3.24 -5.82 4.77
CA TYR A 97 2.19 -5.88 3.73
C TYR A 97 2.33 -4.73 2.73
N ILE A 98 2.91 -3.61 3.18
CA ILE A 98 3.09 -2.40 2.38
C ILE A 98 4.14 -2.63 1.30
N GLU A 99 5.29 -3.21 1.69
CA GLU A 99 6.40 -3.48 0.74
C GLU A 99 6.05 -4.65 -0.19
N HIS A 100 5.15 -5.55 0.29
CA HIS A 100 4.64 -6.69 -0.50
C HIS A 100 3.70 -6.19 -1.63
N ILE A 101 2.73 -5.33 -1.26
CA ILE A 101 1.76 -4.72 -2.22
C ILE A 101 2.48 -3.72 -3.15
N GLU A 102 3.47 -3.01 -2.61
CA GLU A 102 4.33 -2.06 -3.35
C GLU A 102 5.07 -2.77 -4.51
N ARG A 103 5.59 -3.97 -4.18
CA ARG A 103 6.28 -4.87 -5.14
C ARG A 103 5.29 -5.35 -6.24
N THR A 104 4.05 -5.65 -5.81
CA THR A 104 2.98 -6.12 -6.72
C THR A 104 2.46 -4.97 -7.63
N LEU A 105 2.54 -3.72 -7.13
CA LEU A 105 2.10 -2.50 -7.85
C LEU A 105 3.23 -1.91 -8.71
N ASN A 106 4.46 -2.46 -8.57
CA ASN A 106 5.62 -2.05 -9.38
C ASN A 106 5.42 -2.50 -10.86
N HIS A 107 4.77 -1.61 -11.62
CA HIS A 107 4.52 -1.79 -13.06
C HIS A 107 5.50 -0.92 -13.85
N GLY A 108 6.19 -1.54 -14.82
CA GLY A 108 7.30 -0.90 -15.52
C GLY A 108 8.59 -0.99 -14.72
N SER A 109 9.13 0.17 -14.27
CA SER A 109 10.37 0.22 -13.47
C SER A 109 10.25 1.29 -12.36
N LEU A 110 10.28 0.84 -11.09
CA LEU A 110 10.35 1.72 -9.91
C LEU A 110 10.89 0.89 -8.73
N THR A 111 11.76 1.48 -7.93
CA THR A 111 12.39 0.82 -6.77
C THR A 111 11.89 1.50 -5.49
N SER A 112 11.79 0.73 -4.39
CA SER A 112 11.43 1.27 -3.07
C SER A 112 12.39 2.40 -2.65
N ARG A 113 13.70 2.19 -2.95
CA ARG A 113 14.76 3.18 -2.67
C ARG A 113 14.60 4.45 -3.54
N GLU A 114 14.02 4.31 -4.75
CA GLU A 114 13.81 5.44 -5.69
C GLU A 114 12.85 6.47 -5.05
N VAL A 115 11.74 5.99 -4.50
CA VAL A 115 10.75 6.86 -3.83
C VAL A 115 11.20 7.21 -2.38
N THR A 116 12.08 6.36 -1.80
CA THR A 116 12.65 6.58 -0.45
C THR A 116 13.54 7.84 -0.43
N VAL A 117 14.44 7.98 -1.43
CA VAL A 117 15.34 9.15 -1.51
C VAL A 117 14.52 10.45 -1.65
N LEU A 118 13.36 10.36 -2.34
CA LEU A 118 12.51 11.52 -2.65
C LEU A 118 11.83 12.08 -1.38
N ARG A 119 11.33 11.17 -0.52
CA ARG A 119 10.69 11.55 0.75
C ARG A 119 11.73 11.95 1.81
N GLU A 120 12.96 11.40 1.67
CA GLU A 120 14.09 11.68 2.59
C GLU A 120 14.81 13.01 2.27
N ILE A 121 14.71 13.51 1.02
CA ILE A 121 15.33 14.80 0.63
C ILE A 121 14.33 15.98 0.83
#